data_6HBA
# 
_entry.id   6HBA 
# 
_audit_conform.dict_name       mmcif_pdbx.dic 
_audit_conform.dict_version    5.398 
_audit_conform.dict_location   http://mmcif.pdb.org/dictionaries/ascii/mmcif_pdbx.dic 
# 
loop_
_database_2.database_id 
_database_2.database_code 
_database_2.pdbx_database_accession 
_database_2.pdbx_DOI 
PDB   6HBA         pdb_00006hba 10.2210/pdb6hba/pdb 
WWPDB D_1200011370 ?            ?                   
# 
loop_
_pdbx_audit_revision_history.ordinal 
_pdbx_audit_revision_history.data_content_type 
_pdbx_audit_revision_history.major_revision 
_pdbx_audit_revision_history.minor_revision 
_pdbx_audit_revision_history.revision_date 
1 'Structure model' 1 0 2018-12-12 
2 'Structure model' 1 1 2019-01-23 
3 'Structure model' 1 2 2019-02-06 
4 'Structure model' 1 3 2019-02-13 
5 'Structure model' 1 4 2019-02-20 
6 'Structure model' 1 5 2024-01-17 
7 'Structure model' 1 6 2024-11-13 
# 
_pdbx_audit_revision_details.ordinal             1 
_pdbx_audit_revision_details.revision_ordinal    1 
_pdbx_audit_revision_details.data_content_type   'Structure model' 
_pdbx_audit_revision_details.provider            repository 
_pdbx_audit_revision_details.type                'Initial release' 
_pdbx_audit_revision_details.description         ? 
_pdbx_audit_revision_details.details             ? 
# 
loop_
_pdbx_audit_revision_group.ordinal 
_pdbx_audit_revision_group.revision_ordinal 
_pdbx_audit_revision_group.data_content_type 
_pdbx_audit_revision_group.group 
1  2 'Structure model' 'Data collection'        
2  2 'Structure model' 'Database references'    
3  3 'Structure model' 'Data collection'        
4  3 'Structure model' 'Database references'    
5  4 'Structure model' 'Data collection'        
6  4 'Structure model' 'Database references'    
7  5 'Structure model' 'Data collection'        
8  5 'Structure model' 'Database references'    
9  6 'Structure model' 'Data collection'        
10 6 'Structure model' 'Database references'    
11 6 'Structure model' 'Refinement description' 
12 7 'Structure model' 'Structure summary'      
# 
loop_
_pdbx_audit_revision_category.ordinal 
_pdbx_audit_revision_category.revision_ordinal 
_pdbx_audit_revision_category.data_content_type 
_pdbx_audit_revision_category.category 
1  2 'Structure model' citation                      
2  3 'Structure model' citation                      
3  3 'Structure model' pdbx_database_proc            
4  4 'Structure model' citation                      
5  4 'Structure model' pdbx_database_proc            
6  5 'Structure model' citation                      
7  5 'Structure model' pdbx_database_proc            
8  6 'Structure model' chem_comp_atom                
9  6 'Structure model' chem_comp_bond                
10 6 'Structure model' database_2                    
11 6 'Structure model' pdbx_initial_refinement_model 
12 6 'Structure model' struct_ncs_dom_lim            
13 7 'Structure model' pdbx_entry_details            
14 7 'Structure model' pdbx_modification_feature     
# 
loop_
_pdbx_audit_revision_item.ordinal 
_pdbx_audit_revision_item.revision_ordinal 
_pdbx_audit_revision_item.data_content_type 
_pdbx_audit_revision_item.item 
1  2 'Structure model' '_citation.pdbx_database_id_DOI'        
2  3 'Structure model' '_citation.pdbx_database_id_PubMed'     
3  3 'Structure model' '_citation.title'                       
4  3 'Structure model' '_citation.year'                        
5  4 'Structure model' '_citation.journal_id_ISSN'             
6  4 'Structure model' '_citation.journal_volume'              
7  4 'Structure model' '_citation.page_first'                  
8  4 'Structure model' '_citation.page_last'                   
9  5 'Structure model' '_citation.journal_id_ISSN'             
10 6 'Structure model' '_database_2.pdbx_DOI'                  
11 6 'Structure model' '_database_2.pdbx_database_accession'   
12 6 'Structure model' '_struct_ncs_dom_lim.beg_auth_comp_id'  
13 6 'Structure model' '_struct_ncs_dom_lim.beg_label_asym_id' 
14 6 'Structure model' '_struct_ncs_dom_lim.beg_label_comp_id' 
15 6 'Structure model' '_struct_ncs_dom_lim.beg_label_seq_id'  
16 6 'Structure model' '_struct_ncs_dom_lim.end_auth_comp_id'  
17 6 'Structure model' '_struct_ncs_dom_lim.end_label_asym_id' 
18 6 'Structure model' '_struct_ncs_dom_lim.end_label_comp_id' 
19 6 'Structure model' '_struct_ncs_dom_lim.end_label_seq_id'  
# 
_pdbx_database_status.status_code                     REL 
_pdbx_database_status.status_code_sf                  REL 
_pdbx_database_status.status_code_mr                  ? 
_pdbx_database_status.entry_id                        6HBA 
_pdbx_database_status.recvd_initial_deposition_date   2018-08-10 
_pdbx_database_status.SG_entry                        N 
_pdbx_database_status.deposit_site                    PDBE 
_pdbx_database_status.process_site                    PDBE 
_pdbx_database_status.status_code_cs                  ? 
_pdbx_database_status.methods_development_category    ? 
_pdbx_database_status.pdb_format_compatible           Y 
_pdbx_database_status.status_code_nmr_data            ? 
# 
loop_
_audit_author.name 
_audit_author.pdbx_ordinal 
_audit_author.identifier_ORCID 
'Wang, H.'        1  ? 
'Yan, X.'         2  ? 
'Aigner, H.'      3  ? 
'Bracher, A.'     4  ? 
'Nguyen, N.D.'    5  ? 
'Hee, W.Y.'       6  ? 
'Long, B.M.'      7  ? 
'Price, G.D.'     8  ? 
'Hartl, F.U.'     9  ? 
'Hayer-Hartl, M.' 10 ? 
# 
_citation.abstract                  ? 
_citation.abstract_id_CAS           ? 
_citation.book_id_ISBN              ? 
_citation.book_publisher            ? 
_citation.book_publisher_city       ? 
_citation.book_title                ? 
_citation.coordinate_linkage        ? 
_citation.country                   UK 
_citation.database_id_Medline       ? 
_citation.details                   ? 
_citation.id                        primary 
_citation.journal_abbrev            Nature 
_citation.journal_id_ASTM           NATUAS 
_citation.journal_id_CSD            0006 
_citation.journal_id_ISSN           1476-4687 
_citation.journal_full              ? 
_citation.journal_issue             ? 
_citation.journal_volume            566 
_citation.language                  ? 
_citation.page_first                131 
_citation.page_last                 135 
_citation.title                     'Rubisco condensate formation by CcmM in beta-carboxysome biogenesis.' 
_citation.year                      2019 
_citation.database_id_CSD           ? 
_citation.pdbx_database_id_DOI      10.1038/s41586-019-0880-5 
_citation.pdbx_database_id_PubMed   30675061 
_citation.unpublished_flag          ? 
# 
loop_
_citation_author.citation_id 
_citation_author.name 
_citation_author.ordinal 
_citation_author.identifier_ORCID 
primary 'Wang, H.'        1  ? 
primary 'Yan, X.'         2  ? 
primary 'Aigner, H.'      3  ? 
primary 'Bracher, A.'     4  ? 
primary 'Nguyen, N.D.'    5  ? 
primary 'Hee, W.Y.'       6  ? 
primary 'Long, B.M.'      7  ? 
primary 'Price, G.D.'     8  ? 
primary 'Hartl, F.U.'     9  ? 
primary 'Hayer-Hartl, M.' 10 ? 
# 
loop_
_entity.id 
_entity.type 
_entity.src_method 
_entity.pdbx_description 
_entity.formula_weight 
_entity.pdbx_number_of_molecules 
_entity.pdbx_ec 
_entity.pdbx_mutation 
_entity.pdbx_fragment 
_entity.details 
1 polymer man 'Carbon dioxide concentrating mechanism protein CcmM' 10550.686 2  ? ? 'SSUL domain 1' ? 
2 water   nat water                                                 18.015    97 ? ? ?               ? 
# 
_entity_poly.entity_id                      1 
_entity_poly.type                           'polypeptide(L)' 
_entity_poly.nstd_linkage                   no 
_entity_poly.nstd_monomer                   no 
_entity_poly.pdbx_seq_one_letter_code       
;SEFLSSEVITQVRSLLNQGYRIGTEHADKRRFRTSSWQPCAPIQSTNERQVLSELENCLSEHEGEYVRLLGIDTNTRSRV
FEALIQRPDGSV
;
_entity_poly.pdbx_seq_one_letter_code_can   
;SEFLSSEVITQVRSLLNQGYRIGTEHADKRRFRTSSWQPCAPIQSTNERQVLSELENCLSEHEGEYVRLLGIDTNTRSRV
FEALIQRPDGSV
;
_entity_poly.pdbx_strand_id                 A,B 
_entity_poly.pdbx_target_identifier         ? 
# 
_pdbx_entity_nonpoly.entity_id   2 
_pdbx_entity_nonpoly.name        water 
_pdbx_entity_nonpoly.comp_id     HOH 
# 
loop_
_entity_poly_seq.entity_id 
_entity_poly_seq.num 
_entity_poly_seq.mon_id 
_entity_poly_seq.hetero 
1 1  SER n 
1 2  GLU n 
1 3  PHE n 
1 4  LEU n 
1 5  SER n 
1 6  SER n 
1 7  GLU n 
1 8  VAL n 
1 9  ILE n 
1 10 THR n 
1 11 GLN n 
1 12 VAL n 
1 13 ARG n 
1 14 SER n 
1 15 LEU n 
1 16 LEU n 
1 17 ASN n 
1 18 GLN n 
1 19 GLY n 
1 20 TYR n 
1 21 ARG n 
1 22 ILE n 
1 23 GLY n 
1 24 THR n 
1 25 GLU n 
1 26 HIS n 
1 27 ALA n 
1 28 ASP n 
1 29 LYS n 
1 30 ARG n 
1 31 ARG n 
1 32 PHE n 
1 33 ARG n 
1 34 THR n 
1 35 SER n 
1 36 SER n 
1 37 TRP n 
1 38 GLN n 
1 39 PRO n 
1 40 CYS n 
1 41 ALA n 
1 42 PRO n 
1 43 ILE n 
1 44 GLN n 
1 45 SER n 
1 46 THR n 
1 47 ASN n 
1 48 GLU n 
1 49 ARG n 
1 50 GLN n 
1 51 VAL n 
1 52 LEU n 
1 53 SER n 
1 54 GLU n 
1 55 LEU n 
1 56 GLU n 
1 57 ASN n 
1 58 CYS n 
1 59 LEU n 
1 60 SER n 
1 61 GLU n 
1 62 HIS n 
1 63 GLU n 
1 64 GLY n 
1 65 GLU n 
1 66 TYR n 
1 67 VAL n 
1 68 ARG n 
1 69 LEU n 
1 70 LEU n 
1 71 GLY n 
1 72 ILE n 
1 73 ASP n 
1 74 THR n 
1 75 ASN n 
1 76 THR n 
1 77 ARG n 
1 78 SER n 
1 79 ARG n 
1 80 VAL n 
1 81 PHE n 
1 82 GLU n 
1 83 ALA n 
1 84 LEU n 
1 85 ILE n 
1 86 GLN n 
1 87 ARG n 
1 88 PRO n 
1 89 ASP n 
1 90 GLY n 
1 91 SER n 
1 92 VAL n 
# 
_entity_src_gen.entity_id                          1 
_entity_src_gen.pdbx_src_id                        1 
_entity_src_gen.pdbx_alt_source_flag               sample 
_entity_src_gen.pdbx_seq_type                      'Biological sequence' 
_entity_src_gen.pdbx_beg_seq_num                   1 
_entity_src_gen.pdbx_end_seq_num                   92 
_entity_src_gen.gene_src_common_name               'Anacystis nidulans R2' 
_entity_src_gen.gene_src_genus                     ? 
_entity_src_gen.pdbx_gene_src_gene                 'ccmM, Synpcc7942_1423' 
_entity_src_gen.gene_src_species                   ? 
_entity_src_gen.gene_src_strain                    'PCC 7942' 
_entity_src_gen.gene_src_tissue                    ? 
_entity_src_gen.gene_src_tissue_fraction           ? 
_entity_src_gen.gene_src_details                   ? 
_entity_src_gen.pdbx_gene_src_fragment             ? 
_entity_src_gen.pdbx_gene_src_scientific_name      'Synechococcus elongatus (strain PCC 7942)' 
_entity_src_gen.pdbx_gene_src_ncbi_taxonomy_id     1140 
_entity_src_gen.pdbx_gene_src_variant              ? 
_entity_src_gen.pdbx_gene_src_cell_line            ? 
_entity_src_gen.pdbx_gene_src_atcc                 ? 
_entity_src_gen.pdbx_gene_src_organ                ? 
_entity_src_gen.pdbx_gene_src_organelle            ? 
_entity_src_gen.pdbx_gene_src_cell                 ? 
_entity_src_gen.pdbx_gene_src_cellular_location    ? 
_entity_src_gen.host_org_common_name               ? 
_entity_src_gen.pdbx_host_org_scientific_name      'Escherichia coli' 
_entity_src_gen.pdbx_host_org_ncbi_taxonomy_id     469008 
_entity_src_gen.host_org_genus                     ? 
_entity_src_gen.pdbx_host_org_gene                 ? 
_entity_src_gen.pdbx_host_org_organ                ? 
_entity_src_gen.host_org_species                   ? 
_entity_src_gen.pdbx_host_org_tissue               ? 
_entity_src_gen.pdbx_host_org_tissue_fraction      ? 
_entity_src_gen.pdbx_host_org_strain               'BL21(DE3)' 
_entity_src_gen.pdbx_host_org_variant              ? 
_entity_src_gen.pdbx_host_org_cell_line            ? 
_entity_src_gen.pdbx_host_org_atcc                 ? 
_entity_src_gen.pdbx_host_org_culture_collection   ? 
_entity_src_gen.pdbx_host_org_cell                 ? 
_entity_src_gen.pdbx_host_org_organelle            ? 
_entity_src_gen.pdbx_host_org_cellular_location    ? 
_entity_src_gen.pdbx_host_org_vector_type          plasmid 
_entity_src_gen.pdbx_host_org_vector               ? 
_entity_src_gen.host_org_details                   ? 
_entity_src_gen.expression_system_id               ? 
_entity_src_gen.plasmid_name                       pHue 
_entity_src_gen.plasmid_details                    ? 
_entity_src_gen.pdbx_description                   ? 
# 
loop_
_chem_comp.id 
_chem_comp.type 
_chem_comp.mon_nstd_flag 
_chem_comp.name 
_chem_comp.pdbx_synonyms 
_chem_comp.formula 
_chem_comp.formula_weight 
ALA 'L-peptide linking' y ALANINE         ? 'C3 H7 N O2'     89.093  
ARG 'L-peptide linking' y ARGININE        ? 'C6 H15 N4 O2 1' 175.209 
ASN 'L-peptide linking' y ASPARAGINE      ? 'C4 H8 N2 O3'    132.118 
ASP 'L-peptide linking' y 'ASPARTIC ACID' ? 'C4 H7 N O4'     133.103 
CYS 'L-peptide linking' y CYSTEINE        ? 'C3 H7 N O2 S'   121.158 
GLN 'L-peptide linking' y GLUTAMINE       ? 'C5 H10 N2 O3'   146.144 
GLU 'L-peptide linking' y 'GLUTAMIC ACID' ? 'C5 H9 N O4'     147.129 
GLY 'peptide linking'   y GLYCINE         ? 'C2 H5 N O2'     75.067  
HIS 'L-peptide linking' y HISTIDINE       ? 'C6 H10 N3 O2 1' 156.162 
HOH non-polymer         . WATER           ? 'H2 O'           18.015  
ILE 'L-peptide linking' y ISOLEUCINE      ? 'C6 H13 N O2'    131.173 
LEU 'L-peptide linking' y LEUCINE         ? 'C6 H13 N O2'    131.173 
LYS 'L-peptide linking' y LYSINE          ? 'C6 H15 N2 O2 1' 147.195 
PHE 'L-peptide linking' y PHENYLALANINE   ? 'C9 H11 N O2'    165.189 
PRO 'L-peptide linking' y PROLINE         ? 'C5 H9 N O2'     115.130 
SER 'L-peptide linking' y SERINE          ? 'C3 H7 N O3'     105.093 
THR 'L-peptide linking' y THREONINE       ? 'C4 H9 N O3'     119.119 
TRP 'L-peptide linking' y TRYPTOPHAN      ? 'C11 H12 N2 O2'  204.225 
TYR 'L-peptide linking' y TYROSINE        ? 'C9 H11 N O3'    181.189 
VAL 'L-peptide linking' y VALINE          ? 'C5 H11 N O2'    117.146 
# 
loop_
_pdbx_poly_seq_scheme.asym_id 
_pdbx_poly_seq_scheme.entity_id 
_pdbx_poly_seq_scheme.seq_id 
_pdbx_poly_seq_scheme.mon_id 
_pdbx_poly_seq_scheme.ndb_seq_num 
_pdbx_poly_seq_scheme.pdb_seq_num 
_pdbx_poly_seq_scheme.auth_seq_num 
_pdbx_poly_seq_scheme.pdb_mon_id 
_pdbx_poly_seq_scheme.auth_mon_id 
_pdbx_poly_seq_scheme.pdb_strand_id 
_pdbx_poly_seq_scheme.pdb_ins_code 
_pdbx_poly_seq_scheme.hetero 
A 1 1  SER 1  222 ?   ?   ?   A . n 
A 1 2  GLU 2  223 ?   ?   ?   A . n 
A 1 3  PHE 3  224 224 PHE PHE A . n 
A 1 4  LEU 4  225 225 LEU LEU A . n 
A 1 5  SER 5  226 226 SER SER A . n 
A 1 6  SER 6  227 227 SER SER A . n 
A 1 7  GLU 7  228 228 GLU GLU A . n 
A 1 8  VAL 8  229 229 VAL VAL A . n 
A 1 9  ILE 9  230 230 ILE ILE A . n 
A 1 10 THR 10 231 231 THR THR A . n 
A 1 11 GLN 11 232 232 GLN GLN A . n 
A 1 12 VAL 12 233 233 VAL VAL A . n 
A 1 13 ARG 13 234 234 ARG ARG A . n 
A 1 14 SER 14 235 235 SER SER A . n 
A 1 15 LEU 15 236 236 LEU LEU A . n 
A 1 16 LEU 16 237 237 LEU LEU A . n 
A 1 17 ASN 17 238 238 ASN ASN A . n 
A 1 18 GLN 18 239 239 GLN GLN A . n 
A 1 19 GLY 19 240 240 GLY GLY A . n 
A 1 20 TYR 20 241 241 TYR TYR A . n 
A 1 21 ARG 21 242 242 ARG ARG A . n 
A 1 22 ILE 22 243 243 ILE ILE A . n 
A 1 23 GLY 23 244 244 GLY GLY A . n 
A 1 24 THR 24 245 245 THR THR A . n 
A 1 25 GLU 25 246 246 GLU GLU A . n 
A 1 26 HIS 26 247 247 HIS HIS A . n 
A 1 27 ALA 27 248 248 ALA ALA A . n 
A 1 28 ASP 28 249 249 ASP ASP A . n 
A 1 29 LYS 29 250 250 LYS LYS A . n 
A 1 30 ARG 30 251 251 ARG ARG A . n 
A 1 31 ARG 31 252 252 ARG ARG A . n 
A 1 32 PHE 32 253 253 PHE PHE A . n 
A 1 33 ARG 33 254 254 ARG ARG A . n 
A 1 34 THR 34 255 255 THR THR A . n 
A 1 35 SER 35 256 256 SER SER A . n 
A 1 36 SER 36 257 257 SER SER A . n 
A 1 37 TRP 37 258 258 TRP TRP A . n 
A 1 38 GLN 38 259 259 GLN GLN A . n 
A 1 39 PRO 39 260 260 PRO PRO A . n 
A 1 40 CYS 40 261 261 CYS CYS A . n 
A 1 41 ALA 41 262 262 ALA ALA A . n 
A 1 42 PRO 42 263 263 PRO PRO A . n 
A 1 43 ILE 43 264 264 ILE ILE A . n 
A 1 44 GLN 44 265 265 GLN GLN A . n 
A 1 45 SER 45 266 266 SER SER A . n 
A 1 46 THR 46 267 267 THR THR A . n 
A 1 47 ASN 47 268 268 ASN ASN A . n 
A 1 48 GLU 48 269 269 GLU GLU A . n 
A 1 49 ARG 49 270 270 ARG ARG A . n 
A 1 50 GLN 50 271 271 GLN GLN A . n 
A 1 51 VAL 51 272 272 VAL VAL A . n 
A 1 52 LEU 52 273 273 LEU LEU A . n 
A 1 53 SER 53 274 274 SER SER A . n 
A 1 54 GLU 54 275 275 GLU GLU A . n 
A 1 55 LEU 55 276 276 LEU LEU A . n 
A 1 56 GLU 56 277 277 GLU GLU A . n 
A 1 57 ASN 57 278 278 ASN ASN A . n 
A 1 58 CYS 58 279 279 CYS CYS A . n 
A 1 59 LEU 59 280 280 LEU LEU A . n 
A 1 60 SER 60 281 281 SER SER A . n 
A 1 61 GLU 61 282 282 GLU GLU A . n 
A 1 62 HIS 62 283 283 HIS HIS A . n 
A 1 63 GLU 63 284 284 GLU GLU A . n 
A 1 64 GLY 64 285 285 GLY GLY A . n 
A 1 65 GLU 65 286 286 GLU GLU A . n 
A 1 66 TYR 66 287 287 TYR TYR A . n 
A 1 67 VAL 67 288 288 VAL VAL A . n 
A 1 68 ARG 68 289 289 ARG ARG A . n 
A 1 69 LEU 69 290 290 LEU LEU A . n 
A 1 70 LEU 70 291 291 LEU LEU A . n 
A 1 71 GLY 71 292 292 GLY GLY A . n 
A 1 72 ILE 72 293 293 ILE ILE A . n 
A 1 73 ASP 73 294 294 ASP ASP A . n 
A 1 74 THR 74 295 295 THR THR A . n 
A 1 75 ASN 75 296 296 ASN ASN A . n 
A 1 76 THR 76 297 297 THR THR A . n 
A 1 77 ARG 77 298 298 ARG ARG A . n 
A 1 78 SER 78 299 299 SER SER A . n 
A 1 79 ARG 79 300 300 ARG ARG A . n 
A 1 80 VAL 80 301 301 VAL VAL A . n 
A 1 81 PHE 81 302 302 PHE PHE A . n 
A 1 82 GLU 82 303 303 GLU GLU A . n 
A 1 83 ALA 83 304 304 ALA ALA A . n 
A 1 84 LEU 84 305 305 LEU LEU A . n 
A 1 85 ILE 85 306 306 ILE ILE A . n 
A 1 86 GLN 86 307 307 GLN GLN A . n 
A 1 87 ARG 87 308 308 ARG ARG A . n 
A 1 88 PRO 88 309 309 PRO PRO A . n 
A 1 89 ASP 89 310 310 ASP ASP A . n 
A 1 90 GLY 90 311 311 GLY GLY A . n 
A 1 91 SER 91 312 312 SER SER A . n 
A 1 92 VAL 92 313 ?   ?   ?   A . n 
B 1 1  SER 1  222 ?   ?   ?   B . n 
B 1 2  GLU 2  223 ?   ?   ?   B . n 
B 1 3  PHE 3  224 224 PHE PHE B . n 
B 1 4  LEU 4  225 225 LEU LEU B . n 
B 1 5  SER 5  226 226 SER SER B . n 
B 1 6  SER 6  227 227 SER SER B . n 
B 1 7  GLU 7  228 228 GLU GLU B . n 
B 1 8  VAL 8  229 229 VAL VAL B . n 
B 1 9  ILE 9  230 230 ILE ILE B . n 
B 1 10 THR 10 231 231 THR THR B . n 
B 1 11 GLN 11 232 232 GLN GLN B . n 
B 1 12 VAL 12 233 233 VAL VAL B . n 
B 1 13 ARG 13 234 234 ARG ARG B . n 
B 1 14 SER 14 235 235 SER SER B . n 
B 1 15 LEU 15 236 236 LEU LEU B . n 
B 1 16 LEU 16 237 237 LEU LEU B . n 
B 1 17 ASN 17 238 238 ASN ASN B . n 
B 1 18 GLN 18 239 239 GLN GLN B . n 
B 1 19 GLY 19 240 240 GLY GLY B . n 
B 1 20 TYR 20 241 241 TYR TYR B . n 
B 1 21 ARG 21 242 242 ARG ARG B . n 
B 1 22 ILE 22 243 243 ILE ILE B . n 
B 1 23 GLY 23 244 244 GLY GLY B . n 
B 1 24 THR 24 245 245 THR THR B . n 
B 1 25 GLU 25 246 246 GLU GLU B . n 
B 1 26 HIS 26 247 247 HIS HIS B . n 
B 1 27 ALA 27 248 248 ALA ALA B . n 
B 1 28 ASP 28 249 249 ASP ASP B . n 
B 1 29 LYS 29 250 250 LYS LYS B . n 
B 1 30 ARG 30 251 251 ARG ARG B . n 
B 1 31 ARG 31 252 252 ARG ARG B . n 
B 1 32 PHE 32 253 253 PHE PHE B . n 
B 1 33 ARG 33 254 254 ARG ARG B . n 
B 1 34 THR 34 255 255 THR THR B . n 
B 1 35 SER 35 256 256 SER SER B . n 
B 1 36 SER 36 257 257 SER SER B . n 
B 1 37 TRP 37 258 258 TRP TRP B . n 
B 1 38 GLN 38 259 259 GLN GLN B . n 
B 1 39 PRO 39 260 260 PRO PRO B . n 
B 1 40 CYS 40 261 261 CYS CYS B . n 
B 1 41 ALA 41 262 262 ALA ALA B . n 
B 1 42 PRO 42 263 263 PRO PRO B . n 
B 1 43 ILE 43 264 264 ILE ILE B . n 
B 1 44 GLN 44 265 265 GLN GLN B . n 
B 1 45 SER 45 266 266 SER SER B . n 
B 1 46 THR 46 267 267 THR THR B . n 
B 1 47 ASN 47 268 268 ASN ASN B . n 
B 1 48 GLU 48 269 269 GLU GLU B . n 
B 1 49 ARG 49 270 270 ARG ARG B . n 
B 1 50 GLN 50 271 271 GLN GLN B . n 
B 1 51 VAL 51 272 272 VAL VAL B . n 
B 1 52 LEU 52 273 273 LEU LEU B . n 
B 1 53 SER 53 274 274 SER SER B . n 
B 1 54 GLU 54 275 275 GLU GLU B . n 
B 1 55 LEU 55 276 276 LEU LEU B . n 
B 1 56 GLU 56 277 277 GLU GLU B . n 
B 1 57 ASN 57 278 278 ASN ASN B . n 
B 1 58 CYS 58 279 279 CYS CYS B . n 
B 1 59 LEU 59 280 280 LEU LEU B . n 
B 1 60 SER 60 281 281 SER SER B . n 
B 1 61 GLU 61 282 282 GLU GLU B . n 
B 1 62 HIS 62 283 283 HIS HIS B . n 
B 1 63 GLU 63 284 284 GLU GLU B . n 
B 1 64 GLY 64 285 285 GLY GLY B . n 
B 1 65 GLU 65 286 286 GLU GLU B . n 
B 1 66 TYR 66 287 287 TYR TYR B . n 
B 1 67 VAL 67 288 288 VAL VAL B . n 
B 1 68 ARG 68 289 289 ARG ARG B . n 
B 1 69 LEU 69 290 290 LEU LEU B . n 
B 1 70 LEU 70 291 291 LEU LEU B . n 
B 1 71 GLY 71 292 292 GLY GLY B . n 
B 1 72 ILE 72 293 293 ILE ILE B . n 
B 1 73 ASP 73 294 294 ASP ASP B . n 
B 1 74 THR 74 295 295 THR THR B . n 
B 1 75 ASN 75 296 296 ASN ASN B . n 
B 1 76 THR 76 297 297 THR THR B . n 
B 1 77 ARG 77 298 298 ARG ARG B . n 
B 1 78 SER 78 299 299 SER SER B . n 
B 1 79 ARG 79 300 300 ARG ARG B . n 
B 1 80 VAL 80 301 301 VAL VAL B . n 
B 1 81 PHE 81 302 302 PHE PHE B . n 
B 1 82 GLU 82 303 303 GLU GLU B . n 
B 1 83 ALA 83 304 304 ALA ALA B . n 
B 1 84 LEU 84 305 305 LEU LEU B . n 
B 1 85 ILE 85 306 306 ILE ILE B . n 
B 1 86 GLN 86 307 307 GLN GLN B . n 
B 1 87 ARG 87 308 308 ARG ARG B . n 
B 1 88 PRO 88 309 309 PRO PRO B . n 
B 1 89 ASP 89 310 310 ASP ASP B . n 
B 1 90 GLY 90 311 ?   ?   ?   B . n 
B 1 91 SER 91 312 ?   ?   ?   B . n 
B 1 92 VAL 92 313 ?   ?   ?   B . n 
# 
loop_
_pdbx_nonpoly_scheme.asym_id 
_pdbx_nonpoly_scheme.entity_id 
_pdbx_nonpoly_scheme.mon_id 
_pdbx_nonpoly_scheme.ndb_seq_num 
_pdbx_nonpoly_scheme.pdb_seq_num 
_pdbx_nonpoly_scheme.auth_seq_num 
_pdbx_nonpoly_scheme.pdb_mon_id 
_pdbx_nonpoly_scheme.auth_mon_id 
_pdbx_nonpoly_scheme.pdb_strand_id 
_pdbx_nonpoly_scheme.pdb_ins_code 
C 2 HOH 1  401 97 HOH HOH A . 
C 2 HOH 2  402 55 HOH HOH A . 
C 2 HOH 3  403 71 HOH HOH A . 
C 2 HOH 4  404 45 HOH HOH A . 
C 2 HOH 5  405 61 HOH HOH A . 
C 2 HOH 6  406 7  HOH HOH A . 
C 2 HOH 7  407 17 HOH HOH A . 
C 2 HOH 8  408 29 HOH HOH A . 
C 2 HOH 9  409 84 HOH HOH A . 
C 2 HOH 10 410 89 HOH HOH A . 
C 2 HOH 11 411 14 HOH HOH A . 
C 2 HOH 12 412 31 HOH HOH A . 
C 2 HOH 13 413 47 HOH HOH A . 
C 2 HOH 14 414 10 HOH HOH A . 
C 2 HOH 15 415 94 HOH HOH A . 
C 2 HOH 16 416 57 HOH HOH A . 
C 2 HOH 17 417 42 HOH HOH A . 
C 2 HOH 18 418 46 HOH HOH A . 
C 2 HOH 19 419 58 HOH HOH A . 
C 2 HOH 20 420 5  HOH HOH A . 
C 2 HOH 21 421 13 HOH HOH A . 
C 2 HOH 22 422 41 HOH HOH A . 
C 2 HOH 23 423 34 HOH HOH A . 
C 2 HOH 24 424 8  HOH HOH A . 
C 2 HOH 25 425 37 HOH HOH A . 
C 2 HOH 26 426 2  HOH HOH A . 
C 2 HOH 27 427 83 HOH HOH A . 
C 2 HOH 28 428 27 HOH HOH A . 
C 2 HOH 29 429 18 HOH HOH A . 
C 2 HOH 30 430 32 HOH HOH A . 
C 2 HOH 31 431 69 HOH HOH A . 
C 2 HOH 32 432 19 HOH HOH A . 
C 2 HOH 33 433 82 HOH HOH A . 
C 2 HOH 34 434 36 HOH HOH A . 
C 2 HOH 35 435 23 HOH HOH A . 
C 2 HOH 36 436 3  HOH HOH A . 
C 2 HOH 37 437 68 HOH HOH A . 
C 2 HOH 38 438 26 HOH HOH A . 
C 2 HOH 39 439 25 HOH HOH A . 
C 2 HOH 40 440 86 HOH HOH A . 
C 2 HOH 41 441 60 HOH HOH A . 
C 2 HOH 42 442 78 HOH HOH A . 
C 2 HOH 43 443 56 HOH HOH A . 
C 2 HOH 44 444 91 HOH HOH A . 
C 2 HOH 45 445 1  HOH HOH A . 
C 2 HOH 46 446 87 HOH HOH A . 
C 2 HOH 47 447 73 HOH HOH A . 
C 2 HOH 48 448 24 HOH HOH A . 
C 2 HOH 49 449 40 HOH HOH A . 
C 2 HOH 50 450 92 HOH HOH A . 
C 2 HOH 51 451 93 HOH HOH A . 
C 2 HOH 52 452 38 HOH HOH A . 
C 2 HOH 53 453 30 HOH HOH A . 
C 2 HOH 54 454 77 HOH HOH A . 
C 2 HOH 55 455 96 HOH HOH A . 
D 2 HOH 1  401 48 HOH HOH B . 
D 2 HOH 2  402 51 HOH HOH B . 
D 2 HOH 3  403 20 HOH HOH B . 
D 2 HOH 4  404 43 HOH HOH B . 
D 2 HOH 5  405 67 HOH HOH B . 
D 2 HOH 6  406 28 HOH HOH B . 
D 2 HOH 7  407 54 HOH HOH B . 
D 2 HOH 8  408 22 HOH HOH B . 
D 2 HOH 9  409 66 HOH HOH B . 
D 2 HOH 10 410 90 HOH HOH B . 
D 2 HOH 11 411 50 HOH HOH B . 
D 2 HOH 12 412 53 HOH HOH B . 
D 2 HOH 13 413 15 HOH HOH B . 
D 2 HOH 14 414 6  HOH HOH B . 
D 2 HOH 15 415 4  HOH HOH B . 
D 2 HOH 16 416 65 HOH HOH B . 
D 2 HOH 17 417 81 HOH HOH B . 
D 2 HOH 18 418 85 HOH HOH B . 
D 2 HOH 19 419 35 HOH HOH B . 
D 2 HOH 20 420 16 HOH HOH B . 
D 2 HOH 21 421 88 HOH HOH B . 
D 2 HOH 22 422 21 HOH HOH B . 
D 2 HOH 23 423 62 HOH HOH B . 
D 2 HOH 24 424 39 HOH HOH B . 
D 2 HOH 25 425 33 HOH HOH B . 
D 2 HOH 26 426 11 HOH HOH B . 
D 2 HOH 27 427 9  HOH HOH B . 
D 2 HOH 28 428 12 HOH HOH B . 
D 2 HOH 29 429 52 HOH HOH B . 
D 2 HOH 30 430 95 HOH HOH B . 
D 2 HOH 31 431 63 HOH HOH B . 
D 2 HOH 32 432 49 HOH HOH B . 
D 2 HOH 33 433 76 HOH HOH B . 
D 2 HOH 34 434 70 HOH HOH B . 
D 2 HOH 35 435 64 HOH HOH B . 
D 2 HOH 36 436 59 HOH HOH B . 
D 2 HOH 37 437 74 HOH HOH B . 
D 2 HOH 38 438 72 HOH HOH B . 
D 2 HOH 39 439 80 HOH HOH B . 
D 2 HOH 40 440 44 HOH HOH B . 
D 2 HOH 41 441 79 HOH HOH B . 
D 2 HOH 42 442 75 HOH HOH B . 
# 
loop_
_pdbx_unobs_or_zero_occ_atoms.id 
_pdbx_unobs_or_zero_occ_atoms.PDB_model_num 
_pdbx_unobs_or_zero_occ_atoms.polymer_flag 
_pdbx_unobs_or_zero_occ_atoms.occupancy_flag 
_pdbx_unobs_or_zero_occ_atoms.auth_asym_id 
_pdbx_unobs_or_zero_occ_atoms.auth_comp_id 
_pdbx_unobs_or_zero_occ_atoms.auth_seq_id 
_pdbx_unobs_or_zero_occ_atoms.PDB_ins_code 
_pdbx_unobs_or_zero_occ_atoms.auth_atom_id 
_pdbx_unobs_or_zero_occ_atoms.label_alt_id 
_pdbx_unobs_or_zero_occ_atoms.label_asym_id 
_pdbx_unobs_or_zero_occ_atoms.label_comp_id 
_pdbx_unobs_or_zero_occ_atoms.label_seq_id 
_pdbx_unobs_or_zero_occ_atoms.label_atom_id 
1  1 Y 1 A ARG 242 ? CG  ? A ARG 21 CG  
2  1 Y 1 A ARG 242 ? CD  ? A ARG 21 CD  
3  1 Y 1 A ARG 242 ? NE  ? A ARG 21 NE  
4  1 Y 1 A ARG 242 ? CZ  ? A ARG 21 CZ  
5  1 Y 1 A ARG 242 ? NH1 ? A ARG 21 NH1 
6  1 Y 1 A ARG 242 ? NH2 ? A ARG 21 NH2 
7  1 Y 1 A GLN 265 ? CG  ? A GLN 44 CG  
8  1 Y 1 A GLN 265 ? CD  ? A GLN 44 CD  
9  1 Y 1 A GLN 265 ? OE1 ? A GLN 44 OE1 
10 1 Y 1 A GLN 265 ? NE2 ? A GLN 44 NE2 
11 1 Y 1 B LYS 250 ? CG  ? B LYS 29 CG  
12 1 Y 1 B LYS 250 ? CD  ? B LYS 29 CD  
13 1 Y 1 B LYS 250 ? CE  ? B LYS 29 CE  
14 1 Y 1 B LYS 250 ? NZ  ? B LYS 29 NZ  
15 1 Y 1 B ARG 251 ? CG  ? B ARG 30 CG  
16 1 Y 1 B ARG 251 ? CD  ? B ARG 30 CD  
17 1 Y 1 B ARG 251 ? NE  ? B ARG 30 NE  
18 1 Y 1 B ARG 251 ? CZ  ? B ARG 30 CZ  
19 1 Y 1 B ARG 251 ? NH1 ? B ARG 30 NH1 
20 1 Y 1 B ARG 251 ? NH2 ? B ARG 30 NH2 
21 1 Y 1 B ASP 310 ? CG  ? B ASP 89 CG  
22 1 Y 1 B ASP 310 ? OD1 ? B ASP 89 OD1 
23 1 Y 1 B ASP 310 ? OD2 ? B ASP 89 OD2 
# 
loop_
_software.citation_id 
_software.classification 
_software.compiler_name 
_software.compiler_version 
_software.contact_author 
_software.contact_author_email 
_software.date 
_software.description 
_software.dependencies 
_software.hardware 
_software.language 
_software.location 
_software.mods 
_software.name 
_software.os 
_software.os_version 
_software.type 
_software.version 
_software.pdbx_ordinal 
? 'data reduction'  ? ? ? ? ? ? ? ? ? ? ? XDS         ? ? ? 'VERSION November 3, 2014' 1 
? 'data scaling'    ? ? ? ? ? ? ? ? ? ? ? Aimless     ? ? ? 0.1.27                     2 
? phasing           ? ? ? ? ? ? ? ? ? ? ? MOLREP      ? ? ? 11.0.05                    3 
? refinement        ? ? ? ? ? ? ? ? ? ? ? REFMAC      ? ? ? 5.7.0029                   4 
? 'data extraction' ? ? ? ? ? ? ? ? ? ? ? PDB_EXTRACT ? ? ? 3.24                       5 
# 
_cell.angle_alpha                  90.000 
_cell.angle_alpha_esd              ? 
_cell.angle_beta                   107.700 
_cell.angle_beta_esd               ? 
_cell.angle_gamma                  90.000 
_cell.angle_gamma_esd              ? 
_cell.entry_id                     6HBA 
_cell.details                      ? 
_cell.formula_units_Z              ? 
_cell.length_a                     26.896 
_cell.length_a_esd                 ? 
_cell.length_b                     89.185 
_cell.length_b_esd                 ? 
_cell.length_c                     36.290 
_cell.length_c_esd                 ? 
_cell.volume                       ? 
_cell.volume_esd                   ? 
_cell.Z_PDB                        4 
_cell.reciprocal_angle_alpha       ? 
_cell.reciprocal_angle_beta        ? 
_cell.reciprocal_angle_gamma       ? 
_cell.reciprocal_angle_alpha_esd   ? 
_cell.reciprocal_angle_beta_esd    ? 
_cell.reciprocal_angle_gamma_esd   ? 
_cell.reciprocal_length_a          ? 
_cell.reciprocal_length_b          ? 
_cell.reciprocal_length_c          ? 
_cell.reciprocal_length_a_esd      ? 
_cell.reciprocal_length_b_esd      ? 
_cell.reciprocal_length_c_esd      ? 
_cell.pdbx_unique_axis             ? 
# 
_symmetry.entry_id                         6HBA 
_symmetry.cell_setting                     ? 
_symmetry.Int_Tables_number                4 
_symmetry.space_group_name_Hall            ? 
_symmetry.space_group_name_H-M             'P 1 21 1' 
_symmetry.pdbx_full_space_group_name_H-M   ? 
# 
_exptl.absorpt_coefficient_mu     ? 
_exptl.absorpt_correction_T_max   ? 
_exptl.absorpt_correction_T_min   ? 
_exptl.absorpt_correction_type    ? 
_exptl.absorpt_process_details    ? 
_exptl.entry_id                   6HBA 
_exptl.crystals_number            1 
_exptl.details                    ? 
_exptl.method                     'X-RAY DIFFRACTION' 
_exptl.method_details             ? 
# 
_exptl_crystal.colour                      ? 
_exptl_crystal.density_diffrn              ? 
_exptl_crystal.density_Matthews            1.97 
_exptl_crystal.density_method              ? 
_exptl_crystal.density_percent_sol         37.40 
_exptl_crystal.description                 ? 
_exptl_crystal.F_000                       ? 
_exptl_crystal.id                          1 
_exptl_crystal.preparation                 ? 
_exptl_crystal.size_max                    ? 
_exptl_crystal.size_mid                    ? 
_exptl_crystal.size_min                    ? 
_exptl_crystal.size_rad                    ? 
_exptl_crystal.colour_lustre               ? 
_exptl_crystal.colour_modifier             ? 
_exptl_crystal.colour_primary              ? 
_exptl_crystal.density_meas                ? 
_exptl_crystal.density_meas_esd            ? 
_exptl_crystal.density_meas_gt             ? 
_exptl_crystal.density_meas_lt             ? 
_exptl_crystal.density_meas_temp           ? 
_exptl_crystal.density_meas_temp_esd       ? 
_exptl_crystal.density_meas_temp_gt        ? 
_exptl_crystal.density_meas_temp_lt        ? 
_exptl_crystal.pdbx_crystal_image_url      ? 
_exptl_crystal.pdbx_crystal_image_format   ? 
_exptl_crystal.pdbx_mosaicity              0.360 
_exptl_crystal.pdbx_mosaicity_esd          ? 
# 
_exptl_crystal_grow.apparatus       ? 
_exptl_crystal_grow.atmosphere      ? 
_exptl_crystal_grow.crystal_id      1 
_exptl_crystal_grow.details         ? 
_exptl_crystal_grow.method          'VAPOR DIFFUSION' 
_exptl_crystal_grow.method_ref      ? 
_exptl_crystal_grow.pH              4.5 
_exptl_crystal_grow.pressure        ? 
_exptl_crystal_grow.pressure_esd    ? 
_exptl_crystal_grow.seeding         ? 
_exptl_crystal_grow.seeding_ref     ? 
_exptl_crystal_grow.temp            277 
_exptl_crystal_grow.temp_details    ? 
_exptl_crystal_grow.temp_esd        ? 
_exptl_crystal_grow.time            ? 
_exptl_crystal_grow.pdbx_details    '25.5% PEG-3350 and 0.1 M Na-acetate pH 4.5' 
_exptl_crystal_grow.pdbx_pH_range   ? 
# 
_diffrn.ambient_environment              ? 
_diffrn.ambient_temp                     100 
_diffrn.ambient_temp_details             ? 
_diffrn.ambient_temp_esd                 ? 
_diffrn.crystal_id                       1 
_diffrn.crystal_support                  ? 
_diffrn.crystal_treatment                ? 
_diffrn.details                          ? 
_diffrn.id                               1 
_diffrn.ambient_pressure                 ? 
_diffrn.ambient_pressure_esd             ? 
_diffrn.ambient_pressure_gt              ? 
_diffrn.ambient_pressure_lt              ? 
_diffrn.ambient_temp_gt                  ? 
_diffrn.ambient_temp_lt                  ? 
_diffrn.pdbx_serial_crystal_experiment   ? 
# 
_diffrn_detector.details                      ? 
_diffrn_detector.detector                     PIXEL 
_diffrn_detector.diffrn_id                    1 
_diffrn_detector.type                         'DECTRIS PILATUS 2M' 
_diffrn_detector.area_resol_mean              ? 
_diffrn_detector.dtime                        ? 
_diffrn_detector.pdbx_frames_total            ? 
_diffrn_detector.pdbx_collection_time_total   ? 
_diffrn_detector.pdbx_collection_date         2015-01-29 
_diffrn_detector.pdbx_frequency               ? 
# 
_diffrn_radiation.collimation                      ? 
_diffrn_radiation.diffrn_id                        1 
_diffrn_radiation.filter_edge                      ? 
_diffrn_radiation.inhomogeneity                    ? 
_diffrn_radiation.monochromator                    ? 
_diffrn_radiation.polarisn_norm                    ? 
_diffrn_radiation.polarisn_ratio                   ? 
_diffrn_radiation.probe                            ? 
_diffrn_radiation.type                             ? 
_diffrn_radiation.xray_symbol                      ? 
_diffrn_radiation.wavelength_id                    1 
_diffrn_radiation.pdbx_monochromatic_or_laue_m_l   M 
_diffrn_radiation.pdbx_wavelength_list             ? 
_diffrn_radiation.pdbx_wavelength                  ? 
_diffrn_radiation.pdbx_diffrn_protocol             'SINGLE WAVELENGTH' 
_diffrn_radiation.pdbx_analyzer                    ? 
_diffrn_radiation.pdbx_scattering_type             x-ray 
# 
_diffrn_radiation_wavelength.id           1 
_diffrn_radiation_wavelength.wavelength   0.87260 
_diffrn_radiation_wavelength.wt           1.0 
# 
_diffrn_source.current                     ? 
_diffrn_source.details                     ? 
_diffrn_source.diffrn_id                   1 
_diffrn_source.power                       ? 
_diffrn_source.size                        ? 
_diffrn_source.source                      SYNCHROTRON 
_diffrn_source.target                      ? 
_diffrn_source.type                        'ESRF BEAMLINE ID23-2' 
_diffrn_source.voltage                     ? 
_diffrn_source.take-off_angle              ? 
_diffrn_source.pdbx_wavelength_list        0.87260 
_diffrn_source.pdbx_wavelength             ? 
_diffrn_source.pdbx_synchrotron_beamline   ID23-2 
_diffrn_source.pdbx_synchrotron_site       ESRF 
# 
_reflns.B_iso_Wilson_estimate            ? 
_reflns.entry_id                         6HBA 
_reflns.data_reduction_details           ? 
_reflns.data_reduction_method            ? 
_reflns.d_resolution_high                1.650 
_reflns.d_resolution_low                 44.590 
_reflns.details                          ? 
_reflns.limit_h_max                      ? 
_reflns.limit_h_min                      ? 
_reflns.limit_k_max                      ? 
_reflns.limit_k_min                      ? 
_reflns.limit_l_max                      ? 
_reflns.limit_l_min                      ? 
_reflns.number_all                       ? 
_reflns.number_obs                       19621 
_reflns.observed_criterion               ? 
_reflns.observed_criterion_F_max         ? 
_reflns.observed_criterion_F_min         ? 
_reflns.observed_criterion_I_max         ? 
_reflns.observed_criterion_I_min         ? 
_reflns.observed_criterion_sigma_F       ? 
_reflns.observed_criterion_sigma_I       ? 
_reflns.percent_possible_obs             99.200 
_reflns.R_free_details                   ? 
_reflns.Rmerge_F_all                     ? 
_reflns.Rmerge_F_obs                     ? 
_reflns.Friedel_coverage                 ? 
_reflns.number_gt                        ? 
_reflns.threshold_expression             ? 
_reflns.pdbx_redundancy                  4.200 
_reflns.pdbx_Rmerge_I_obs                0.086 
_reflns.pdbx_Rmerge_I_all                ? 
_reflns.pdbx_Rsym_value                  ? 
_reflns.pdbx_netI_over_av_sigmaI         ? 
_reflns.pdbx_netI_over_sigmaI            9.400 
_reflns.pdbx_res_netI_over_av_sigmaI_2   ? 
_reflns.pdbx_res_netI_over_sigmaI_2      ? 
_reflns.pdbx_chi_squared                 ? 
_reflns.pdbx_scaling_rejects             ? 
_reflns.pdbx_d_res_high_opt              ? 
_reflns.pdbx_d_res_low_opt               ? 
_reflns.pdbx_d_res_opt_method            ? 
_reflns.phase_calculation_details        ? 
_reflns.pdbx_Rrim_I_all                  0.099 
_reflns.pdbx_Rpim_I_all                  0.047 
_reflns.pdbx_d_opt                       ? 
_reflns.pdbx_number_measured_all         83107 
_reflns.pdbx_diffrn_id                   1 
_reflns.pdbx_ordinal                     1 
_reflns.pdbx_CC_half                     0.995 
_reflns.pdbx_R_split                     ? 
# 
_reflns_shell.d_res_high                  1.650 
_reflns_shell.d_res_low                   1.670 
_reflns_shell.meanI_over_sigI_all         ? 
_reflns_shell.meanI_over_sigI_obs         ? 
_reflns_shell.number_measured_all         ? 
_reflns_shell.number_measured_obs         ? 
_reflns_shell.number_possible             ? 
_reflns_shell.number_unique_all           ? 
_reflns_shell.number_unique_obs           866 
_reflns_shell.percent_possible_all        88.500 
_reflns_shell.percent_possible_obs        ? 
_reflns_shell.Rmerge_F_all                ? 
_reflns_shell.Rmerge_F_obs                ? 
_reflns_shell.Rmerge_I_all                ? 
_reflns_shell.Rmerge_I_obs                0.833 
_reflns_shell.meanI_over_sigI_gt          ? 
_reflns_shell.meanI_over_uI_all           ? 
_reflns_shell.meanI_over_uI_gt            ? 
_reflns_shell.number_measured_gt          ? 
_reflns_shell.number_unique_gt            ? 
_reflns_shell.percent_possible_gt         ? 
_reflns_shell.Rmerge_F_gt                 ? 
_reflns_shell.Rmerge_I_gt                 ? 
_reflns_shell.pdbx_redundancy             3.800 
_reflns_shell.pdbx_Rsym_value             ? 
_reflns_shell.pdbx_chi_squared            ? 
_reflns_shell.pdbx_netI_over_sigmaI_all   ? 
_reflns_shell.pdbx_netI_over_sigmaI_obs   ? 
_reflns_shell.pdbx_Rrim_I_all             0.963 
_reflns_shell.pdbx_Rpim_I_all             0.473 
_reflns_shell.pdbx_rejects                ? 
_reflns_shell.pdbx_ordinal                1 
_reflns_shell.pdbx_diffrn_id              1 
_reflns_shell.pdbx_CC_half                0.548 
_reflns_shell.pdbx_R_split                ? 
# 
_refine.aniso_B[1][1]                            -0.3500 
_refine.aniso_B[1][2]                            0.0000 
_refine.aniso_B[1][3]                            -0.0600 
_refine.aniso_B[2][2]                            -0.1500 
_refine.aniso_B[2][3]                            -0.0000 
_refine.aniso_B[3][3]                            0.4300 
_refine.B_iso_max                                103.470 
_refine.B_iso_mean                               27.8240 
_refine.B_iso_min                                10.730 
_refine.correlation_coeff_Fo_to_Fc               0.9580 
_refine.correlation_coeff_Fo_to_Fc_free          0.9330 
_refine.details                                  
'HYDROGENS HAVE BEEN ADDED IN THE RIDING POSITIONS U VALUES      : REFINED INDIVIDUALLY' 
_refine.diff_density_max                         ? 
_refine.diff_density_max_esd                     ? 
_refine.diff_density_min                         ? 
_refine.diff_density_min_esd                     ? 
_refine.diff_density_rms                         ? 
_refine.diff_density_rms_esd                     ? 
_refine.entry_id                                 6HBA 
_refine.pdbx_refine_id                           'X-RAY DIFFRACTION' 
_refine.ls_abs_structure_details                 ? 
_refine.ls_abs_structure_Flack                   ? 
_refine.ls_abs_structure_Flack_esd               ? 
_refine.ls_abs_structure_Rogers                  ? 
_refine.ls_abs_structure_Rogers_esd              ? 
_refine.ls_d_res_high                            1.6500 
_refine.ls_d_res_low                             30.0000 
_refine.ls_extinction_coef                       ? 
_refine.ls_extinction_coef_esd                   ? 
_refine.ls_extinction_expression                 ? 
_refine.ls_extinction_method                     ? 
_refine.ls_goodness_of_fit_all                   ? 
_refine.ls_goodness_of_fit_all_esd               ? 
_refine.ls_goodness_of_fit_obs                   ? 
_refine.ls_goodness_of_fit_obs_esd               ? 
_refine.ls_hydrogen_treatment                    ? 
_refine.ls_matrix_type                           ? 
_refine.ls_number_constraints                    ? 
_refine.ls_number_parameters                     ? 
_refine.ls_number_reflns_all                     ? 
_refine.ls_number_reflns_obs                     18569 
_refine.ls_number_reflns_R_free                  974 
_refine.ls_number_reflns_R_work                  ? 
_refine.ls_number_restraints                     ? 
_refine.ls_percent_reflns_obs                    99.7300 
_refine.ls_percent_reflns_R_free                 5.0000 
_refine.ls_R_factor_all                          ? 
_refine.ls_R_factor_obs                          0.2006 
_refine.ls_R_factor_R_free                       0.2413 
_refine.ls_R_factor_R_free_error                 ? 
_refine.ls_R_factor_R_free_error_details         ? 
_refine.ls_R_factor_R_work                       0.1985 
_refine.ls_R_Fsqd_factor_obs                     ? 
_refine.ls_R_I_factor_obs                        ? 
_refine.ls_redundancy_reflns_all                 ? 
_refine.ls_redundancy_reflns_obs                 ? 
_refine.ls_restrained_S_all                      ? 
_refine.ls_restrained_S_obs                      ? 
_refine.ls_shift_over_esd_max                    ? 
_refine.ls_shift_over_esd_mean                   ? 
_refine.ls_structure_factor_coef                 ? 
_refine.ls_weighting_details                     ? 
_refine.ls_weighting_scheme                      ? 
_refine.ls_wR_factor_all                         ? 
_refine.ls_wR_factor_obs                         ? 
_refine.ls_wR_factor_R_free                      ? 
_refine.ls_wR_factor_R_work                      ? 
_refine.occupancy_max                            ? 
_refine.occupancy_min                            ? 
_refine.solvent_model_details                    ? 
_refine.solvent_model_param_bsol                 ? 
_refine.solvent_model_param_ksol                 ? 
_refine.ls_R_factor_gt                           ? 
_refine.ls_goodness_of_fit_gt                    ? 
_refine.ls_goodness_of_fit_ref                   ? 
_refine.ls_shift_over_su_max                     ? 
_refine.ls_shift_over_su_max_lt                  ? 
_refine.ls_shift_over_su_mean                    ? 
_refine.ls_shift_over_su_mean_lt                 ? 
_refine.pdbx_ls_sigma_I                          ? 
_refine.pdbx_ls_sigma_F                          0.000 
_refine.pdbx_ls_sigma_Fsqd                       ? 
_refine.pdbx_data_cutoff_high_absF               ? 
_refine.pdbx_data_cutoff_high_rms_absF           ? 
_refine.pdbx_data_cutoff_low_absF                ? 
_refine.pdbx_isotropic_thermal_model             ? 
_refine.pdbx_ls_cross_valid_method               THROUGHOUT 
_refine.pdbx_method_to_determine_struct          'MOLECULAR REPLACEMENT' 
_refine.pdbx_starting_model                      6HAS 
_refine.pdbx_stereochemistry_target_values       ? 
_refine.pdbx_R_Free_selection_details            RANDOM 
_refine.pdbx_stereochem_target_val_spec_case     ? 
_refine.pdbx_overall_ESU_R                       0.1150 
_refine.pdbx_overall_ESU_R_Free                  0.1150 
_refine.pdbx_solvent_vdw_probe_radii             1.2000 
_refine.pdbx_solvent_ion_probe_radii             0.8000 
_refine.pdbx_solvent_shrinkage_radii             0.8000 
_refine.pdbx_real_space_R                        ? 
_refine.pdbx_density_correlation                 ? 
_refine.pdbx_pd_number_of_powder_patterns        ? 
_refine.pdbx_pd_number_of_points                 ? 
_refine.pdbx_pd_meas_number_of_points            ? 
_refine.pdbx_pd_proc_ls_prof_R_factor            ? 
_refine.pdbx_pd_proc_ls_prof_wR_factor           ? 
_refine.pdbx_pd_Marquardt_correlation_coeff      ? 
_refine.pdbx_pd_Fsqrd_R_factor                   ? 
_refine.pdbx_pd_ls_matrix_band_width             ? 
_refine.pdbx_overall_phase_error                 ? 
_refine.pdbx_overall_SU_R_free_Cruickshank_DPI   ? 
_refine.pdbx_overall_SU_R_free_Blow_DPI          ? 
_refine.pdbx_overall_SU_R_Blow_DPI               ? 
_refine.pdbx_TLS_residual_ADP_flag               ? 
_refine.pdbx_diffrn_id                           1 
_refine.overall_SU_B                             2.6170 
_refine.overall_SU_ML                            0.0890 
_refine.overall_SU_R_Cruickshank_DPI             0.1152 
_refine.overall_SU_R_free                        ? 
_refine.overall_FOM_free_R_set                   ? 
_refine.overall_FOM_work_R_set                   ? 
_refine.pdbx_average_fsc_overall                 ? 
_refine.pdbx_average_fsc_work                    ? 
_refine.pdbx_average_fsc_free                    ? 
# 
_refine_hist.cycle_id                         final 
_refine_hist.pdbx_refine_id                   'X-RAY DIFFRACTION' 
_refine_hist.d_res_high                       1.6500 
_refine_hist.d_res_low                        30.0000 
_refine_hist.pdbx_number_atoms_ligand         0 
_refine_hist.number_atoms_solvent             97 
_refine_hist.number_atoms_total               1500 
_refine_hist.pdbx_number_residues_total       176 
_refine_hist.pdbx_B_iso_mean_solvent          33.96 
_refine_hist.pdbx_number_atoms_protein        1403 
_refine_hist.pdbx_number_atoms_nucleic_acid   0 
# 
loop_
_refine_ls_restr.pdbx_refine_id 
_refine_ls_restr.criterion 
_refine_ls_restr.dev_ideal 
_refine_ls_restr.dev_ideal_target 
_refine_ls_restr.number 
_refine_ls_restr.rejects 
_refine_ls_restr.type 
_refine_ls_restr.weight 
_refine_ls_restr.pdbx_restraint_function 
'X-RAY DIFFRACTION' ? 0.019  0.019  1427 ? r_bond_refined_d       ? ? 
'X-RAY DIFFRACTION' ? 0.006  0.020  1333 ? r_bond_other_d         ? ? 
'X-RAY DIFFRACTION' ? 1.832  1.949  1932 ? r_angle_refined_deg    ? ? 
'X-RAY DIFFRACTION' ? 1.312  3.003  3042 ? r_angle_other_deg      ? ? 
'X-RAY DIFFRACTION' ? 6.908  5.000  174  ? r_dihedral_angle_1_deg ? ? 
'X-RAY DIFFRACTION' ? 35.859 23.158 76   ? r_dihedral_angle_2_deg ? ? 
'X-RAY DIFFRACTION' ? 14.043 15.000 246  ? r_dihedral_angle_3_deg ? ? 
'X-RAY DIFFRACTION' ? 25.358 15.000 18   ? r_dihedral_angle_4_deg ? ? 
'X-RAY DIFFRACTION' ? 0.114  0.200  217  ? r_chiral_restr         ? ? 
'X-RAY DIFFRACTION' ? 0.010  0.020  1638 ? r_gen_planes_refined   ? ? 
'X-RAY DIFFRACTION' ? 0.005  0.020  352  ? r_gen_planes_other     ? ? 
# 
loop_
_refine_ls_restr_ncs.pdbx_ordinal 
_refine_ls_restr_ncs.pdbx_refine_id 
_refine_ls_restr_ncs.pdbx_ens_id 
_refine_ls_restr_ncs.dom_id 
_refine_ls_restr_ncs.pdbx_type 
_refine_ls_restr_ncs.pdbx_auth_asym_id 
_refine_ls_restr_ncs.pdbx_number 
_refine_ls_restr_ncs.rms_dev_position 
_refine_ls_restr_ncs.weight_position 
_refine_ls_restr_ncs.ncs_model_details 
_refine_ls_restr_ncs.rms_dev_B_iso 
_refine_ls_restr_ncs.weight_B_iso 
_refine_ls_restr_ncs.pdbx_asym_id 
_refine_ls_restr_ncs.pdbx_rms 
_refine_ls_restr_ncs.pdbx_weight 
1 'X-RAY DIFFRACTION' 1 1 'interatomic distance' A 4706 0.140 0.050 ? ? ? ? ? ? 
2 'X-RAY DIFFRACTION' 1 2 'interatomic distance' B 4706 0.140 0.050 ? ? ? ? ? ? 
# 
_refine_ls_shell.pdbx_refine_id                   'X-RAY DIFFRACTION' 
_refine_ls_shell.d_res_high                       1.6500 
_refine_ls_shell.d_res_low                        1.6930 
_refine_ls_shell.number_reflns_all                1431 
_refine_ls_shell.number_reflns_obs                ? 
_refine_ls_shell.number_reflns_R_free             73 
_refine_ls_shell.number_reflns_R_work             1358 
_refine_ls_shell.percent_reflns_obs               99.5800 
_refine_ls_shell.percent_reflns_R_free            ? 
_refine_ls_shell.R_factor_all                     ? 
_refine_ls_shell.R_factor_obs                     ? 
_refine_ls_shell.R_factor_R_free                  0.3020 
_refine_ls_shell.R_factor_R_free_error            0.0000 
_refine_ls_shell.R_factor_R_work                  0.2830 
_refine_ls_shell.redundancy_reflns_all            ? 
_refine_ls_shell.redundancy_reflns_obs            ? 
_refine_ls_shell.wR_factor_all                    ? 
_refine_ls_shell.wR_factor_obs                    ? 
_refine_ls_shell.wR_factor_R_free                 ? 
_refine_ls_shell.wR_factor_R_work                 ? 
_refine_ls_shell.pdbx_total_number_of_bins_used   20 
_refine_ls_shell.pdbx_phase_error                 ? 
_refine_ls_shell.pdbx_fsc_work                    ? 
_refine_ls_shell.pdbx_fsc_free                    ? 
# 
loop_
_struct_ncs_dom.pdbx_ens_id 
_struct_ncs_dom.id 
_struct_ncs_dom.details 
1 1 A 
1 2 B 
# 
loop_
_struct_ncs_dom_lim.pdbx_ens_id 
_struct_ncs_dom_lim.dom_id 
_struct_ncs_dom_lim.pdbx_component_id 
_struct_ncs_dom_lim.beg_label_asym_id 
_struct_ncs_dom_lim.beg_label_comp_id 
_struct_ncs_dom_lim.beg_label_seq_id 
_struct_ncs_dom_lim.beg_label_alt_id 
_struct_ncs_dom_lim.end_label_asym_id 
_struct_ncs_dom_lim.end_label_comp_id 
_struct_ncs_dom_lim.end_label_seq_id 
_struct_ncs_dom_lim.end_label_alt_id 
_struct_ncs_dom_lim.beg_auth_asym_id 
_struct_ncs_dom_lim.beg_auth_comp_id 
_struct_ncs_dom_lim.beg_auth_seq_id 
_struct_ncs_dom_lim.end_auth_asym_id 
_struct_ncs_dom_lim.end_auth_comp_id 
_struct_ncs_dom_lim.end_auth_seq_id 
_struct_ncs_dom_lim.pdbx_refine_code 
_struct_ncs_dom_lim.selection_details 
1 1 0 A PHE 3 . A PRO 88 . A PHE 224 A PRO 309 0 ? 
1 2 0 B PHE 3 . B PRO 88 . B PHE 224 B PRO 309 0 ? 
# 
_struct_ncs_ens.id        1 
_struct_ncs_ens.details   ? 
# 
_struct.entry_id                     6HBA 
_struct.title                        
'Crystal Structure of the small subunit-like domain 1 of CcmM from Synechococcus elongatus (strain PCC 7942), thiol-oxidized form' 
_struct.pdbx_model_details           ? 
_struct.pdbx_formula_weight          ? 
_struct.pdbx_formula_weight_method   ? 
_struct.pdbx_model_type_details      ? 
_struct.pdbx_CASP_flag               N 
# 
_struct_keywords.entry_id        6HBA 
_struct_keywords.text            'alpha-beta structure, Rubisco, Carboxysome, PROTEIN BINDING' 
_struct_keywords.pdbx_keywords   'PROTEIN BINDING' 
# 
loop_
_struct_asym.id 
_struct_asym.pdbx_blank_PDB_chainid_flag 
_struct_asym.pdbx_modified 
_struct_asym.entity_id 
_struct_asym.details 
A N N 1 ? 
B N N 1 ? 
C N N 2 ? 
D N N 2 ? 
# 
_struct_ref.id                         1 
_struct_ref.db_name                    UNP 
_struct_ref.db_code                    CCMM_SYNE7 
_struct_ref.pdbx_db_accession          Q03513 
_struct_ref.pdbx_db_isoform            ? 
_struct_ref.entity_id                  1 
_struct_ref.pdbx_seq_one_letter_code   
;LSSEVITQVRSLLNQGYRIGTEHADKRRFRTSSWQPCAPIQSTNERQVLSELENCLSEHEGEYVRLLGIDTNTRSRVFEA
LIQRPDGSV
;
_struct_ref.pdbx_align_begin           225 
# 
loop_
_struct_ref_seq.align_id 
_struct_ref_seq.ref_id 
_struct_ref_seq.pdbx_PDB_id_code 
_struct_ref_seq.pdbx_strand_id 
_struct_ref_seq.seq_align_beg 
_struct_ref_seq.pdbx_seq_align_beg_ins_code 
_struct_ref_seq.seq_align_end 
_struct_ref_seq.pdbx_seq_align_end_ins_code 
_struct_ref_seq.pdbx_db_accession 
_struct_ref_seq.db_align_beg 
_struct_ref_seq.pdbx_db_align_beg_ins_code 
_struct_ref_seq.db_align_end 
_struct_ref_seq.pdbx_db_align_end_ins_code 
_struct_ref_seq.pdbx_auth_seq_align_beg 
_struct_ref_seq.pdbx_auth_seq_align_end 
1 1 6HBA A 4 ? 92 ? Q03513 225 ? 313 ? 225 313 
2 1 6HBA B 4 ? 92 ? Q03513 225 ? 313 ? 225 313 
# 
loop_
_struct_ref_seq_dif.align_id 
_struct_ref_seq_dif.pdbx_pdb_id_code 
_struct_ref_seq_dif.mon_id 
_struct_ref_seq_dif.pdbx_pdb_strand_id 
_struct_ref_seq_dif.seq_num 
_struct_ref_seq_dif.pdbx_pdb_ins_code 
_struct_ref_seq_dif.pdbx_seq_db_name 
_struct_ref_seq_dif.pdbx_seq_db_accession_code 
_struct_ref_seq_dif.db_mon_id 
_struct_ref_seq_dif.pdbx_seq_db_seq_num 
_struct_ref_seq_dif.details 
_struct_ref_seq_dif.pdbx_auth_seq_num 
_struct_ref_seq_dif.pdbx_ordinal 
1 6HBA SER A 1 ? UNP Q03513 ? ? 'expression tag' 222 1 
1 6HBA GLU A 2 ? UNP Q03513 ? ? 'expression tag' 223 2 
1 6HBA PHE A 3 ? UNP Q03513 ? ? 'expression tag' 224 3 
2 6HBA SER B 1 ? UNP Q03513 ? ? 'expression tag' 222 4 
2 6HBA GLU B 2 ? UNP Q03513 ? ? 'expression tag' 223 5 
2 6HBA PHE B 3 ? UNP Q03513 ? ? 'expression tag' 224 6 
# 
loop_
_pdbx_struct_assembly.id 
_pdbx_struct_assembly.details 
_pdbx_struct_assembly.method_details 
_pdbx_struct_assembly.oligomeric_details 
_pdbx_struct_assembly.oligomeric_count 
1 author_defined_assembly ? monomeric 1 
2 author_defined_assembly ? monomeric 1 
# 
loop_
_pdbx_struct_assembly_gen.assembly_id 
_pdbx_struct_assembly_gen.oper_expression 
_pdbx_struct_assembly_gen.asym_id_list 
1 1 A,C 
2 1 B,D 
# 
_pdbx_struct_assembly_auth_evidence.id                     1 
_pdbx_struct_assembly_auth_evidence.assembly_id            1 
_pdbx_struct_assembly_auth_evidence.experimental_support   'light scattering' 
_pdbx_struct_assembly_auth_evidence.details                ? 
# 
_pdbx_struct_oper_list.id                   1 
_pdbx_struct_oper_list.type                 'identity operation' 
_pdbx_struct_oper_list.name                 1_555 
_pdbx_struct_oper_list.symmetry_operation   x,y,z 
_pdbx_struct_oper_list.matrix[1][1]         1.0000000000 
_pdbx_struct_oper_list.matrix[1][2]         0.0000000000 
_pdbx_struct_oper_list.matrix[1][3]         0.0000000000 
_pdbx_struct_oper_list.vector[1]            0.0000000000 
_pdbx_struct_oper_list.matrix[2][1]         0.0000000000 
_pdbx_struct_oper_list.matrix[2][2]         1.0000000000 
_pdbx_struct_oper_list.matrix[2][3]         0.0000000000 
_pdbx_struct_oper_list.vector[2]            0.0000000000 
_pdbx_struct_oper_list.matrix[3][1]         0.0000000000 
_pdbx_struct_oper_list.matrix[3][2]         0.0000000000 
_pdbx_struct_oper_list.matrix[3][3]         1.0000000000 
_pdbx_struct_oper_list.vector[3]            0.0000000000 
# 
loop_
_struct_conf.conf_type_id 
_struct_conf.id 
_struct_conf.pdbx_PDB_helix_id 
_struct_conf.beg_label_comp_id 
_struct_conf.beg_label_asym_id 
_struct_conf.beg_label_seq_id 
_struct_conf.pdbx_beg_PDB_ins_code 
_struct_conf.end_label_comp_id 
_struct_conf.end_label_asym_id 
_struct_conf.end_label_seq_id 
_struct_conf.pdbx_end_PDB_ins_code 
_struct_conf.beg_auth_comp_id 
_struct_conf.beg_auth_asym_id 
_struct_conf.beg_auth_seq_id 
_struct_conf.end_auth_comp_id 
_struct_conf.end_auth_asym_id 
_struct_conf.end_auth_seq_id 
_struct_conf.pdbx_PDB_helix_class 
_struct_conf.details 
_struct_conf.pdbx_PDB_helix_length 
HELX_P HELX_P1 AA1 SER A 5  ? GLN A 18 ? SER A 226 GLN A 239 1 ? 14 
HELX_P HELX_P2 AA2 ASP A 28 ? THR A 34 ? ASP A 249 THR A 255 1 ? 7  
HELX_P HELX_P3 AA3 ASN A 47 ? HIS A 62 ? ASN A 268 HIS A 283 1 ? 16 
HELX_P HELX_P4 AA4 SER B 5  ? GLN B 18 ? SER B 226 GLN B 239 1 ? 14 
HELX_P HELX_P5 AA5 ASP B 28 ? THR B 34 ? ASP B 249 THR B 255 1 ? 7  
HELX_P HELX_P6 AA6 ASN B 47 ? HIS B 62 ? ASN B 268 HIS B 283 1 ? 16 
# 
_struct_conf_type.id          HELX_P 
_struct_conf_type.criteria    ? 
_struct_conf_type.reference   ? 
# 
loop_
_struct_conn.id 
_struct_conn.conn_type_id 
_struct_conn.pdbx_leaving_atom_flag 
_struct_conn.pdbx_PDB_id 
_struct_conn.ptnr1_label_asym_id 
_struct_conn.ptnr1_label_comp_id 
_struct_conn.ptnr1_label_seq_id 
_struct_conn.ptnr1_label_atom_id 
_struct_conn.pdbx_ptnr1_label_alt_id 
_struct_conn.pdbx_ptnr1_PDB_ins_code 
_struct_conn.pdbx_ptnr1_standard_comp_id 
_struct_conn.ptnr1_symmetry 
_struct_conn.ptnr2_label_asym_id 
_struct_conn.ptnr2_label_comp_id 
_struct_conn.ptnr2_label_seq_id 
_struct_conn.ptnr2_label_atom_id 
_struct_conn.pdbx_ptnr2_label_alt_id 
_struct_conn.pdbx_ptnr2_PDB_ins_code 
_struct_conn.ptnr1_auth_asym_id 
_struct_conn.ptnr1_auth_comp_id 
_struct_conn.ptnr1_auth_seq_id 
_struct_conn.ptnr2_auth_asym_id 
_struct_conn.ptnr2_auth_comp_id 
_struct_conn.ptnr2_auth_seq_id 
_struct_conn.ptnr2_symmetry 
_struct_conn.pdbx_ptnr3_label_atom_id 
_struct_conn.pdbx_ptnr3_label_seq_id 
_struct_conn.pdbx_ptnr3_label_comp_id 
_struct_conn.pdbx_ptnr3_label_asym_id 
_struct_conn.pdbx_ptnr3_label_alt_id 
_struct_conn.pdbx_ptnr3_PDB_ins_code 
_struct_conn.details 
_struct_conn.pdbx_dist_value 
_struct_conn.pdbx_value_order 
_struct_conn.pdbx_role 
disulf1 disulf ? ? A CYS 40 SG ? ? ? 1_555 A CYS 58 SG ? ? A CYS 261 A CYS 279 1_555 ? ? ? ? ? ? ? 2.029 ? ? 
disulf2 disulf ? ? B CYS 40 SG ? ? ? 1_555 B CYS 58 SG ? ? B CYS 261 B CYS 279 1_555 ? ? ? ? ? ? ? 2.079 ? ? 
# 
_struct_conn_type.id          disulf 
_struct_conn_type.criteria    ? 
_struct_conn_type.reference   ? 
# 
loop_
_pdbx_modification_feature.ordinal 
_pdbx_modification_feature.label_comp_id 
_pdbx_modification_feature.label_asym_id 
_pdbx_modification_feature.label_seq_id 
_pdbx_modification_feature.label_alt_id 
_pdbx_modification_feature.modified_residue_label_comp_id 
_pdbx_modification_feature.modified_residue_label_asym_id 
_pdbx_modification_feature.modified_residue_label_seq_id 
_pdbx_modification_feature.modified_residue_label_alt_id 
_pdbx_modification_feature.auth_comp_id 
_pdbx_modification_feature.auth_asym_id 
_pdbx_modification_feature.auth_seq_id 
_pdbx_modification_feature.PDB_ins_code 
_pdbx_modification_feature.symmetry 
_pdbx_modification_feature.modified_residue_auth_comp_id 
_pdbx_modification_feature.modified_residue_auth_asym_id 
_pdbx_modification_feature.modified_residue_auth_seq_id 
_pdbx_modification_feature.modified_residue_PDB_ins_code 
_pdbx_modification_feature.modified_residue_symmetry 
_pdbx_modification_feature.comp_id_linking_atom 
_pdbx_modification_feature.modified_residue_id_linking_atom 
_pdbx_modification_feature.modified_residue_id 
_pdbx_modification_feature.ref_pcm_id 
_pdbx_modification_feature.ref_comp_id 
_pdbx_modification_feature.type 
_pdbx_modification_feature.category 
1 CYS A 40 ? CYS A 58 ? CYS A 261 ? 1_555 CYS A 279 ? 1_555 SG SG . . . None 'Disulfide bridge' 
2 CYS B 40 ? CYS B 58 ? CYS B 261 ? 1_555 CYS B 279 ? 1_555 SG SG . . . None 'Disulfide bridge' 
# 
loop_
_struct_sheet.id 
_struct_sheet.type 
_struct_sheet.number_strands 
_struct_sheet.details 
AA1 ? 4 ? 
AA2 ? 4 ? 
# 
loop_
_struct_sheet_order.sheet_id 
_struct_sheet_order.range_id_1 
_struct_sheet_order.range_id_2 
_struct_sheet_order.offset 
_struct_sheet_order.sense 
AA1 1 2 ? anti-parallel 
AA1 2 3 ? anti-parallel 
AA1 3 4 ? anti-parallel 
AA2 1 2 ? anti-parallel 
AA2 2 3 ? anti-parallel 
AA2 3 4 ? anti-parallel 
# 
loop_
_struct_sheet_range.sheet_id 
_struct_sheet_range.id 
_struct_sheet_range.beg_label_comp_id 
_struct_sheet_range.beg_label_asym_id 
_struct_sheet_range.beg_label_seq_id 
_struct_sheet_range.pdbx_beg_PDB_ins_code 
_struct_sheet_range.end_label_comp_id 
_struct_sheet_range.end_label_asym_id 
_struct_sheet_range.end_label_seq_id 
_struct_sheet_range.pdbx_end_PDB_ins_code 
_struct_sheet_range.beg_auth_comp_id 
_struct_sheet_range.beg_auth_asym_id 
_struct_sheet_range.beg_auth_seq_id 
_struct_sheet_range.end_auth_comp_id 
_struct_sheet_range.end_auth_asym_id 
_struct_sheet_range.end_auth_seq_id 
AA1 1 GLN A 38 ? PRO A 39 ? GLN A 259 PRO A 260 
AA1 2 ARG A 21 ? ALA A 27 ? ARG A 242 ALA A 248 
AA1 3 TYR A 66 ? ILE A 72 ? TYR A 287 ILE A 293 
AA1 4 ARG A 79 ? GLN A 86 ? ARG A 300 GLN A 307 
AA2 1 GLN B 38 ? PRO B 39 ? GLN B 259 PRO B 260 
AA2 2 ARG B 21 ? ALA B 27 ? ARG B 242 ALA B 248 
AA2 3 TYR B 66 ? ILE B 72 ? TYR B 287 ILE B 293 
AA2 4 ARG B 79 ? GLN B 86 ? ARG B 300 GLN B 307 
# 
loop_
_pdbx_struct_sheet_hbond.sheet_id 
_pdbx_struct_sheet_hbond.range_id_1 
_pdbx_struct_sheet_hbond.range_id_2 
_pdbx_struct_sheet_hbond.range_1_label_atom_id 
_pdbx_struct_sheet_hbond.range_1_label_comp_id 
_pdbx_struct_sheet_hbond.range_1_label_asym_id 
_pdbx_struct_sheet_hbond.range_1_label_seq_id 
_pdbx_struct_sheet_hbond.range_1_PDB_ins_code 
_pdbx_struct_sheet_hbond.range_1_auth_atom_id 
_pdbx_struct_sheet_hbond.range_1_auth_comp_id 
_pdbx_struct_sheet_hbond.range_1_auth_asym_id 
_pdbx_struct_sheet_hbond.range_1_auth_seq_id 
_pdbx_struct_sheet_hbond.range_2_label_atom_id 
_pdbx_struct_sheet_hbond.range_2_label_comp_id 
_pdbx_struct_sheet_hbond.range_2_label_asym_id 
_pdbx_struct_sheet_hbond.range_2_label_seq_id 
_pdbx_struct_sheet_hbond.range_2_PDB_ins_code 
_pdbx_struct_sheet_hbond.range_2_auth_atom_id 
_pdbx_struct_sheet_hbond.range_2_auth_comp_id 
_pdbx_struct_sheet_hbond.range_2_auth_asym_id 
_pdbx_struct_sheet_hbond.range_2_auth_seq_id 
AA1 1 2 O GLN A 38 ? O GLN A 259 N HIS A 26 ? N HIS A 247 
AA1 2 3 N GLU A 25 ? N GLU A 246 O ARG A 68 ? O ARG A 289 
AA1 3 4 N LEU A 69 ? N LEU A 290 O ALA A 83 ? O ALA A 304 
AA2 1 2 O GLN B 38 ? O GLN B 259 N HIS B 26 ? N HIS B 247 
AA2 2 3 N GLU B 25 ? N GLU B 246 O ARG B 68 ? O ARG B 289 
AA2 3 4 N GLY B 71 ? N GLY B 292 O VAL B 80 ? O VAL B 301 
# 
_pdbx_entry_details.entry_id                   6HBA 
_pdbx_entry_details.compound_details           ? 
_pdbx_entry_details.source_details             ? 
_pdbx_entry_details.nonpolymer_details         ? 
_pdbx_entry_details.sequence_details           ? 
_pdbx_entry_details.has_ligand_of_interest     ? 
_pdbx_entry_details.has_protein_modification   Y 
# 
_pdbx_validate_close_contact.id               1 
_pdbx_validate_close_contact.PDB_model_num    1 
_pdbx_validate_close_contact.auth_atom_id_1   NE 
_pdbx_validate_close_contact.auth_asym_id_1   A 
_pdbx_validate_close_contact.auth_comp_id_1   ARG 
_pdbx_validate_close_contact.auth_seq_id_1    252 
_pdbx_validate_close_contact.PDB_ins_code_1   ? 
_pdbx_validate_close_contact.label_alt_id_1   ? 
_pdbx_validate_close_contact.auth_atom_id_2   O 
_pdbx_validate_close_contact.auth_asym_id_2   A 
_pdbx_validate_close_contact.auth_comp_id_2   HOH 
_pdbx_validate_close_contact.auth_seq_id_2    401 
_pdbx_validate_close_contact.PDB_ins_code_2   ? 
_pdbx_validate_close_contact.label_alt_id_2   ? 
_pdbx_validate_close_contact.dist             2.18 
# 
loop_
_pdbx_validate_torsion.id 
_pdbx_validate_torsion.PDB_model_num 
_pdbx_validate_torsion.auth_comp_id 
_pdbx_validate_torsion.auth_asym_id 
_pdbx_validate_torsion.auth_seq_id 
_pdbx_validate_torsion.PDB_ins_code 
_pdbx_validate_torsion.label_alt_id 
_pdbx_validate_torsion.phi 
_pdbx_validate_torsion.psi 
1 1 ARG A 298 ? ? 59.31   11.82 
2 1 ASP A 310 ? ? -91.89  57.61 
3 1 SER B 257 ? ? -109.91 78.69 
4 1 ARG B 298 ? ? 59.26   10.49 
# 
_pdbx_phasing_MR.entry_id                     6HBA 
_pdbx_phasing_MR.method_rotation              ? 
_pdbx_phasing_MR.method_translation           ? 
_pdbx_phasing_MR.model_details                ? 
_pdbx_phasing_MR.R_factor                     ? 
_pdbx_phasing_MR.R_rigid_body                 ? 
_pdbx_phasing_MR.correlation_coeff_Fo_to_Fc   ? 
_pdbx_phasing_MR.correlation_coeff_Io_to_Ic   ? 
_pdbx_phasing_MR.d_res_high_rotation          44.590 
_pdbx_phasing_MR.d_res_low_rotation           2.900 
_pdbx_phasing_MR.d_res_high_translation       ? 
_pdbx_phasing_MR.d_res_low_translation        ? 
_pdbx_phasing_MR.packing                      ? 
_pdbx_phasing_MR.reflns_percent_rotation      ? 
_pdbx_phasing_MR.reflns_percent_translation   ? 
_pdbx_phasing_MR.sigma_F_rotation             ? 
_pdbx_phasing_MR.sigma_F_translation          ? 
_pdbx_phasing_MR.sigma_I_rotation             ? 
_pdbx_phasing_MR.sigma_I_translation          ? 
# 
_phasing.method   MR 
# 
loop_
_pdbx_unobs_or_zero_occ_residues.id 
_pdbx_unobs_or_zero_occ_residues.PDB_model_num 
_pdbx_unobs_or_zero_occ_residues.polymer_flag 
_pdbx_unobs_or_zero_occ_residues.occupancy_flag 
_pdbx_unobs_or_zero_occ_residues.auth_asym_id 
_pdbx_unobs_or_zero_occ_residues.auth_comp_id 
_pdbx_unobs_or_zero_occ_residues.auth_seq_id 
_pdbx_unobs_or_zero_occ_residues.PDB_ins_code 
_pdbx_unobs_or_zero_occ_residues.label_asym_id 
_pdbx_unobs_or_zero_occ_residues.label_comp_id 
_pdbx_unobs_or_zero_occ_residues.label_seq_id 
1 1 Y 1 A SER 222 ? A SER 1  
2 1 Y 1 A GLU 223 ? A GLU 2  
3 1 Y 1 A VAL 313 ? A VAL 92 
4 1 Y 1 B SER 222 ? B SER 1  
5 1 Y 1 B GLU 223 ? B GLU 2  
6 1 Y 1 B GLY 311 ? B GLY 90 
7 1 Y 1 B SER 312 ? B SER 91 
8 1 Y 1 B VAL 313 ? B VAL 92 
# 
loop_
_chem_comp_atom.comp_id 
_chem_comp_atom.atom_id 
_chem_comp_atom.type_symbol 
_chem_comp_atom.pdbx_aromatic_flag 
_chem_comp_atom.pdbx_stereo_config 
_chem_comp_atom.pdbx_ordinal 
ALA N    N N N 1   
ALA CA   C N S 2   
ALA C    C N N 3   
ALA O    O N N 4   
ALA CB   C N N 5   
ALA OXT  O N N 6   
ALA H    H N N 7   
ALA H2   H N N 8   
ALA HA   H N N 9   
ALA HB1  H N N 10  
ALA HB2  H N N 11  
ALA HB3  H N N 12  
ALA HXT  H N N 13  
ARG N    N N N 14  
ARG CA   C N S 15  
ARG C    C N N 16  
ARG O    O N N 17  
ARG CB   C N N 18  
ARG CG   C N N 19  
ARG CD   C N N 20  
ARG NE   N N N 21  
ARG CZ   C N N 22  
ARG NH1  N N N 23  
ARG NH2  N N N 24  
ARG OXT  O N N 25  
ARG H    H N N 26  
ARG H2   H N N 27  
ARG HA   H N N 28  
ARG HB2  H N N 29  
ARG HB3  H N N 30  
ARG HG2  H N N 31  
ARG HG3  H N N 32  
ARG HD2  H N N 33  
ARG HD3  H N N 34  
ARG HE   H N N 35  
ARG HH11 H N N 36  
ARG HH12 H N N 37  
ARG HH21 H N N 38  
ARG HH22 H N N 39  
ARG HXT  H N N 40  
ASN N    N N N 41  
ASN CA   C N S 42  
ASN C    C N N 43  
ASN O    O N N 44  
ASN CB   C N N 45  
ASN CG   C N N 46  
ASN OD1  O N N 47  
ASN ND2  N N N 48  
ASN OXT  O N N 49  
ASN H    H N N 50  
ASN H2   H N N 51  
ASN HA   H N N 52  
ASN HB2  H N N 53  
ASN HB3  H N N 54  
ASN HD21 H N N 55  
ASN HD22 H N N 56  
ASN HXT  H N N 57  
ASP N    N N N 58  
ASP CA   C N S 59  
ASP C    C N N 60  
ASP O    O N N 61  
ASP CB   C N N 62  
ASP CG   C N N 63  
ASP OD1  O N N 64  
ASP OD2  O N N 65  
ASP OXT  O N N 66  
ASP H    H N N 67  
ASP H2   H N N 68  
ASP HA   H N N 69  
ASP HB2  H N N 70  
ASP HB3  H N N 71  
ASP HD2  H N N 72  
ASP HXT  H N N 73  
CYS N    N N N 74  
CYS CA   C N R 75  
CYS C    C N N 76  
CYS O    O N N 77  
CYS CB   C N N 78  
CYS SG   S N N 79  
CYS OXT  O N N 80  
CYS H    H N N 81  
CYS H2   H N N 82  
CYS HA   H N N 83  
CYS HB2  H N N 84  
CYS HB3  H N N 85  
CYS HG   H N N 86  
CYS HXT  H N N 87  
GLN N    N N N 88  
GLN CA   C N S 89  
GLN C    C N N 90  
GLN O    O N N 91  
GLN CB   C N N 92  
GLN CG   C N N 93  
GLN CD   C N N 94  
GLN OE1  O N N 95  
GLN NE2  N N N 96  
GLN OXT  O N N 97  
GLN H    H N N 98  
GLN H2   H N N 99  
GLN HA   H N N 100 
GLN HB2  H N N 101 
GLN HB3  H N N 102 
GLN HG2  H N N 103 
GLN HG3  H N N 104 
GLN HE21 H N N 105 
GLN HE22 H N N 106 
GLN HXT  H N N 107 
GLU N    N N N 108 
GLU CA   C N S 109 
GLU C    C N N 110 
GLU O    O N N 111 
GLU CB   C N N 112 
GLU CG   C N N 113 
GLU CD   C N N 114 
GLU OE1  O N N 115 
GLU OE2  O N N 116 
GLU OXT  O N N 117 
GLU H    H N N 118 
GLU H2   H N N 119 
GLU HA   H N N 120 
GLU HB2  H N N 121 
GLU HB3  H N N 122 
GLU HG2  H N N 123 
GLU HG3  H N N 124 
GLU HE2  H N N 125 
GLU HXT  H N N 126 
GLY N    N N N 127 
GLY CA   C N N 128 
GLY C    C N N 129 
GLY O    O N N 130 
GLY OXT  O N N 131 
GLY H    H N N 132 
GLY H2   H N N 133 
GLY HA2  H N N 134 
GLY HA3  H N N 135 
GLY HXT  H N N 136 
HIS N    N N N 137 
HIS CA   C N S 138 
HIS C    C N N 139 
HIS O    O N N 140 
HIS CB   C N N 141 
HIS CG   C Y N 142 
HIS ND1  N Y N 143 
HIS CD2  C Y N 144 
HIS CE1  C Y N 145 
HIS NE2  N Y N 146 
HIS OXT  O N N 147 
HIS H    H N N 148 
HIS H2   H N N 149 
HIS HA   H N N 150 
HIS HB2  H N N 151 
HIS HB3  H N N 152 
HIS HD1  H N N 153 
HIS HD2  H N N 154 
HIS HE1  H N N 155 
HIS HE2  H N N 156 
HIS HXT  H N N 157 
HOH O    O N N 158 
HOH H1   H N N 159 
HOH H2   H N N 160 
ILE N    N N N 161 
ILE CA   C N S 162 
ILE C    C N N 163 
ILE O    O N N 164 
ILE CB   C N S 165 
ILE CG1  C N N 166 
ILE CG2  C N N 167 
ILE CD1  C N N 168 
ILE OXT  O N N 169 
ILE H    H N N 170 
ILE H2   H N N 171 
ILE HA   H N N 172 
ILE HB   H N N 173 
ILE HG12 H N N 174 
ILE HG13 H N N 175 
ILE HG21 H N N 176 
ILE HG22 H N N 177 
ILE HG23 H N N 178 
ILE HD11 H N N 179 
ILE HD12 H N N 180 
ILE HD13 H N N 181 
ILE HXT  H N N 182 
LEU N    N N N 183 
LEU CA   C N S 184 
LEU C    C N N 185 
LEU O    O N N 186 
LEU CB   C N N 187 
LEU CG   C N N 188 
LEU CD1  C N N 189 
LEU CD2  C N N 190 
LEU OXT  O N N 191 
LEU H    H N N 192 
LEU H2   H N N 193 
LEU HA   H N N 194 
LEU HB2  H N N 195 
LEU HB3  H N N 196 
LEU HG   H N N 197 
LEU HD11 H N N 198 
LEU HD12 H N N 199 
LEU HD13 H N N 200 
LEU HD21 H N N 201 
LEU HD22 H N N 202 
LEU HD23 H N N 203 
LEU HXT  H N N 204 
LYS N    N N N 205 
LYS CA   C N S 206 
LYS C    C N N 207 
LYS O    O N N 208 
LYS CB   C N N 209 
LYS CG   C N N 210 
LYS CD   C N N 211 
LYS CE   C N N 212 
LYS NZ   N N N 213 
LYS OXT  O N N 214 
LYS H    H N N 215 
LYS H2   H N N 216 
LYS HA   H N N 217 
LYS HB2  H N N 218 
LYS HB3  H N N 219 
LYS HG2  H N N 220 
LYS HG3  H N N 221 
LYS HD2  H N N 222 
LYS HD3  H N N 223 
LYS HE2  H N N 224 
LYS HE3  H N N 225 
LYS HZ1  H N N 226 
LYS HZ2  H N N 227 
LYS HZ3  H N N 228 
LYS HXT  H N N 229 
PHE N    N N N 230 
PHE CA   C N S 231 
PHE C    C N N 232 
PHE O    O N N 233 
PHE CB   C N N 234 
PHE CG   C Y N 235 
PHE CD1  C Y N 236 
PHE CD2  C Y N 237 
PHE CE1  C Y N 238 
PHE CE2  C Y N 239 
PHE CZ   C Y N 240 
PHE OXT  O N N 241 
PHE H    H N N 242 
PHE H2   H N N 243 
PHE HA   H N N 244 
PHE HB2  H N N 245 
PHE HB3  H N N 246 
PHE HD1  H N N 247 
PHE HD2  H N N 248 
PHE HE1  H N N 249 
PHE HE2  H N N 250 
PHE HZ   H N N 251 
PHE HXT  H N N 252 
PRO N    N N N 253 
PRO CA   C N S 254 
PRO C    C N N 255 
PRO O    O N N 256 
PRO CB   C N N 257 
PRO CG   C N N 258 
PRO CD   C N N 259 
PRO OXT  O N N 260 
PRO H    H N N 261 
PRO HA   H N N 262 
PRO HB2  H N N 263 
PRO HB3  H N N 264 
PRO HG2  H N N 265 
PRO HG3  H N N 266 
PRO HD2  H N N 267 
PRO HD3  H N N 268 
PRO HXT  H N N 269 
SER N    N N N 270 
SER CA   C N S 271 
SER C    C N N 272 
SER O    O N N 273 
SER CB   C N N 274 
SER OG   O N N 275 
SER OXT  O N N 276 
SER H    H N N 277 
SER H2   H N N 278 
SER HA   H N N 279 
SER HB2  H N N 280 
SER HB3  H N N 281 
SER HG   H N N 282 
SER HXT  H N N 283 
THR N    N N N 284 
THR CA   C N S 285 
THR C    C N N 286 
THR O    O N N 287 
THR CB   C N R 288 
THR OG1  O N N 289 
THR CG2  C N N 290 
THR OXT  O N N 291 
THR H    H N N 292 
THR H2   H N N 293 
THR HA   H N N 294 
THR HB   H N N 295 
THR HG1  H N N 296 
THR HG21 H N N 297 
THR HG22 H N N 298 
THR HG23 H N N 299 
THR HXT  H N N 300 
TRP N    N N N 301 
TRP CA   C N S 302 
TRP C    C N N 303 
TRP O    O N N 304 
TRP CB   C N N 305 
TRP CG   C Y N 306 
TRP CD1  C Y N 307 
TRP CD2  C Y N 308 
TRP NE1  N Y N 309 
TRP CE2  C Y N 310 
TRP CE3  C Y N 311 
TRP CZ2  C Y N 312 
TRP CZ3  C Y N 313 
TRP CH2  C Y N 314 
TRP OXT  O N N 315 
TRP H    H N N 316 
TRP H2   H N N 317 
TRP HA   H N N 318 
TRP HB2  H N N 319 
TRP HB3  H N N 320 
TRP HD1  H N N 321 
TRP HE1  H N N 322 
TRP HE3  H N N 323 
TRP HZ2  H N N 324 
TRP HZ3  H N N 325 
TRP HH2  H N N 326 
TRP HXT  H N N 327 
TYR N    N N N 328 
TYR CA   C N S 329 
TYR C    C N N 330 
TYR O    O N N 331 
TYR CB   C N N 332 
TYR CG   C Y N 333 
TYR CD1  C Y N 334 
TYR CD2  C Y N 335 
TYR CE1  C Y N 336 
TYR CE2  C Y N 337 
TYR CZ   C Y N 338 
TYR OH   O N N 339 
TYR OXT  O N N 340 
TYR H    H N N 341 
TYR H2   H N N 342 
TYR HA   H N N 343 
TYR HB2  H N N 344 
TYR HB3  H N N 345 
TYR HD1  H N N 346 
TYR HD2  H N N 347 
TYR HE1  H N N 348 
TYR HE2  H N N 349 
TYR HH   H N N 350 
TYR HXT  H N N 351 
VAL N    N N N 352 
VAL CA   C N S 353 
VAL C    C N N 354 
VAL O    O N N 355 
VAL CB   C N N 356 
VAL CG1  C N N 357 
VAL CG2  C N N 358 
VAL OXT  O N N 359 
VAL H    H N N 360 
VAL H2   H N N 361 
VAL HA   H N N 362 
VAL HB   H N N 363 
VAL HG11 H N N 364 
VAL HG12 H N N 365 
VAL HG13 H N N 366 
VAL HG21 H N N 367 
VAL HG22 H N N 368 
VAL HG23 H N N 369 
VAL HXT  H N N 370 
# 
loop_
_chem_comp_bond.comp_id 
_chem_comp_bond.atom_id_1 
_chem_comp_bond.atom_id_2 
_chem_comp_bond.value_order 
_chem_comp_bond.pdbx_aromatic_flag 
_chem_comp_bond.pdbx_stereo_config 
_chem_comp_bond.pdbx_ordinal 
ALA N   CA   sing N N 1   
ALA N   H    sing N N 2   
ALA N   H2   sing N N 3   
ALA CA  C    sing N N 4   
ALA CA  CB   sing N N 5   
ALA CA  HA   sing N N 6   
ALA C   O    doub N N 7   
ALA C   OXT  sing N N 8   
ALA CB  HB1  sing N N 9   
ALA CB  HB2  sing N N 10  
ALA CB  HB3  sing N N 11  
ALA OXT HXT  sing N N 12  
ARG N   CA   sing N N 13  
ARG N   H    sing N N 14  
ARG N   H2   sing N N 15  
ARG CA  C    sing N N 16  
ARG CA  CB   sing N N 17  
ARG CA  HA   sing N N 18  
ARG C   O    doub N N 19  
ARG C   OXT  sing N N 20  
ARG CB  CG   sing N N 21  
ARG CB  HB2  sing N N 22  
ARG CB  HB3  sing N N 23  
ARG CG  CD   sing N N 24  
ARG CG  HG2  sing N N 25  
ARG CG  HG3  sing N N 26  
ARG CD  NE   sing N N 27  
ARG CD  HD2  sing N N 28  
ARG CD  HD3  sing N N 29  
ARG NE  CZ   sing N N 30  
ARG NE  HE   sing N N 31  
ARG CZ  NH1  sing N N 32  
ARG CZ  NH2  doub N N 33  
ARG NH1 HH11 sing N N 34  
ARG NH1 HH12 sing N N 35  
ARG NH2 HH21 sing N N 36  
ARG NH2 HH22 sing N N 37  
ARG OXT HXT  sing N N 38  
ASN N   CA   sing N N 39  
ASN N   H    sing N N 40  
ASN N   H2   sing N N 41  
ASN CA  C    sing N N 42  
ASN CA  CB   sing N N 43  
ASN CA  HA   sing N N 44  
ASN C   O    doub N N 45  
ASN C   OXT  sing N N 46  
ASN CB  CG   sing N N 47  
ASN CB  HB2  sing N N 48  
ASN CB  HB3  sing N N 49  
ASN CG  OD1  doub N N 50  
ASN CG  ND2  sing N N 51  
ASN ND2 HD21 sing N N 52  
ASN ND2 HD22 sing N N 53  
ASN OXT HXT  sing N N 54  
ASP N   CA   sing N N 55  
ASP N   H    sing N N 56  
ASP N   H2   sing N N 57  
ASP CA  C    sing N N 58  
ASP CA  CB   sing N N 59  
ASP CA  HA   sing N N 60  
ASP C   O    doub N N 61  
ASP C   OXT  sing N N 62  
ASP CB  CG   sing N N 63  
ASP CB  HB2  sing N N 64  
ASP CB  HB3  sing N N 65  
ASP CG  OD1  doub N N 66  
ASP CG  OD2  sing N N 67  
ASP OD2 HD2  sing N N 68  
ASP OXT HXT  sing N N 69  
CYS N   CA   sing N N 70  
CYS N   H    sing N N 71  
CYS N   H2   sing N N 72  
CYS CA  C    sing N N 73  
CYS CA  CB   sing N N 74  
CYS CA  HA   sing N N 75  
CYS C   O    doub N N 76  
CYS C   OXT  sing N N 77  
CYS CB  SG   sing N N 78  
CYS CB  HB2  sing N N 79  
CYS CB  HB3  sing N N 80  
CYS SG  HG   sing N N 81  
CYS OXT HXT  sing N N 82  
GLN N   CA   sing N N 83  
GLN N   H    sing N N 84  
GLN N   H2   sing N N 85  
GLN CA  C    sing N N 86  
GLN CA  CB   sing N N 87  
GLN CA  HA   sing N N 88  
GLN C   O    doub N N 89  
GLN C   OXT  sing N N 90  
GLN CB  CG   sing N N 91  
GLN CB  HB2  sing N N 92  
GLN CB  HB3  sing N N 93  
GLN CG  CD   sing N N 94  
GLN CG  HG2  sing N N 95  
GLN CG  HG3  sing N N 96  
GLN CD  OE1  doub N N 97  
GLN CD  NE2  sing N N 98  
GLN NE2 HE21 sing N N 99  
GLN NE2 HE22 sing N N 100 
GLN OXT HXT  sing N N 101 
GLU N   CA   sing N N 102 
GLU N   H    sing N N 103 
GLU N   H2   sing N N 104 
GLU CA  C    sing N N 105 
GLU CA  CB   sing N N 106 
GLU CA  HA   sing N N 107 
GLU C   O    doub N N 108 
GLU C   OXT  sing N N 109 
GLU CB  CG   sing N N 110 
GLU CB  HB2  sing N N 111 
GLU CB  HB3  sing N N 112 
GLU CG  CD   sing N N 113 
GLU CG  HG2  sing N N 114 
GLU CG  HG3  sing N N 115 
GLU CD  OE1  doub N N 116 
GLU CD  OE2  sing N N 117 
GLU OE2 HE2  sing N N 118 
GLU OXT HXT  sing N N 119 
GLY N   CA   sing N N 120 
GLY N   H    sing N N 121 
GLY N   H2   sing N N 122 
GLY CA  C    sing N N 123 
GLY CA  HA2  sing N N 124 
GLY CA  HA3  sing N N 125 
GLY C   O    doub N N 126 
GLY C   OXT  sing N N 127 
GLY OXT HXT  sing N N 128 
HIS N   CA   sing N N 129 
HIS N   H    sing N N 130 
HIS N   H2   sing N N 131 
HIS CA  C    sing N N 132 
HIS CA  CB   sing N N 133 
HIS CA  HA   sing N N 134 
HIS C   O    doub N N 135 
HIS C   OXT  sing N N 136 
HIS CB  CG   sing N N 137 
HIS CB  HB2  sing N N 138 
HIS CB  HB3  sing N N 139 
HIS CG  ND1  sing Y N 140 
HIS CG  CD2  doub Y N 141 
HIS ND1 CE1  doub Y N 142 
HIS ND1 HD1  sing N N 143 
HIS CD2 NE2  sing Y N 144 
HIS CD2 HD2  sing N N 145 
HIS CE1 NE2  sing Y N 146 
HIS CE1 HE1  sing N N 147 
HIS NE2 HE2  sing N N 148 
HIS OXT HXT  sing N N 149 
HOH O   H1   sing N N 150 
HOH O   H2   sing N N 151 
ILE N   CA   sing N N 152 
ILE N   H    sing N N 153 
ILE N   H2   sing N N 154 
ILE CA  C    sing N N 155 
ILE CA  CB   sing N N 156 
ILE CA  HA   sing N N 157 
ILE C   O    doub N N 158 
ILE C   OXT  sing N N 159 
ILE CB  CG1  sing N N 160 
ILE CB  CG2  sing N N 161 
ILE CB  HB   sing N N 162 
ILE CG1 CD1  sing N N 163 
ILE CG1 HG12 sing N N 164 
ILE CG1 HG13 sing N N 165 
ILE CG2 HG21 sing N N 166 
ILE CG2 HG22 sing N N 167 
ILE CG2 HG23 sing N N 168 
ILE CD1 HD11 sing N N 169 
ILE CD1 HD12 sing N N 170 
ILE CD1 HD13 sing N N 171 
ILE OXT HXT  sing N N 172 
LEU N   CA   sing N N 173 
LEU N   H    sing N N 174 
LEU N   H2   sing N N 175 
LEU CA  C    sing N N 176 
LEU CA  CB   sing N N 177 
LEU CA  HA   sing N N 178 
LEU C   O    doub N N 179 
LEU C   OXT  sing N N 180 
LEU CB  CG   sing N N 181 
LEU CB  HB2  sing N N 182 
LEU CB  HB3  sing N N 183 
LEU CG  CD1  sing N N 184 
LEU CG  CD2  sing N N 185 
LEU CG  HG   sing N N 186 
LEU CD1 HD11 sing N N 187 
LEU CD1 HD12 sing N N 188 
LEU CD1 HD13 sing N N 189 
LEU CD2 HD21 sing N N 190 
LEU CD2 HD22 sing N N 191 
LEU CD2 HD23 sing N N 192 
LEU OXT HXT  sing N N 193 
LYS N   CA   sing N N 194 
LYS N   H    sing N N 195 
LYS N   H2   sing N N 196 
LYS CA  C    sing N N 197 
LYS CA  CB   sing N N 198 
LYS CA  HA   sing N N 199 
LYS C   O    doub N N 200 
LYS C   OXT  sing N N 201 
LYS CB  CG   sing N N 202 
LYS CB  HB2  sing N N 203 
LYS CB  HB3  sing N N 204 
LYS CG  CD   sing N N 205 
LYS CG  HG2  sing N N 206 
LYS CG  HG3  sing N N 207 
LYS CD  CE   sing N N 208 
LYS CD  HD2  sing N N 209 
LYS CD  HD3  sing N N 210 
LYS CE  NZ   sing N N 211 
LYS CE  HE2  sing N N 212 
LYS CE  HE3  sing N N 213 
LYS NZ  HZ1  sing N N 214 
LYS NZ  HZ2  sing N N 215 
LYS NZ  HZ3  sing N N 216 
LYS OXT HXT  sing N N 217 
PHE N   CA   sing N N 218 
PHE N   H    sing N N 219 
PHE N   H2   sing N N 220 
PHE CA  C    sing N N 221 
PHE CA  CB   sing N N 222 
PHE CA  HA   sing N N 223 
PHE C   O    doub N N 224 
PHE C   OXT  sing N N 225 
PHE CB  CG   sing N N 226 
PHE CB  HB2  sing N N 227 
PHE CB  HB3  sing N N 228 
PHE CG  CD1  doub Y N 229 
PHE CG  CD2  sing Y N 230 
PHE CD1 CE1  sing Y N 231 
PHE CD1 HD1  sing N N 232 
PHE CD2 CE2  doub Y N 233 
PHE CD2 HD2  sing N N 234 
PHE CE1 CZ   doub Y N 235 
PHE CE1 HE1  sing N N 236 
PHE CE2 CZ   sing Y N 237 
PHE CE2 HE2  sing N N 238 
PHE CZ  HZ   sing N N 239 
PHE OXT HXT  sing N N 240 
PRO N   CA   sing N N 241 
PRO N   CD   sing N N 242 
PRO N   H    sing N N 243 
PRO CA  C    sing N N 244 
PRO CA  CB   sing N N 245 
PRO CA  HA   sing N N 246 
PRO C   O    doub N N 247 
PRO C   OXT  sing N N 248 
PRO CB  CG   sing N N 249 
PRO CB  HB2  sing N N 250 
PRO CB  HB3  sing N N 251 
PRO CG  CD   sing N N 252 
PRO CG  HG2  sing N N 253 
PRO CG  HG3  sing N N 254 
PRO CD  HD2  sing N N 255 
PRO CD  HD3  sing N N 256 
PRO OXT HXT  sing N N 257 
SER N   CA   sing N N 258 
SER N   H    sing N N 259 
SER N   H2   sing N N 260 
SER CA  C    sing N N 261 
SER CA  CB   sing N N 262 
SER CA  HA   sing N N 263 
SER C   O    doub N N 264 
SER C   OXT  sing N N 265 
SER CB  OG   sing N N 266 
SER CB  HB2  sing N N 267 
SER CB  HB3  sing N N 268 
SER OG  HG   sing N N 269 
SER OXT HXT  sing N N 270 
THR N   CA   sing N N 271 
THR N   H    sing N N 272 
THR N   H2   sing N N 273 
THR CA  C    sing N N 274 
THR CA  CB   sing N N 275 
THR CA  HA   sing N N 276 
THR C   O    doub N N 277 
THR C   OXT  sing N N 278 
THR CB  OG1  sing N N 279 
THR CB  CG2  sing N N 280 
THR CB  HB   sing N N 281 
THR OG1 HG1  sing N N 282 
THR CG2 HG21 sing N N 283 
THR CG2 HG22 sing N N 284 
THR CG2 HG23 sing N N 285 
THR OXT HXT  sing N N 286 
TRP N   CA   sing N N 287 
TRP N   H    sing N N 288 
TRP N   H2   sing N N 289 
TRP CA  C    sing N N 290 
TRP CA  CB   sing N N 291 
TRP CA  HA   sing N N 292 
TRP C   O    doub N N 293 
TRP C   OXT  sing N N 294 
TRP CB  CG   sing N N 295 
TRP CB  HB2  sing N N 296 
TRP CB  HB3  sing N N 297 
TRP CG  CD1  doub Y N 298 
TRP CG  CD2  sing Y N 299 
TRP CD1 NE1  sing Y N 300 
TRP CD1 HD1  sing N N 301 
TRP CD2 CE2  doub Y N 302 
TRP CD2 CE3  sing Y N 303 
TRP NE1 CE2  sing Y N 304 
TRP NE1 HE1  sing N N 305 
TRP CE2 CZ2  sing Y N 306 
TRP CE3 CZ3  doub Y N 307 
TRP CE3 HE3  sing N N 308 
TRP CZ2 CH2  doub Y N 309 
TRP CZ2 HZ2  sing N N 310 
TRP CZ3 CH2  sing Y N 311 
TRP CZ3 HZ3  sing N N 312 
TRP CH2 HH2  sing N N 313 
TRP OXT HXT  sing N N 314 
TYR N   CA   sing N N 315 
TYR N   H    sing N N 316 
TYR N   H2   sing N N 317 
TYR CA  C    sing N N 318 
TYR CA  CB   sing N N 319 
TYR CA  HA   sing N N 320 
TYR C   O    doub N N 321 
TYR C   OXT  sing N N 322 
TYR CB  CG   sing N N 323 
TYR CB  HB2  sing N N 324 
TYR CB  HB3  sing N N 325 
TYR CG  CD1  doub Y N 326 
TYR CG  CD2  sing Y N 327 
TYR CD1 CE1  sing Y N 328 
TYR CD1 HD1  sing N N 329 
TYR CD2 CE2  doub Y N 330 
TYR CD2 HD2  sing N N 331 
TYR CE1 CZ   doub Y N 332 
TYR CE1 HE1  sing N N 333 
TYR CE2 CZ   sing Y N 334 
TYR CE2 HE2  sing N N 335 
TYR CZ  OH   sing N N 336 
TYR OH  HH   sing N N 337 
TYR OXT HXT  sing N N 338 
VAL N   CA   sing N N 339 
VAL N   H    sing N N 340 
VAL N   H2   sing N N 341 
VAL CA  C    sing N N 342 
VAL CA  CB   sing N N 343 
VAL CA  HA   sing N N 344 
VAL C   O    doub N N 345 
VAL C   OXT  sing N N 346 
VAL CB  CG1  sing N N 347 
VAL CB  CG2  sing N N 348 
VAL CB  HB   sing N N 349 
VAL CG1 HG11 sing N N 350 
VAL CG1 HG12 sing N N 351 
VAL CG1 HG13 sing N N 352 
VAL CG2 HG21 sing N N 353 
VAL CG2 HG22 sing N N 354 
VAL CG2 HG23 sing N N 355 
VAL OXT HXT  sing N N 356 
# 
_pdbx_initial_refinement_model.id               1 
_pdbx_initial_refinement_model.entity_id_list   ? 
_pdbx_initial_refinement_model.type             'experimental model' 
_pdbx_initial_refinement_model.source_name      PDB 
_pdbx_initial_refinement_model.accession_code   6HAS 
_pdbx_initial_refinement_model.details          ? 
# 
_atom_sites.entry_id                    6HBA 
_atom_sites.fract_transf_matrix[1][1]   -0.03679624 
_atom_sites.fract_transf_matrix[1][2]   -0.00914589 
_atom_sites.fract_transf_matrix[1][3]   -0.00925025 
_atom_sites.fract_transf_matrix[2][1]   0.00368374 
_atom_sites.fract_transf_matrix[2][2]   -0.00598038 
_atom_sites.fract_transf_matrix[2][3]   -0.00874051 
_atom_sites.fract_transf_matrix[3][1]   -0.00674193 
_atom_sites.fract_transf_matrix[3][2]   -0.02445786 
_atom_sites.fract_transf_matrix[3][3]   0.01389299 
_atom_sites.fract_transf_vector[1]      0.482981 
_atom_sites.fract_transf_vector[2]      0.134962 
_atom_sites.fract_transf_vector[3]      0.004279 
# 
loop_
_atom_type.symbol 
C 
N 
O 
S 
# 
loop_
_atom_site.group_PDB 
_atom_site.id 
_atom_site.type_symbol 
_atom_site.label_atom_id 
_atom_site.label_alt_id 
_atom_site.label_comp_id 
_atom_site.label_asym_id 
_atom_site.label_entity_id 
_atom_site.label_seq_id 
_atom_site.pdbx_PDB_ins_code 
_atom_site.Cartn_x 
_atom_site.Cartn_y 
_atom_site.Cartn_z 
_atom_site.occupancy 
_atom_site.B_iso_or_equiv 
_atom_site.pdbx_formal_charge 
_atom_site.auth_seq_id 
_atom_site.auth_comp_id 
_atom_site.auth_asym_id 
_atom_site.auth_atom_id 
_atom_site.pdbx_PDB_model_num 
ATOM   1    N N   . PHE A 1 3  ? -9.858  -0.137  1.730   1.00 37.39  ? 224 PHE A N   1 
ATOM   2    C CA  . PHE A 1 3  ? -9.358  -0.863  2.959   1.00 37.10  ? 224 PHE A CA  1 
ATOM   3    C C   . PHE A 1 3  ? -9.348  0.038   4.186   1.00 29.87  ? 224 PHE A C   1 
ATOM   4    O O   . PHE A 1 3  ? -9.825  -0.346  5.244   1.00 31.47  ? 224 PHE A O   1 
ATOM   5    C CB  . PHE A 1 3  ? -7.934  -1.375  2.742   1.00 39.82  ? 224 PHE A CB  1 
ATOM   6    C CG  . PHE A 1 3  ? -7.235  -1.793  4.017   1.00 43.61  ? 224 PHE A CG  1 
ATOM   7    C CD1 . PHE A 1 3  ? -7.574  -2.958  4.646   1.00 39.49  ? 224 PHE A CD1 1 
ATOM   8    C CD2 . PHE A 1 3  ? -6.230  -1.001  4.570   1.00 45.14  ? 224 PHE A CD2 1 
ATOM   9    C CE1 . PHE A 1 3  ? -6.925  -3.348  5.801   1.00 49.66  ? 224 PHE A CE1 1 
ATOM   10   C CE2 . PHE A 1 3  ? -5.583  -1.373  5.729   1.00 47.24  ? 224 PHE A CE2 1 
ATOM   11   C CZ  . PHE A 1 3  ? -5.929  -2.558  6.351   1.00 51.84  ? 224 PHE A CZ  1 
ATOM   12   N N   . LEU A 1 4  ? -8.725  1.197   4.029   1.00 23.96  ? 225 LEU A N   1 
ATOM   13   C CA  . LEU A 1 4  ? -8.623  2.202   5.043   1.00 20.93  ? 225 LEU A CA  1 
ATOM   14   C C   . LEU A 1 4  ? -10.021 2.733   5.385   1.00 21.08  ? 225 LEU A C   1 
ATOM   15   O O   . LEU A 1 4  ? -10.887 2.920   4.466   1.00 24.12  ? 225 LEU A O   1 
ATOM   16   C CB  . LEU A 1 4  ? -7.775  3.394   4.558   1.00 20.77  ? 225 LEU A CB  1 
ATOM   17   C CG  . LEU A 1 4  ? -6.255  3.178   4.353   1.00 20.84  ? 225 LEU A CG  1 
ATOM   18   C CD1 . LEU A 1 4  ? -5.641  4.444   3.835   1.00 22.65  ? 225 LEU A CD1 1 
ATOM   19   C CD2 . LEU A 1 4  ? -5.580  2.768   5.646   1.00 23.33  ? 225 LEU A CD2 1 
ATOM   20   N N   . SER A 1 5  ? -10.199 3.074   6.648   1.00 19.60  ? 226 SER A N   1 
ATOM   21   C CA  . SER A 1 5  ? -11.469 3.600   7.132   1.00 19.38  ? 226 SER A CA  1 
ATOM   22   C C   . SER A 1 5  ? -11.697 5.047   6.752   1.00 18.48  ? 226 SER A C   1 
ATOM   23   O O   . SER A 1 5  ? -10.756 5.869   6.568   1.00 15.24  ? 226 SER A O   1 
ATOM   24   C CB  . SER A 1 5  ? -11.571 3.433   8.673   1.00 19.11  ? 226 SER A CB  1 
ATOM   25   O OG  . SER A 1 5  ? -10.725 4.414   9.301   1.00 23.07  ? 226 SER A OG  1 
ATOM   26   N N   . SER A 1 6  ? -12.983 5.432   6.672   1.00 18.26  ? 227 SER A N   1 
ATOM   27   C CA  . SER A 1 6  ? -13.313 6.789   6.488   1.00 18.18  ? 227 SER A CA  1 
ATOM   28   C C   . SER A 1 6  ? -12.698 7.747   7.478   1.00 17.25  ? 227 SER A C   1 
ATOM   29   O O   . SER A 1 6  ? -12.265 8.815   7.126   1.00 16.07  ? 227 SER A O   1 
ATOM   30   C CB  . SER A 1 6  ? -14.855 6.998   6.499   1.00 17.64  ? 227 SER A CB  1 
ATOM   31   O OG  . SER A 1 6  ? -15.404 6.096   5.536   1.00 20.46  ? 227 SER A OG  1 
ATOM   32   N N   . GLU A 1 7  ? -12.647 7.330   8.749   1.00 18.93  ? 228 GLU A N   1 
ATOM   33   C CA  . GLU A 1 7  ? -12.100 8.152   9.777   1.00 19.84  ? 228 GLU A CA  1 
ATOM   34   C C   . GLU A 1 7  ? -10.573 8.385   9.574   1.00 15.63  ? 228 GLU A C   1 
ATOM   35   O O   . GLU A 1 7  ? -10.146 9.525   9.794   1.00 17.41  ? 228 GLU A O   1 
ATOM   36   C CB  . GLU A 1 7  ? -12.331 7.499   11.138  1.00 23.24  ? 228 GLU A CB  1 
ATOM   37   C CG  . GLU A 1 7  ? -11.878 8.380   12.261  1.00 33.46  ? 228 GLU A CG  1 
ATOM   38   C CD  . GLU A 1 7  ? -11.850 7.669   13.611  1.00 38.65  ? 228 GLU A CD  1 
ATOM   39   O OE1 . GLU A 1 7  ? -12.631 6.719   13.838  1.00 47.56  ? 228 GLU A OE1 1 
ATOM   40   O OE2 . GLU A 1 7  ? -11.041 8.109   14.451  1.00 46.44  ? 228 GLU A OE2 1 
ATOM   41   N N   . VAL A 1 8  ? -9.826  7.362   9.146   1.00 16.63  ? 229 VAL A N   1 
ATOM   42   C CA  . VAL A 1 8  ? -8.379  7.483   8.947   1.00 15.53  ? 229 VAL A CA  1 
ATOM   43   C C   . VAL A 1 8  ? -8.136  8.368   7.712   1.00 15.61  ? 229 VAL A C   1 
ATOM   44   O O   . VAL A 1 8  ? -7.348  9.327   7.772   1.00 16.13  ? 229 VAL A O   1 
ATOM   45   C CB  . VAL A 1 8  ? -7.653  6.140   8.734   1.00 17.60  ? 229 VAL A CB  1 
ATOM   46   C CG1 . VAL A 1 8  ? -6.239  6.357   8.233   1.00 20.19  ? 229 VAL A CG1 1 
ATOM   47   C CG2 . VAL A 1 8  ? -7.712  5.337   10.017  1.00 20.37  ? 229 VAL A CG2 1 
ATOM   48   N N   . ILE A 1 9  ? -8.921  8.170   6.641   1.00 15.10  ? 230 ILE A N   1 
ATOM   49   C CA  . ILE A 1 9  ? -8.816  9.065   5.503   1.00 15.72  ? 230 ILE A CA  1 
ATOM   50   C C   . ILE A 1 9  ? -9.100  10.549  5.862   1.00 15.46  ? 230 ILE A C   1 
ATOM   51   O O   . ILE A 1 9  ? -8.370  11.429  5.455   1.00 14.70  ? 230 ILE A O   1 
ATOM   52   C CB  . ILE A 1 9  ? -9.733  8.539   4.368   1.00 16.51  ? 230 ILE A CB  1 
ATOM   53   C CG1 . ILE A 1 9  ? -9.213  7.203   3.820   1.00 18.90  ? 230 ILE A CG1 1 
ATOM   54   C CG2 . ILE A 1 9  ? -9.838  9.563   3.249   1.00 18.37  ? 230 ILE A CG2 1 
ATOM   55   C CD1 . ILE A 1 9  ? -10.260 6.318   3.117   1.00 20.16  ? 230 ILE A CD1 1 
ATOM   56   N N   . THR A 1 10 ? -10.140 10.837  6.642   1.00 16.49  ? 231 THR A N   1 
ATOM   57   C CA  . THR A 1 10 ? -10.454 12.155  7.154   1.00 19.59  ? 231 THR A CA  1 
ATOM   58   C C   . THR A 1 10 ? -9.331  12.806  7.932   1.00 18.45  ? 231 THR A C   1 
ATOM   59   O O   . THR A 1 10 ? -8.944  13.916  7.643   1.00 18.59  ? 231 THR A O   1 
ATOM   60   C CB  . THR A 1 10 ? -11.777 12.095  7.958   1.00 21.08  ? 231 THR A CB  1 
ATOM   61   O OG1 . THR A 1 10 ? -12.852 11.725  7.037   1.00 22.83  ? 231 THR A OG1 1 
ATOM   62   C CG2 . THR A 1 10 ? -12.044 13.370  8.588   1.00 22.44  ? 231 THR A CG2 1 
ATOM   63   N N   . GLN A 1 11 ? -8.740  12.039  8.842   1.00 17.91  ? 232 GLN A N   1 
ATOM   64   C CA  . GLN A 1 11 ? -7.609  12.546  9.637   1.00 16.52  ? 232 GLN A CA  1 
ATOM   65   C C   . GLN A 1 11 ? -6.425  12.865  8.716   1.00 16.20  ? 232 GLN A C   1 
ATOM   66   O O   . GLN A 1 11 ? -5.803  13.884  8.860   1.00 16.41  ? 232 GLN A O   1 
ATOM   67   C CB  . GLN A 1 11 ? -7.121  11.540  10.698  1.00 19.84  ? 232 GLN A CB  1 
ATOM   68   C CG  . GLN A 1 11 ? -8.089  11.201  11.834  1.00 19.35  ? 232 GLN A CG  1 
ATOM   69   C CD  . GLN A 1 11 ? -7.736  9.932   12.761  1.00 24.43  ? 232 GLN A CD  1 
ATOM   70   O OE1 . GLN A 1 11 ? -7.438  8.870   12.296  1.00 24.49  ? 232 GLN A OE1 1 
ATOM   71   N NE2 . GLN A 1 11 ? -7.947  10.075  14.088  1.00 28.13  ? 232 GLN A NE2 1 
ATOM   72   N N   . VAL A 1 12 ? -6.108  11.997  7.761   1.00 14.56  ? 233 VAL A N   1 
ATOM   73   C CA  . VAL A 1 12 ? -4.972  12.223  6.889   1.00 14.25  ? 233 VAL A CA  1 
ATOM   74   C C   . VAL A 1 12 ? -5.203  13.490  6.005   1.00 15.52  ? 233 VAL A C   1 
ATOM   75   O O   . VAL A 1 12 ? -4.347  14.379  5.899   1.00 17.04  ? 233 VAL A O   1 
ATOM   76   C CB  . VAL A 1 12 ? -4.664  11.009  6.025   1.00 13.66  ? 233 VAL A CB  1 
ATOM   77   C CG1 . VAL A 1 12 ? -3.725  11.277  4.866   1.00 14.24  ? 233 VAL A CG1 1 
ATOM   78   C CG2 . VAL A 1 12 ? -4.107  9.812   6.857   1.00 15.20  ? 233 VAL A CG2 1 
ATOM   79   N N   . ARG A 1 13 ? -6.375  13.563  5.397   1.00 16.77  ? 234 ARG A N   1 
ATOM   80   C CA  . ARG A 1 13 ? -6.728  14.770  4.617   1.00 19.73  ? 234 ARG A CA  1 
ATOM   81   C C   . ARG A 1 13 ? -6.615  16.039  5.411   1.00 18.58  ? 234 ARG A C   1 
ATOM   82   O O   . ARG A 1 13 ? -6.065  17.048  4.955   1.00 20.80  ? 234 ARG A O   1 
ATOM   83   C CB  . ARG A 1 13 ? -8.159  14.674  4.184   1.00 21.87  ? 234 ARG A CB  1 
ATOM   84   C CG  . ARG A 1 13 ? -8.342  13.738  3.069   1.00 29.12  ? 234 ARG A CG  1 
ATOM   85   C CD  . ARG A 1 13 ? -9.648  14.081  2.345   1.00 33.71  ? 234 ARG A CD  1 
ATOM   86   N NE  . ARG A 1 13 ? -9.778  13.138  1.285   1.00 31.82  ? 234 ARG A NE  1 
ATOM   87   C CZ  . ARG A 1 13 ? -10.762 12.264  1.123   1.00 35.66  ? 234 ARG A CZ  1 
ATOM   88   N NH1 . ARG A 1 13 ? -11.823 12.229  1.925   1.00 42.41  ? 234 ARG A NH1 1 
ATOM   89   N NH2 . ARG A 1 13 ? -10.696 11.424  0.098   1.00 42.85  ? 234 ARG A NH2 1 
ATOM   90   N N   . SER A 1 14 ? -7.145  16.028  6.624   1.00 20.52  ? 235 SER A N   1 
ATOM   91   C CA  . SER A 1 14 ? -7.056  17.177  7.500   1.00 22.37  ? 235 SER A CA  1 
ATOM   92   C C   . SER A 1 14 ? -5.615  17.630  7.754   1.00 21.54  ? 235 SER A C   1 
ATOM   93   O O   . SER A 1 14 ? -5.284  18.818  7.617   1.00 22.78  ? 235 SER A O   1 
ATOM   94   C CB  . SER A 1 14 ? -7.785  16.950  8.806   1.00 24.44  ? 235 SER A CB  1 
ATOM   95   O OG  . SER A 1 14 ? -7.454  17.999  9.690   1.00 27.11  ? 235 SER A OG  1 
ATOM   96   N N   . LEU A 1 15 ? -4.723  16.680  8.072   1.00 16.14  ? 236 LEU A N   1 
ATOM   97   C CA  . LEU A 1 15 ? -3.315  16.972  8.283   1.00 17.50  ? 236 LEU A CA  1 
ATOM   98   C C   . LEU A 1 15 ? -2.636  17.530  7.008   1.00 16.93  ? 236 LEU A C   1 
ATOM   99   O O   . LEU A 1 15 ? -1.857  18.491  7.074   1.00 16.74  ? 236 LEU A O   1 
ATOM   100  C CB  . LEU A 1 15 ? -2.615  15.723  8.822   1.00 16.79  ? 236 LEU A CB  1 
ATOM   101  C CG  . LEU A 1 15 ? -3.083  15.266  10.225  1.00 18.27  ? 236 LEU A CG  1 
ATOM   102  C CD1 . LEU A 1 15 ? -2.450  13.940  10.489  1.00 18.89  ? 236 LEU A CD1 1 
ATOM   103  C CD2 . LEU A 1 15 ? -2.684  16.283  11.293  1.00 19.78  ? 236 LEU A CD2 1 
ATOM   104  N N   . LEU A 1 16 ? -2.845  16.844  5.877   1.00 15.81  ? 237 LEU A N   1 
ATOM   105  C CA  . LEU A 1 16 ? -2.273  17.307  4.626   1.00 16.32  ? 237 LEU A CA  1 
ATOM   106  C C   . LEU A 1 16 ? -2.787  18.673  4.263   1.00 19.79  ? 237 LEU A C   1 
ATOM   107  O O   . LEU A 1 16 ? -2.001  19.494  3.824   1.00 15.80  ? 237 LEU A O   1 
ATOM   108  C CB  . LEU A 1 16 ? -2.586  16.329  3.495   1.00 16.73  ? 237 LEU A CB  1 
ATOM   109  C CG  . LEU A 1 16 ? -1.883  14.976  3.605   1.00 16.06  ? 237 LEU A CG  1 
ATOM   110  C CD1 . LEU A 1 16 ? -2.456  14.066  2.503   1.00 16.83  ? 237 LEU A CD1 1 
ATOM   111  C CD2 . LEU A 1 16 ? -0.362  15.103  3.560   1.00 17.27  ? 237 LEU A CD2 1 
ATOM   112  N N   . ASN A 1 17 ? -4.059  18.894  4.489   1.00 21.65  ? 238 ASN A N   1 
ATOM   113  C CA  . ASN A 1 17 ? -4.670  20.184  4.098   1.00 27.95  ? 238 ASN A CA  1 
ATOM   114  C C   . ASN A 1 17 ? -4.132  21.321  4.873   1.00 28.31  ? 238 ASN A C   1 
ATOM   115  O O   . ASN A 1 17 ? -4.100  22.469  4.327   1.00 28.89  ? 238 ASN A O   1 
ATOM   116  C CB  . ASN A 1 17 ? -6.179  20.148  4.166   1.00 28.75  ? 238 ASN A CB  1 
ATOM   117  C CG  . ASN A 1 17 ? -6.768  19.269  3.081   1.00 36.65  ? 238 ASN A CG  1 
ATOM   118  O OD1 . ASN A 1 17 ? -6.046  18.695  2.222   1.00 33.35  ? 238 ASN A OD1 1 
ATOM   119  N ND2 . ASN A 1 17 ? -8.087  19.124  3.120   1.00 38.63  ? 238 ASN A ND2 1 
ATOM   120  N N   . GLN A 1 18 ? -3.693  21.047  6.097   1.00 25.09  ? 239 GLN A N   1 
ATOM   121  C CA  . GLN A 1 18 ? -3.054  21.994  6.949   1.00 27.21  ? 239 GLN A CA  1 
ATOM   122  C C   . GLN A 1 18 ? -1.551  22.149  6.631   1.00 26.20  ? 239 GLN A C   1 
ATOM   123  O O   . GLN A 1 18 ? -0.858  22.865  7.337   1.00 29.38  ? 239 GLN A O   1 
ATOM   124  C CB  . GLN A 1 18 ? -3.238  21.640  8.430   1.00 28.08  ? 239 GLN A CB  1 
ATOM   125  C CG  . GLN A 1 18 ? -4.686  21.665  8.912   1.00 28.44  ? 239 GLN A CG  1 
ATOM   126  C CD  . GLN A 1 18 ? -4.785  21.200  10.339  1.00 34.86  ? 239 GLN A CD  1 
ATOM   127  O OE1 . GLN A 1 18 ? -5.314  20.113  10.623  1.00 39.73  ? 239 GLN A OE1 1 
ATOM   128  N NE2 . GLN A 1 18 ? -4.243  21.994  11.257  1.00 36.59  ? 239 GLN A NE2 1 
ATOM   129  N N   . GLY A 1 19 ? -1.031  21.423  5.634   1.00 22.95  ? 240 GLY A N   1 
ATOM   130  C CA  . GLY A 1 19 ? 0.385   21.447  5.356   1.00 22.47  ? 240 GLY A CA  1 
ATOM   131  C C   . GLY A 1 19 ? 1.361   20.665  6.195   1.00 23.41  ? 240 GLY A C   1 
ATOM   132  O O   . GLY A 1 19 ? 2.521   20.945  6.190   1.00 23.71  ? 240 GLY A O   1 
ATOM   133  N N   . TYR A 1 20 ? 0.896   19.640  6.934   1.00 20.44  ? 241 TYR A N   1 
ATOM   134  C CA  . TYR A 1 20 ? 1.780   18.780  7.713   1.00 20.14  ? 241 TYR A CA  1 
ATOM   135  C C   . TYR A 1 20 ? 2.184   17.550  6.919   1.00 19.69  ? 241 TYR A C   1 
ATOM   136  O O   . TYR A 1 20 ? 1.540   17.225  5.927   1.00 23.68  ? 241 TYR A O   1 
ATOM   137  C CB  . TYR A 1 20 ? 1.054   18.298  8.991   1.00 18.49  ? 241 TYR A CB  1 
ATOM   138  C CG  . TYR A 1 20 ? 0.651   19.429  9.869   1.00 21.51  ? 241 TYR A CG  1 
ATOM   139  C CD1 . TYR A 1 20 ? 1.596   20.365  10.294  1.00 23.10  ? 241 TYR A CD1 1 
ATOM   140  C CD2 . TYR A 1 20 ? -0.694  19.612  10.230  1.00 24.20  ? 241 TYR A CD2 1 
ATOM   141  C CE1 . TYR A 1 20 ? 1.238   21.426  11.102  1.00 26.53  ? 241 TYR A CE1 1 
ATOM   142  C CE2 . TYR A 1 20 ? -1.054  20.652  11.068  1.00 26.92  ? 241 TYR A CE2 1 
ATOM   143  C CZ  . TYR A 1 20 ? -0.080  21.569  11.481  1.00 31.71  ? 241 TYR A CZ  1 
ATOM   144  O OH  . TYR A 1 20 ? -0.402  22.650  12.282  1.00 38.54  ? 241 TYR A OH  1 
ATOM   145  N N   . ARG A 1 21 ? 3.281   16.945  7.317   1.00 19.25  ? 242 ARG A N   1 
ATOM   146  C CA  . ARG A 1 21 ? 3.708   15.673  6.785   1.00 19.61  ? 242 ARG A CA  1 
ATOM   147  C C   . ARG A 1 21 ? 3.024   14.601  7.660   1.00 18.07  ? 242 ARG A C   1 
ATOM   148  O O   . ARG A 1 21 ? 2.716   14.848  8.787   1.00 20.00  ? 242 ARG A O   1 
ATOM   149  C CB  . ARG A 1 21 ? 5.217   15.462  7.000   1.00 22.01  ? 242 ARG A CB  1 
ATOM   150  N N   . ILE A 1 22 ? 2.961   13.399  7.118   1.00 19.02  ? 243 ILE A N   1 
ATOM   151  C CA  . ILE A 1 22 ? 2.346   12.234  7.733   1.00 18.13  ? 243 ILE A CA  1 
ATOM   152  C C   . ILE A 1 22 ? 3.449   11.259  8.038   1.00 18.31  ? 243 ILE A C   1 
ATOM   153  O O   . ILE A 1 22 ? 4.293   10.989  7.181   1.00 18.42  ? 243 ILE A O   1 
ATOM   154  C CB  . ILE A 1 22 ? 1.362   11.582  6.728   1.00 19.02  ? 243 ILE A CB  1 
ATOM   155  C CG1 . ILE A 1 22 ? 0.270   12.583  6.256   1.00 21.17  ? 243 ILE A CG1 1 
ATOM   156  C CG2 . ILE A 1 22 ? 0.767   10.284  7.249   1.00 19.91  ? 243 ILE A CG2 1 
ATOM   157  C CD1 . ILE A 1 22 ? -0.560  13.138  7.310   1.00 21.04  ? 243 ILE A CD1 1 
ATOM   158  N N   . GLY A 1 23 ? 3.441   10.674  9.230   1.00 15.06  ? 244 GLY A N   1 
ATOM   159  C CA  . GLY A 1 23 ? 4.369   9.589   9.545   1.00 15.01  ? 244 GLY A CA  1 
ATOM   160  C C   . GLY A 1 23 ? 3.584   8.453   10.224  1.00 14.76  ? 244 GLY A C   1 
ATOM   161  O O   . GLY A 1 23 ? 2.417   8.595   10.530  1.00 14.37  ? 244 GLY A O   1 
ATOM   162  N N   . THR A 1 24 ? 4.264   7.325   10.443  1.00 13.34  ? 245 THR A N   1 
ATOM   163  C CA  . THR A 1 24 ? 3.564   6.199   11.090  1.00 13.28  ? 245 THR A CA  1 
ATOM   164  C C   . THR A 1 24 ? 4.582   5.420   11.877  1.00 13.13  ? 245 THR A C   1 
ATOM   165  O O   . THR A 1 24 ? 5.744   5.406   11.533  1.00 15.51  ? 245 THR A O   1 
ATOM   166  C CB  . THR A 1 24 ? 2.956   5.228   10.120  1.00 17.04  ? 245 THR A CB  1 
ATOM   167  O OG1 . THR A 1 24 ? 3.804   5.010   8.985   1.00 24.92  ? 245 THR A OG1 1 
ATOM   168  C CG2 . THR A 1 24 ? 1.602   5.646   9.703   1.00 22.94  ? 245 THR A CG2 1 
ATOM   169  N N   . GLU A 1 25 ? 4.145   4.736   12.918  1.00 13.17  ? 246 GLU A N   1 
ATOM   170  C CA  . GLU A 1 25 ? 5.067   3.880   13.660  1.00 12.42  ? 246 GLU A CA  1 
ATOM   171  C C   . GLU A 1 25 ? 4.220   2.758   14.214  1.00 13.01  ? 246 GLU A C   1 
ATOM   172  O O   . GLU A 1 25 ? 3.012   2.839   14.273  1.00 12.50  ? 246 GLU A O   1 
ATOM   173  C CB  . GLU A 1 25 ? 5.738   4.643   14.780  1.00 12.84  ? 246 GLU A CB  1 
ATOM   174  C CG  . GLU A 1 25 ? 4.804   5.290   15.751  1.00 12.99  ? 246 GLU A CG  1 
ATOM   175  C CD  . GLU A 1 25 ? 5.411   6.289   16.713  1.00 13.81  ? 246 GLU A CD  1 
ATOM   176  O OE1 . GLU A 1 25 ? 6.659   6.563   16.802  1.00 16.76  ? 246 GLU A OE1 1 
ATOM   177  O OE2 . GLU A 1 25 ? 4.620   6.849   17.468  1.00 15.43  ? 246 GLU A OE2 1 
ATOM   178  N N   . HIS A 1 26 ? 4.882   1.684   14.630  1.00 13.03  ? 247 HIS A N   1 
ATOM   179  C CA  . HIS A 1 26 ? 4.251   0.471   15.008  1.00 13.49  ? 247 HIS A CA  1 
ATOM   180  C C   . HIS A 1 26 ? 4.904   -0.138  16.273  1.00 12.96  ? 247 HIS A C   1 
ATOM   181  O O   . HIS A 1 26 ? 6.072   0.116   16.571  1.00 14.09  ? 247 HIS A O   1 
ATOM   182  C CB  . HIS A 1 26 ? 4.269   -0.561  13.887  1.00 15.40  ? 247 HIS A CB  1 
ATOM   183  C CG  . HIS A 1 26 ? 5.636   -1.001  13.458  1.00 15.36  ? 247 HIS A CG  1 
ATOM   184  N ND1 . HIS A 1 26 ? 6.219   -2.140  13.968  1.00 16.62  ? 247 HIS A ND1 1 
ATOM   185  C CD2 . HIS A 1 26 ? 6.566   -0.438  12.632  1.00 15.75  ? 247 HIS A CD2 1 
ATOM   186  C CE1 . HIS A 1 26 ? 7.446   -2.264  13.465  1.00 19.00  ? 247 HIS A CE1 1 
ATOM   187  N NE2 . HIS A 1 26 ? 7.690   -1.222  12.685  1.00 19.27  ? 247 HIS A NE2 1 
ATOM   188  N N   . ALA A 1 27 ? 4.098   -0.956  16.956  1.00 14.48  ? 248 ALA A N   1 
ATOM   189  C CA  . ALA A 1 27 ? 4.584   -1.686  18.171  1.00 15.46  ? 248 ALA A CA  1 
ATOM   190  C C   . ALA A 1 27 ? 3.744   -2.931  18.381  1.00 15.61  ? 248 ALA A C   1 
ATOM   191  O O   . ALA A 1 27 ? 2.543   -2.834  18.402  1.00 14.86  ? 248 ALA A O   1 
ATOM   192  C CB  . ALA A 1 27 ? 4.521   -0.817  19.422  1.00 15.30  ? 248 ALA A CB  1 
ATOM   193  N N   . ASP A 1 28 ? 4.382   -4.085  18.602  1.00 16.69  ? 249 ASP A N   1 
ATOM   194  C CA  . ASP A 1 28 ? 3.666   -5.270  19.046  1.00 16.90  ? 249 ASP A CA  1 
ATOM   195  C C   . ASP A 1 28 ? 3.200   -5.113  20.484  1.00 15.13  ? 249 ASP A C   1 
ATOM   196  O O   . ASP A 1 28 ? 3.473   -4.124  21.120  1.00 15.62  ? 249 ASP A O   1 
ATOM   197  C CB  . ASP A 1 28 ? 4.545   -6.527  18.823  1.00 19.47  ? 249 ASP A CB  1 
ATOM   198  C CG  . ASP A 1 28 ? 5.768   -6.572  19.699  1.00 20.35  ? 249 ASP A CG  1 
ATOM   199  O OD1 . ASP A 1 28 ? 5.903   -5.893  20.702  1.00 17.89  ? 249 ASP A OD1 1 
ATOM   200  O OD2 . ASP A 1 28 ? 6.643   -7.442  19.394  1.00 25.66  ? 249 ASP A OD2 1 
ATOM   201  N N   . LYS A 1 29 ? 2.485   -6.122  21.021  1.00 15.48  ? 250 LYS A N   1 
ATOM   202  C CA  . LYS A 1 29 ? 1.939   -5.979  22.331  1.00 15.86  ? 250 LYS A CA  1 
ATOM   203  C C   . LYS A 1 29 ? 2.999   -5.753  23.434  1.00 15.08  ? 250 LYS A C   1 
ATOM   204  O O   . LYS A 1 29 ? 2.747   -4.981  24.329  1.00 17.17  ? 250 LYS A O   1 
ATOM   205  C CB  . LYS A 1 29 ? 1.093   -7.215  22.597  1.00 17.68  ? 250 LYS A CB  1 
ATOM   206  C CG  . LYS A 1 29 ? -0.173  -7.302  21.681  1.00 21.18  ? 250 LYS A CG  1 
ATOM   207  C CD  . LYS A 1 29 ? -0.799  -8.705  21.686  1.00 28.26  ? 250 LYS A CD  1 
ATOM   208  C CE  . LYS A 1 29 ? -2.083  -8.703  20.831  1.00 31.13  ? 250 LYS A CE  1 
ATOM   209  N NZ  . LYS A 1 29 ? -2.875  -9.969  20.900  1.00 34.32  ? 250 LYS A NZ  1 
ATOM   210  N N   . ARG A 1 30 ? 4.163   -6.416  23.353  1.00 17.56  ? 251 ARG A N   1 
ATOM   211  C CA  . ARG A 1 30 ? 5.186   -6.256  24.340  1.00 19.52  ? 251 ARG A CA  1 
ATOM   212  C C   . ARG A 1 30 ? 5.793   -4.851  24.310  1.00 17.75  ? 251 ARG A C   1 
ATOM   213  O O   . ARG A 1 30 ? 5.901   -4.189  25.336  1.00 19.19  ? 251 ARG A O   1 
ATOM   214  C CB  . ARG A 1 30 ? 6.272   -7.280  24.063  1.00 28.22  ? 251 ARG A CB  1 
ATOM   215  C CG  . ARG A 1 30 ? 7.419   -7.277  25.047  1.00 36.47  ? 251 ARG A CG  1 
ATOM   216  C CD  . ARG A 1 30 ? 7.742   -8.708  25.546  1.00 45.19  ? 251 ARG A CD  1 
ATOM   217  N NE  . ARG A 1 30 ? 7.274   -9.878  24.756  1.00 56.08  ? 251 ARG A NE  1 
ATOM   218  C CZ  . ARG A 1 30 ? 8.052   -10.894 24.327  1.00 62.14  ? 251 ARG A CZ  1 
ATOM   219  N NH1 . ARG A 1 30 ? 7.518   -11.901 23.642  1.00 65.84  ? 251 ARG A NH1 1 
ATOM   220  N NH2 . ARG A 1 30 ? 9.361   -10.928 24.575  1.00 58.83  ? 251 ARG A NH2 1 
ATOM   221  N N   . ARG A 1 31 ? 6.074   -4.346  23.095  1.00 17.93  ? 252 ARG A N   1 
ATOM   222  C CA  . ARG A 1 31 ? 6.682   -3.006  22.984  1.00 17.37  ? 252 ARG A CA  1 
ATOM   223  C C   . ARG A 1 31 ? 5.670   -1.909  23.315  1.00 18.03  ? 252 ARG A C   1 
ATOM   224  O O   . ARG A 1 31 ? 6.026   -0.867  23.819  1.00 17.25  ? 252 ARG A O   1 
ATOM   225  C CB  . ARG A 1 31 ? 7.292   -2.789  21.600  1.00 20.41  ? 252 ARG A CB  1 
ATOM   226  C CG  . ARG A 1 31 ? 8.553   -3.635  21.417  1.00 27.30  ? 252 ARG A CG  1 
ATOM   227  C CD  . ARG A 1 31 ? 9.255   -3.379  20.073  1.00 34.42  ? 252 ARG A CD  1 
ATOM   228  N NE  . ARG A 1 31 ? 8.435   -3.244  18.843  1.00 46.06  ? 252 ARG A NE  1 
ATOM   229  C CZ  . ARG A 1 31 ? 8.230   -2.080  18.170  1.00 49.28  ? 252 ARG A CZ  1 
ATOM   230  N NH1 . ARG A 1 31 ? 7.558   -2.062  17.024  1.00 46.56  ? 252 ARG A NH1 1 
ATOM   231  N NH2 . ARG A 1 31 ? 8.687   -0.925  18.635  1.00 45.81  ? 252 ARG A NH2 1 
ATOM   232  N N   . PHE A 1 32 ? 4.411   -2.144  22.981  1.00 17.42  ? 253 PHE A N   1 
ATOM   233  C CA  . PHE A 1 32 ? 3.337   -1.170  23.374  1.00 19.66  ? 253 PHE A CA  1 
ATOM   234  C C   . PHE A 1 32 ? 3.394   -0.885  24.893  1.00 20.09  ? 253 PHE A C   1 
ATOM   235  O O   . PHE A 1 32 ? 3.199   0.219   25.333  1.00 20.75  ? 253 PHE A O   1 
ATOM   236  C CB  . PHE A 1 32 ? 1.974   -1.629  22.911  1.00 18.69  ? 253 PHE A CB  1 
ATOM   237  C CG  . PHE A 1 32 ? 0.830   -0.636  23.156  1.00 20.18  ? 253 PHE A CG  1 
ATOM   238  C CD1 . PHE A 1 32 ? 0.668   0.515   22.348  1.00 22.07  ? 253 PHE A CD1 1 
ATOM   239  C CD2 . PHE A 1 32 ? -0.097  -0.861  24.157  1.00 25.90  ? 253 PHE A CD2 1 
ATOM   240  C CE1 . PHE A 1 32 ? -0.345  1.426   22.572  1.00 23.66  ? 253 PHE A CE1 1 
ATOM   241  C CE2 . PHE A 1 32 ? -1.166  0.048   24.370  1.00 25.65  ? 253 PHE A CE2 1 
ATOM   242  C CZ  . PHE A 1 32 ? -1.299  1.168   23.570  1.00 25.78  ? 253 PHE A CZ  1 
ATOM   243  N N   . ARG A 1 33 ? 3.661   -1.934  25.703  1.00 27.30  ? 254 ARG A N   1 
ATOM   244  C CA  . ARG A 1 33 ? 3.798   -1.789  27.172  1.00 28.45  ? 254 ARG A CA  1 
ATOM   245  C C   . ARG A 1 33 ? 4.703   -0.685  27.658  1.00 28.68  ? 254 ARG A C   1 
ATOM   246  O O   . ARG A 1 33 ? 4.371   -0.038  28.638  1.00 27.34  ? 254 ARG A O   1 
ATOM   247  C CB  . ARG A 1 33 ? 4.335   -3.078  27.810  1.00 32.93  ? 254 ARG A CB  1 
ATOM   248  C CG  . ARG A 1 33 ? 3.367   -4.230  27.781  1.00 35.28  ? 254 ARG A CG  1 
ATOM   249  C CD  . ARG A 1 33 ? 3.932   -5.466  28.524  1.00 42.15  ? 254 ARG A CD  1 
ATOM   250  N NE  . ARG A 1 33 ? 4.259   -5.219  29.926  1.00 37.36  ? 254 ARG A NE  1 
ATOM   251  C CZ  . ARG A 1 33 ? 3.348   -4.917  30.855  1.00 47.30  ? 254 ARG A CZ  1 
ATOM   252  N NH1 . ARG A 1 33 ? 2.045   -4.824  30.558  1.00 50.67  ? 254 ARG A NH1 1 
ATOM   253  N NH2 . ARG A 1 33 ? 3.735   -4.710  32.112  1.00 49.95  ? 254 ARG A NH2 1 
ATOM   254  N N   . THR A 1 34 ? 5.852   -0.535  26.992  1.00 25.38  ? 255 THR A N   1 
ATOM   255  C CA  . THR A 1 34 ? 6.867   0.412   27.360  1.00 29.84  ? 255 THR A CA  1 
ATOM   256  C C   . THR A 1 34 ? 6.903   1.580   26.387  1.00 29.76  ? 255 THR A C   1 
ATOM   257  O O   . THR A 1 34 ? 7.894   2.333   26.311  1.00 31.05  ? 255 THR A O   1 
ATOM   258  C CB  . THR A 1 34 ? 8.209   -0.273  27.392  1.00 31.24  ? 255 THR A CB  1 
ATOM   259  O OG1 . THR A 1 34 ? 8.410   -0.990  26.181  1.00 31.17  ? 255 THR A OG1 1 
ATOM   260  C CG2 . THR A 1 34 ? 8.229   -1.278  28.567  1.00 35.18  ? 255 THR A CG2 1 
ATOM   261  N N   . SER A 1 35 ? 5.823   1.727   25.632  1.00 27.89  ? 256 SER A N   1 
ATOM   262  C CA  . SER A 1 35 ? 5.735   2.751   24.578  1.00 25.11  ? 256 SER A CA  1 
ATOM   263  C C   . SER A 1 35 ? 6.984   2.807   23.737  1.00 22.92  ? 256 SER A C   1 
ATOM   264  O O   . SER A 1 35 ? 7.490   3.879   23.483  1.00 24.62  ? 256 SER A O   1 
ATOM   265  C CB  . SER A 1 35 ? 5.529   4.129   25.208  1.00 27.41  ? 256 SER A CB  1 
ATOM   266  O OG  . SER A 1 35 ? 4.355   4.111   25.971  1.00 32.64  ? 256 SER A OG  1 
ATOM   267  N N   . SER A 1 36 ? 7.446   1.664   23.298  1.00 20.02  ? 257 SER A N   1 
ATOM   268  C CA  . SER A 1 36 ? 8.638   1.555   22.484  1.00 18.94  ? 257 SER A CA  1 
ATOM   269  C C   . SER A 1 36 ? 8.287   1.310   20.994  1.00 17.40  ? 257 SER A C   1 
ATOM   270  O O   . SER A 1 36 ? 8.363   0.199   20.505  1.00 21.91  ? 257 SER A O   1 
ATOM   271  C CB  . SER A 1 36 ? 9.493   0.430   23.027  1.00 23.06  ? 257 SER A CB  1 
ATOM   272  O OG  . SER A 1 36 ? 10.711  0.407   22.353  1.00 28.87  ? 257 SER A OG  1 
ATOM   273  N N   . TRP A 1 37 ? 8.070   2.393   20.279  1.00 16.93  ? 258 TRP A N   1 
ATOM   274  C CA  . TRP A 1 37 ? 7.640   2.307   18.884  1.00 15.21  ? 258 TRP A CA  1 
ATOM   275  C C   . TRP A 1 37 ? 8.776   2.218   17.929  1.00 16.63  ? 258 TRP A C   1 
ATOM   276  O O   . TRP A 1 37 ? 9.901   2.657   18.264  1.00 17.49  ? 258 TRP A O   1 
ATOM   277  C CB  . TRP A 1 37 ? 6.867   3.625   18.654  1.00 17.46  ? 258 TRP A CB  1 
ATOM   278  C CG  . TRP A 1 37 ? 5.658   3.741   19.523  1.00 16.70  ? 258 TRP A CG  1 
ATOM   279  C CD1 . TRP A 1 37 ? 5.561   4.312   20.771  1.00 18.12  ? 258 TRP A CD1 1 
ATOM   280  C CD2 . TRP A 1 37 ? 4.328   3.301   19.172  1.00 14.98  ? 258 TRP A CD2 1 
ATOM   281  N NE1 . TRP A 1 37 ? 4.261   4.224   21.242  1.00 19.40  ? 258 TRP A NE1 1 
ATOM   282  C CE2 . TRP A 1 37 ? 3.485   3.609   20.302  1.00 15.84  ? 258 TRP A CE2 1 
ATOM   283  C CE3 . TRP A 1 37 ? 3.791   2.667   18.055  1.00 14.28  ? 258 TRP A CE3 1 
ATOM   284  C CZ2 . TRP A 1 37 ? 2.158   3.282   20.331  1.00 14.83  ? 258 TRP A CZ2 1 
ATOM   285  C CZ3 . TRP A 1 37 ? 2.474   2.325   18.078  1.00 16.17  ? 258 TRP A CZ3 1 
ATOM   286  C CH2 . TRP A 1 37 ? 1.653   2.684   19.216  1.00 12.80  ? 258 TRP A CH2 1 
ATOM   287  N N   . GLN A 1 38 ? 8.524   1.687   16.748  1.00 13.57  ? 259 GLN A N   1 
ATOM   288  C CA  . GLN A 1 38 ? 9.489   1.734   15.627  1.00 15.80  ? 259 GLN A CA  1 
ATOM   289  C C   . GLN A 1 38 ? 8.822   2.421   14.430  1.00 16.87  ? 259 GLN A C   1 
ATOM   290  O O   . GLN A 1 38 ? 7.662   2.085   14.085  1.00 16.21  ? 259 GLN A O   1 
ATOM   291  C CB  . GLN A 1 38 ? 9.909   0.345   15.229  1.00 18.75  ? 259 GLN A CB  1 
ATOM   292  C CG  . GLN A 1 38 ? 10.813  -0.398  16.229  1.00 22.47  ? 259 GLN A CG  1 
ATOM   293  C CD  . GLN A 1 38 ? 11.007  -1.856  15.807  1.00 24.95  ? 259 GLN A CD  1 
ATOM   294  O OE1 . GLN A 1 38 ? 10.065  -2.619  15.734  1.00 30.29  ? 259 GLN A OE1 1 
ATOM   295  N NE2 . GLN A 1 38 ? 12.234  -2.264  15.599  1.00 34.06  ? 259 GLN A NE2 1 
ATOM   296  N N   . PRO A 1 39 ? 9.574   3.269   13.689  1.00 14.98  ? 260 PRO A N   1 
ATOM   297  C CA  . PRO A 1 39 ? 8.898   3.877   12.543  1.00 16.96  ? 260 PRO A CA  1 
ATOM   298  C C   . PRO A 1 39 ? 8.640   2.934   11.363  1.00 16.57  ? 260 PRO A C   1 
ATOM   299  O O   . PRO A 1 39 ? 9.404   1.973   11.118  1.00 19.65  ? 260 PRO A O   1 
ATOM   300  C CB  . PRO A 1 39 ? 9.861   5.023   12.128  1.00 16.03  ? 260 PRO A CB  1 
ATOM   301  C CG  . PRO A 1 39 ? 11.232  4.557   12.604  1.00 19.04  ? 260 PRO A CG  1 
ATOM   302  C CD  . PRO A 1 39 ? 10.960  3.738   13.865  1.00 18.50  ? 260 PRO A CD  1 
ATOM   303  N N   . CYS A 1 40 ? 7.576   3.172   10.610  1.00 14.75  ? 261 CYS A N   1 
ATOM   304  C CA  . CYS A 1 40 ? 7.462   2.660   9.260   1.00 17.18  ? 261 CYS A CA  1 
ATOM   305  C C   . CYS A 1 40 ? 8.341   3.565   8.353   1.00 17.73  ? 261 CYS A C   1 
ATOM   306  O O   . CYS A 1 40 ? 8.810   4.670   8.781   1.00 21.51  ? 261 CYS A O   1 
ATOM   307  C CB  . CYS A 1 40 ? 6.002   2.624   8.773   1.00 16.35  ? 261 CYS A CB  1 
ATOM   308  S SG  . CYS A 1 40 ? 5.105   1.189   9.393   1.00 22.81  ? 261 CYS A SG  1 
ATOM   309  N N   . ALA A 1 41 ? 8.598   3.138   7.120   1.00 20.68  ? 262 ALA A N   1 
ATOM   310  C CA  . ALA A 1 41 ? 9.383   3.984   6.205   1.00 21.33  ? 262 ALA A CA  1 
ATOM   311  C C   . ALA A 1 41 ? 8.804   5.344   6.063   1.00 22.07  ? 262 ALA A C   1 
ATOM   312  O O   . ALA A 1 41 ? 7.547   5.458   6.006   1.00 18.80  ? 262 ALA A O   1 
ATOM   313  C CB  . ALA A 1 41 ? 9.569   3.299   4.840   1.00 24.48  ? 262 ALA A CB  1 
ATOM   314  N N   . PRO A 1 42 ? 9.658   6.412   6.026   1.00 22.11  ? 263 PRO A N   1 
ATOM   315  C CA  . PRO A 1 42 ? 9.191   7.756   5.850   1.00 21.93  ? 263 PRO A CA  1 
ATOM   316  C C   . PRO A 1 42 ? 8.334   7.911   4.612   1.00 21.43  ? 263 PRO A C   1 
ATOM   317  O O   . PRO A 1 42 ? 8.593   7.225   3.583   1.00 21.09  ? 263 PRO A O   1 
ATOM   318  C CB  . PRO A 1 42 ? 10.485  8.595   5.731   1.00 25.50  ? 263 PRO A CB  1 
ATOM   319  C CG  . PRO A 1 42 ? 11.531  7.747   6.383   1.00 28.51  ? 263 PRO A CG  1 
ATOM   320  C CD  . PRO A 1 42 ? 11.153  6.345   6.086   1.00 25.60  ? 263 PRO A CD  1 
ATOM   321  N N   . ILE A 1 43 ? 7.300   8.752   4.733   1.00 21.26  ? 264 ILE A N   1 
ATOM   322  C CA  . ILE A 1 43 ? 6.408   9.056   3.639   1.00 23.03  ? 264 ILE A CA  1 
ATOM   323  C C   . ILE A 1 43 ? 6.766   10.495  3.254   1.00 25.35  ? 264 ILE A C   1 
ATOM   324  O O   . ILE A 1 43 ? 6.451   11.433  3.962   1.00 25.58  ? 264 ILE A O   1 
ATOM   325  C CB  . ILE A 1 43 ? 4.903   9.000   4.043   1.00 22.44  ? 264 ILE A CB  1 
ATOM   326  C CG1 . ILE A 1 43 ? 4.531   7.602   4.522   1.00 21.94  ? 264 ILE A CG1 1 
ATOM   327  C CG2 . ILE A 1 43 ? 4.042   9.390   2.863   1.00 24.54  ? 264 ILE A CG2 1 
ATOM   328  C CD1 . ILE A 1 43 ? 3.223   7.572   5.275   1.00 20.94  ? 264 ILE A CD1 1 
ATOM   329  N N   . GLN A 1 44 ? 7.466   10.662  2.145   1.00 27.66  ? 265 GLN A N   1 
ATOM   330  C CA  . GLN A 1 44 ? 7.862   12.026  1.697   1.00 31.20  ? 265 GLN A CA  1 
ATOM   331  C C   . GLN A 1 44 ? 6.751   12.725  0.913   1.00 29.54  ? 265 GLN A C   1 
ATOM   332  O O   . GLN A 1 44 ? 6.606   13.956  0.926   1.00 30.58  ? 265 GLN A O   1 
ATOM   333  C CB  . GLN A 1 44 ? 9.109   11.963  0.824   1.00 33.58  ? 265 GLN A CB  1 
ATOM   334  N N   . SER A 1 45 ? 5.943   11.947  0.226   1.00 29.28  ? 266 SER A N   1 
ATOM   335  C CA  . SER A 1 45 ? 4.911   12.540  -0.606  1.00 25.19  ? 266 SER A CA  1 
ATOM   336  C C   . SER A 1 45 ? 3.910   13.354  0.250   1.00 26.92  ? 266 SER A C   1 
ATOM   337  O O   . SER A 1 45 ? 3.718   13.090  1.446   1.00 23.81  ? 266 SER A O   1 
ATOM   338  C CB  . SER A 1 45 ? 4.199   11.445  -1.384  1.00 29.11  ? 266 SER A CB  1 
ATOM   339  O OG  . SER A 1 45 ? 3.361   11.943  -2.389  1.00 27.78  ? 266 SER A OG  1 
ATOM   340  N N   . THR A 1 46 ? 3.366   14.371  -0.401  1.00 28.38  ? 267 THR A N   1 
ATOM   341  C CA  . THR A 1 46 ? 2.271   15.155  0.063   1.00 29.07  ? 267 THR A CA  1 
ATOM   342  C C   . THR A 1 46 ? 1.058   14.923  -0.875  1.00 27.70  ? 267 THR A C   1 
ATOM   343  O O   . THR A 1 46 ? -0.017  15.483  -0.663  1.00 28.74  ? 267 THR A O   1 
ATOM   344  C CB  . THR A 1 46 ? 2.697   16.651  0.143   1.00 32.29  ? 267 THR A CB  1 
ATOM   345  O OG1 . THR A 1 46 ? 1.607   17.395  0.689   1.00 45.94  ? 267 THR A OG1 1 
ATOM   346  C CG2 . THR A 1 46 ? 3.065   17.198  -1.197  1.00 29.79  ? 267 THR A CG2 1 
ATOM   347  N N   . ASN A 1 47 ? 1.203   14.034  -1.857  1.00 24.82  ? 268 ASN A N   1 
ATOM   348  C CA  . ASN A 1 47 ? 0.080   13.636  -2.702  1.00 24.23  ? 268 ASN A CA  1 
ATOM   349  C C   . ASN A 1 47 ? -0.832  12.680  -1.932  1.00 20.49  ? 268 ASN A C   1 
ATOM   350  O O   . ASN A 1 47 ? -0.334  11.699  -1.447  1.00 18.49  ? 268 ASN A O   1 
ATOM   351  C CB  . ASN A 1 47 ? 0.656   12.967  -3.961  1.00 27.79  ? 268 ASN A CB  1 
ATOM   352  C CG  . ASN A 1 47 ? -0.407  12.373  -4.848  1.00 26.00  ? 268 ASN A CG  1 
ATOM   353  O OD1 . ASN A 1 47 ? -0.906  11.251  -4.630  1.00 25.93  ? 268 ASN A OD1 1 
ATOM   354  N ND2 . ASN A 1 47 ? -0.822  13.153  -5.851  1.00 28.88  ? 268 ASN A ND2 1 
ATOM   355  N N   . GLU A 1 48 ? -2.117  13.010  -1.769  1.00 19.87  ? 269 GLU A N   1 
ATOM   356  C CA  . GLU A 1 48 ? -3.042  12.270  -0.909  1.00 18.89  ? 269 GLU A CA  1 
ATOM   357  C C   . GLU A 1 48 ? -3.089  10.779  -1.288  1.00 18.94  ? 269 GLU A C   1 
ATOM   358  O O   . GLU A 1 48 ? -3.039  9.893   -0.421  1.00 17.15  ? 269 GLU A O   1 
ATOM   359  C CB  . GLU A 1 48 ? -4.442  12.865  -1.002  1.00 24.73  ? 269 GLU A CB  1 
ATOM   360  C CG  . GLU A 1 48 ? -5.422  12.104  -0.133  1.00 23.52  ? 269 GLU A CG  1 
ATOM   361  C CD  . GLU A 1 48 ? -6.819  12.621  -0.236  1.00 31.59  ? 269 GLU A CD  1 
ATOM   362  O OE1 . GLU A 1 48 ? -6.990  13.814  0.072   1.00 32.66  ? 269 GLU A OE1 1 
ATOM   363  O OE2 . GLU A 1 48 ? -7.717  11.823  -0.574  1.00 34.82  ? 269 GLU A OE2 1 
ATOM   364  N N   . ARG A 1 49 ? -3.307  10.516  -2.595  1.00 20.51  ? 270 ARG A N   1 
ATOM   365  C CA  . ARG A 1 49 ? -3.355  9.112   -3.046  1.00 17.44  ? 270 ARG A CA  1 
ATOM   366  C C   . ARG A 1 49 ? -2.105  8.290   -2.613  1.00 17.31  ? 270 ARG A C   1 
ATOM   367  O O   . ARG A 1 49 ? -2.232  7.143   -2.096  1.00 16.43  ? 270 ARG A O   1 
ATOM   368  C CB  . ARG A 1 49 ? -3.555  9.073   -4.568  1.00 19.31  ? 270 ARG A CB  1 
ATOM   369  C CG  . ARG A 1 49 ? -3.815  7.655   -5.056  1.00 20.65  ? 270 ARG A CG  1 
ATOM   370  C CD  . ARG A 1 49 ? -3.990  7.694   -6.582  1.00 21.18  ? 270 ARG A CD  1 
ATOM   371  N NE  . ARG A 1 49 ? -3.957  6.356   -7.157  1.00 25.61  ? 270 ARG A NE  1 
ATOM   372  C CZ  . ARG A 1 49 ? -4.721  5.959   -8.164  1.00 30.08  ? 270 ARG A CZ  1 
ATOM   373  N NH1 . ARG A 1 49 ? -5.609  6.806   -8.703  1.00 27.42  ? 270 ARG A NH1 1 
ATOM   374  N NH2 . ARG A 1 49 ? -4.605  4.714   -8.623  1.00 27.61  ? 270 ARG A NH2 1 
ATOM   375  N N   . GLN A 1 50 ? -0.934  8.859   -2.836  1.00 18.66  ? 271 GLN A N   1 
ATOM   376  C CA  . GLN A 1 50 ? 0.325   8.202   -2.483  1.00 18.09  ? 271 GLN A CA  1 
ATOM   377  C C   . GLN A 1 50 ? 0.442   8.025   -0.960  1.00 16.03  ? 271 GLN A C   1 
ATOM   378  O O   . GLN A 1 50 ? 0.856   6.978   -0.480  1.00 14.61  ? 271 GLN A O   1 
ATOM   379  C CB  . GLN A 1 50 ? 1.570   8.885   -3.055  1.00 21.76  ? 271 GLN A CB  1 
ATOM   380  C CG  . GLN A 1 50 ? 2.847   8.106   -2.799  1.00 22.21  ? 271 GLN A CG  1 
ATOM   381  C CD  . GLN A 1 50 ? 2.907   6.597   -3.213  1.00 26.99  ? 271 GLN A CD  1 
ATOM   382  O OE1 . GLN A 1 50 ? 1.990   6.010   -3.835  1.00 29.02  ? 271 GLN A OE1 1 
ATOM   383  N NE2 . GLN A 1 50 ? 4.050   5.974   -2.901  1.00 25.04  ? 271 GLN A NE2 1 
ATOM   384  N N   . VAL A 1 51 ? 0.114   9.051   -0.221  1.00 17.25  ? 272 VAL A N   1 
ATOM   385  C CA  . VAL A 1 51 ? 0.236   8.984   1.263   1.00 14.01  ? 272 VAL A CA  1 
ATOM   386  C C   . VAL A 1 51 ? -0.652  7.869   1.776   1.00 12.92  ? 272 VAL A C   1 
ATOM   387  O O   . VAL A 1 51 ? -0.275  7.010   2.591   1.00 14.39  ? 272 VAL A O   1 
ATOM   388  C CB  . VAL A 1 51 ? -0.163  10.277  1.897   1.00 15.48  ? 272 VAL A CB  1 
ATOM   389  C CG1 . VAL A 1 51 ? -0.294  10.144  3.401   1.00 15.59  ? 272 VAL A CG1 1 
ATOM   390  C CG2 . VAL A 1 51 ? 0.866   11.372  1.568   1.00 15.39  ? 272 VAL A CG2 1 
ATOM   391  N N   . LEU A 1 52 ? -1.903  7.852   1.334   1.00 12.22  ? 273 LEU A N   1 
ATOM   392  C CA  . LEU A 1 52 ? -2.814  6.789   1.764   1.00 13.21  ? 273 LEU A CA  1 
ATOM   393  C C   . LEU A 1 52 ? -2.336  5.379   1.363   1.00 13.18  ? 273 LEU A C   1 
ATOM   394  O O   . LEU A 1 52 ? -2.518  4.445   2.103   1.00 12.92  ? 273 LEU A O   1 
ATOM   395  C CB  . LEU A 1 52 ? -4.230  7.076   1.216   1.00 13.74  ? 273 LEU A CB  1 
ATOM   396  C CG  . LEU A 1 52 ? -4.956  8.335   1.770   1.00 15.48  ? 273 LEU A CG  1 
ATOM   397  C CD1 . LEU A 1 52 ? -6.242  8.538   0.943   1.00 19.12  ? 273 LEU A CD1 1 
ATOM   398  C CD2 . LEU A 1 52 ? -5.222  8.313   3.254   1.00 15.44  ? 273 LEU A CD2 1 
ATOM   399  N N   . SER A 1 53 ? -1.817  5.278   0.139   1.00 13.75  ? 274 SER A N   1 
ATOM   400  C CA  . SER A 1 53 ? -1.214  4.021   -0.334  1.00 15.06  ? 274 SER A CA  1 
ATOM   401  C C   . SER A 1 53 ? -0.074  3.491   0.620   1.00 14.23  ? 274 SER A C   1 
ATOM   402  O O   . SER A 1 53 ? -0.086  2.327   1.049   1.00 15.60  ? 274 SER A O   1 
ATOM   403  C CB  . SER A 1 53 ? -0.814  4.100   -1.796  1.00 16.83  ? 274 SER A CB  1 
ATOM   404  O OG  . SER A 1 53 ? -0.299  2.792   -2.130  1.00 16.23  ? 274 SER A OG  1 
ATOM   405  N N   . GLU A 1 54 ? 0.832   4.377   0.970   1.00 14.68  ? 275 GLU A N   1 
ATOM   406  C CA  . GLU A 1 54 ? 1.971   4.023   1.836   1.00 15.92  ? 275 GLU A CA  1 
ATOM   407  C C   . GLU A 1 54 ? 1.532   3.757   3.246   1.00 16.75  ? 275 GLU A C   1 
ATOM   408  O O   . GLU A 1 54 ? 2.053   2.868   3.932   1.00 16.86  ? 275 GLU A O   1 
ATOM   409  C CB  . GLU A 1 54 ? 3.030   5.115   1.754   1.00 16.69  ? 275 GLU A CB  1 
ATOM   410  C CG  . GLU A 1 54 ? 3.640   5.267   0.376   1.00 17.45  ? 275 GLU A CG  1 
ATOM   411  C CD  . GLU A 1 54 ? 4.868   6.192   0.354   1.00 21.59  ? 275 GLU A CD  1 
ATOM   412  O OE1 . GLU A 1 54 ? 5.595   6.265   1.373   1.00 24.84  ? 275 GLU A OE1 1 
ATOM   413  O OE2 . GLU A 1 54 ? 5.188   6.794   -0.714  1.00 26.66  ? 275 GLU A OE2 1 
ATOM   414  N N   . LEU A 1 55 ? 0.523   4.512   3.683   1.00 15.68  ? 276 LEU A N   1 
ATOM   415  C CA  . LEU A 1 55 ? -0.032  4.225   4.941   1.00 14.44  ? 276 LEU A CA  1 
ATOM   416  C C   . LEU A 1 55 ? -0.646  2.846   5.088   1.00 13.76  ? 276 LEU A C   1 
ATOM   417  O O   . LEU A 1 55 ? -0.449  2.100   6.048   1.00 16.70  ? 276 LEU A O   1 
ATOM   418  C CB  . LEU A 1 55 ? -1.039  5.373   5.332   1.00 17.71  ? 276 LEU A CB  1 
ATOM   419  C CG  . LEU A 1 55 ? -1.826  5.239   6.577   1.00 19.52  ? 276 LEU A CG  1 
ATOM   420  C CD1 . LEU A 1 55 ? -0.864  5.139   7.708   1.00 21.83  ? 276 LEU A CD1 1 
ATOM   421  C CD2 . LEU A 1 55 ? -2.731  6.483   6.779   1.00 23.25  ? 276 LEU A CD2 1 
ATOM   422  N N   . GLU A 1 56 ? -1.412  2.446   4.071   1.00 13.43  ? 277 GLU A N   1 
ATOM   423  C CA  . GLU A 1 56 ? -1.971  1.127   4.032   1.00 15.04  ? 277 GLU A CA  1 
ATOM   424  C C   . GLU A 1 56 ? -0.893  0.018   4.041   1.00 14.68  ? 277 GLU A C   1 
ATOM   425  O O   . GLU A 1 56 ? -1.075  -1.010  4.695   1.00 14.83  ? 277 GLU A O   1 
ATOM   426  C CB  . GLU A 1 56 ? -2.914  0.984   2.819   1.00 15.35  ? 277 GLU A CB  1 
ATOM   427  C CG  . GLU A 1 56 ? -3.521  -0.418  2.681   1.00 16.55  ? 277 GLU A CG  1 
ATOM   428  C CD  . GLU A 1 56 ? -4.498  -0.589  1.526   1.00 18.17  ? 277 GLU A CD  1 
ATOM   429  O OE1 . GLU A 1 56 ? -4.721  0.388   0.783   1.00 20.02  ? 277 GLU A OE1 1 
ATOM   430  O OE2 . GLU A 1 56 ? -4.972  -1.736  1.300   1.00 18.81  ? 277 GLU A OE2 1 
ATOM   431  N N   . ASN A 1 57 ? 0.192   0.235   3.324   1.00 13.97  ? 278 ASN A N   1 
ATOM   432  C CA  . ASN A 1 57 ? 1.337   -0.724  3.366   1.00 15.42  ? 278 ASN A CA  1 
ATOM   433  C C   . ASN A 1 57 ? 1.890   -0.867  4.795   1.00 15.56  ? 278 ASN A C   1 
ATOM   434  O O   . ASN A 1 57 ? 2.143   -2.006  5.286   1.00 16.12  ? 278 ASN A O   1 
ATOM   435  C CB  . ASN A 1 57 ? 2.355   -0.388  2.323   1.00 16.20  ? 278 ASN A CB  1 
ATOM   436  C CG  . ASN A 1 57 ? 1.764   -0.670  0.929   1.00 18.14  ? 278 ASN A CG  1 
ATOM   437  O OD1 . ASN A 1 57 ? 0.967   -1.577  0.772   1.00 21.84  ? 278 ASN A OD1 1 
ATOM   438  N ND2 . ASN A 1 57 ? 2.000   0.152   0.085   1.00 19.96  ? 278 ASN A ND2 1 
ATOM   439  N N   . CYS A 1 58 ? 2.029   0.259   5.481   1.00 15.47  ? 279 CYS A N   1 
ATOM   440  C CA  . CYS A 1 58 ? 2.517   0.168   6.891   1.00 14.95  ? 279 CYS A CA  1 
ATOM   441  C C   . CYS A 1 58 ? 1.575   -0.695  7.689   1.00 16.91  ? 279 CYS A C   1 
ATOM   442  O O   . CYS A 1 58 ? 1.951   -1.596  8.464   1.00 16.76  ? 279 CYS A O   1 
ATOM   443  C CB  . CYS A 1 58 ? 2.659   1.576   7.477   1.00 17.91  ? 279 CYS A CB  1 
ATOM   444  S SG  . CYS A 1 58 ? 3.122   1.599   9.266   1.00 20.56  ? 279 CYS A SG  1 
ATOM   445  N N   . LEU A 1 59 ? 0.264   -0.392  7.596   1.00 15.87  ? 280 LEU A N   1 
ATOM   446  C CA  . LEU A 1 59 ? -0.714  -1.164  8.352   1.00 15.17  ? 280 LEU A CA  1 
ATOM   447  C C   . LEU A 1 59 ? -0.670  -2.654  8.074   1.00 16.95  ? 280 LEU A C   1 
ATOM   448  O O   . LEU A 1 59 ? -0.699  -3.500  8.981   1.00 18.18  ? 280 LEU A O   1 
ATOM   449  C CB  . LEU A 1 59 ? -2.121  -0.585  8.118   1.00 18.19  ? 280 LEU A CB  1 
ATOM   450  C CG  . LEU A 1 59 ? -2.323  0.856   8.639   1.00 19.52  ? 280 LEU A CG  1 
ATOM   451  C CD1 . LEU A 1 59 ? -3.593  1.484   8.013   1.00 20.08  ? 280 LEU A CD1 1 
ATOM   452  C CD2 . LEU A 1 59 ? -2.492  0.893   10.095  1.00 20.13  ? 280 LEU A CD2 1 
ATOM   453  N N   . SER A 1 60 ? -0.651  -3.015  6.784   1.00 16.94  ? 281 SER A N   1 
ATOM   454  C CA  . SER A 1 60 ? -0.735  -4.418  6.389   1.00 16.74  ? 281 SER A CA  1 
ATOM   455  C C   . SER A 1 60 ? 0.537   -5.176  6.710   1.00 16.46  ? 281 SER A C   1 
ATOM   456  O O   . SER A 1 60 ? 0.443   -6.328  7.071   1.00 20.15  ? 281 SER A O   1 
ATOM   457  C CB  . SER A 1 60 ? -1.113  -4.526  4.892   1.00 18.86  ? 281 SER A CB  1 
ATOM   458  O OG  . SER A 1 60 ? -0.107  -4.040  4.055   1.00 20.07  ? 281 SER A OG  1 
ATOM   459  N N   . GLU A 1 61 ? 1.687   -4.531  6.593   1.00 16.92  ? 282 GLU A N   1 
ATOM   460  C CA  . GLU A 1 61 ? 2.962   -5.115  6.992   1.00 17.47  ? 282 GLU A CA  1 
ATOM   461  C C   . GLU A 1 61 ? 3.063   -5.412  8.527   1.00 19.45  ? 282 GLU A C   1 
ATOM   462  O O   . GLU A 1 61 ? 3.976   -6.135  8.946   1.00 19.35  ? 282 GLU A O   1 
ATOM   463  C CB  . GLU A 1 61 ? 4.124   -4.248  6.544   1.00 19.00  ? 282 GLU A CB  1 
ATOM   464  C CG  . GLU A 1 61 ? 4.286   -4.182  5.004   1.00 19.88  ? 282 GLU A CG  1 
ATOM   465  C CD  . GLU A 1 61 ? 5.009   -2.936  4.555   1.00 23.53  ? 282 GLU A CD  1 
ATOM   466  O OE1 . GLU A 1 61 ? 5.466   -2.145  5.435   1.00 27.90  ? 282 GLU A OE1 1 
ATOM   467  O OE2 . GLU A 1 61 ? 5.058   -2.646  3.359   1.00 23.24  ? 282 GLU A OE2 1 
ATOM   468  N N   . HIS A 1 62 ? 2.235   -4.754  9.324   1.00 16.77  ? 283 HIS A N   1 
ATOM   469  C CA  . HIS A 1 62 ? 2.250   -4.889  10.758  1.00 19.19  ? 283 HIS A CA  1 
ATOM   470  C C   . HIS A 1 62 ? 0.869   -5.304  11.345  1.00 20.52  ? 283 HIS A C   1 
ATOM   471  O O   . HIS A 1 62 ? 0.404   -4.859  12.368  1.00 18.35  ? 283 HIS A O   1 
ATOM   472  C CB  . HIS A 1 62 ? 2.773   -3.579  11.354  1.00 19.47  ? 283 HIS A CB  1 
ATOM   473  C CG  . HIS A 1 62 ? 4.104   -3.225  10.828  1.00 18.15  ? 283 HIS A CG  1 
ATOM   474  N ND1 . HIS A 1 62 ? 5.237   -3.890  11.245  1.00 20.98  ? 283 HIS A ND1 1 
ATOM   475  C CD2 . HIS A 1 62 ? 4.505   -2.353  9.876   1.00 17.92  ? 283 HIS A CD2 1 
ATOM   476  C CE1 . HIS A 1 62 ? 6.294   -3.407  10.611  1.00 20.35  ? 283 HIS A CE1 1 
ATOM   477  N NE2 . HIS A 1 62 ? 5.886   -2.432  9.814   1.00 23.78  ? 283 HIS A NE2 1 
ATOM   478  N N   . GLU A 1 63 ? 0.215   -6.204  10.619  1.00 25.67  ? 284 GLU A N   1 
ATOM   479  C CA  . GLU A 1 63 ? -1.037  -6.759  11.103  1.00 30.44  ? 284 GLU A CA  1 
ATOM   480  C C   . GLU A 1 63 ? -0.864  -7.407  12.464  1.00 26.68  ? 284 GLU A C   1 
ATOM   481  O O   . GLU A 1 63 ? 0.199   -7.927  12.798  1.00 26.04  ? 284 GLU A O   1 
ATOM   482  C CB  . GLU A 1 63 ? -1.644  -7.720  10.069  1.00 37.66  ? 284 GLU A CB  1 
ATOM   483  C CG  . GLU A 1 63 ? -2.792  -6.977  9.373   1.00 42.72  ? 284 GLU A CG  1 
ATOM   484  C CD  . GLU A 1 63 ? -3.172  -7.467  7.968   1.00 59.01  ? 284 GLU A CD  1 
ATOM   485  O OE1 . GLU A 1 63 ? -3.845  -6.674  7.240   1.00 57.74  ? 284 GLU A OE1 1 
ATOM   486  O OE2 . GLU A 1 63 ? -2.817  -8.618  7.592   1.00 65.31  ? 284 GLU A OE2 1 
ATOM   487  N N   . GLY A 1 64 ? -1.867  -7.272  13.292  1.00 27.78  ? 285 GLY A N   1 
ATOM   488  C CA  . GLY A 1 64 ? -1.734  -7.706  14.683  1.00 27.87  ? 285 GLY A CA  1 
ATOM   489  C C   . GLY A 1 64 ? -0.841  -6.850  15.595  1.00 29.38  ? 285 GLY A C   1 
ATOM   490  O O   . GLY A 1 64 ? -0.642  -7.235  16.741  1.00 28.95  ? 285 GLY A O   1 
ATOM   491  N N   . GLU A 1 65 ? -0.309  -5.701  15.101  1.00 22.10  ? 286 GLU A N   1 
ATOM   492  C CA  . GLU A 1 65 ? 0.367   -4.744  15.953  1.00 19.98  ? 286 GLU A CA  1 
ATOM   493  C C   . GLU A 1 65 ? -0.408  -3.478  16.090  1.00 18.24  ? 286 GLU A C   1 
ATOM   494  O O   . GLU A 1 65 ? -1.328  -3.169  15.257  1.00 18.00  ? 286 GLU A O   1 
ATOM   495  C CB  . GLU A 1 65 ? 1.711   -4.349  15.385  1.00 18.20  ? 286 GLU A CB  1 
ATOM   496  C CG  . GLU A 1 65 ? 2.664   -5.499  15.170  1.00 19.28  ? 286 GLU A CG  1 
ATOM   497  C CD  . GLU A 1 65 ? 4.114   -5.082  14.990  1.00 22.98  ? 286 GLU A CD  1 
ATOM   498  O OE1 . GLU A 1 65 ? 4.457   -3.886  15.070  1.00 20.37  ? 286 GLU A OE1 1 
ATOM   499  O OE2 . GLU A 1 65 ? 4.968   -6.006  14.895  1.00 25.16  ? 286 GLU A OE2 1 
ATOM   500  N N   . TYR A 1 66 ? -0.028  -2.704  17.087  1.00 14.46  ? 287 TYR A N   1 
ATOM   501  C CA  . TYR A 1 66 ? -0.486  -1.317  17.191  1.00 14.25  ? 287 TYR A CA  1 
ATOM   502  C C   . TYR A 1 66 ? 0.218   -0.491  16.091  1.00 15.69  ? 287 TYR A C   1 
ATOM   503  O O   . TYR A 1 66 ? 1.417   -0.644  15.850  1.00 13.91  ? 287 TYR A O   1 
ATOM   504  C CB  . TYR A 1 66 ? -0.122  -0.727  18.521  1.00 15.48  ? 287 TYR A CB  1 
ATOM   505  C CG  . TYR A 1 66 ? -0.886  -1.380  19.683  1.00 16.59  ? 287 TYR A CG  1 
ATOM   506  C CD1 . TYR A 1 66 ? -2.074  -0.841  20.136  1.00 19.54  ? 287 TYR A CD1 1 
ATOM   507  C CD2 . TYR A 1 66 ? -0.377  -2.481  20.327  1.00 18.24  ? 287 TYR A CD2 1 
ATOM   508  C CE1 . TYR A 1 66 ? -2.766  -1.400  21.210  1.00 21.88  ? 287 TYR A CE1 1 
ATOM   509  C CE2 . TYR A 1 66 ? -1.067  -3.078  21.401  1.00 17.63  ? 287 TYR A CE2 1 
ATOM   510  C CZ  . TYR A 1 66 ? -2.254  -2.578  21.812  1.00 22.00  ? 287 TYR A CZ  1 
ATOM   511  O OH  . TYR A 1 66 ? -2.880  -3.182  22.914  1.00 23.72  ? 287 TYR A OH  1 
ATOM   512  N N   . VAL A 1 67 ? -0.541  0.407   15.421  1.00 12.63  ? 288 VAL A N   1 
ATOM   513  C CA  . VAL A 1 67 ? 0.033   1.400   14.480  1.00 12.18  ? 288 VAL A CA  1 
ATOM   514  C C   . VAL A 1 67 ? -0.513  2.777   14.847  1.00 11.29  ? 288 VAL A C   1 
ATOM   515  O O   . VAL A 1 67 ? -1.751  2.900   15.117  1.00 10.92  ? 288 VAL A O   1 
ATOM   516  C CB  . VAL A 1 67 ? -0.254  1.094   12.997  1.00 12.23  ? 288 VAL A CB  1 
ATOM   517  C CG1 . VAL A 1 67 ? 0.338   2.169   12.098  1.00 14.42  ? 288 VAL A CG1 1 
ATOM   518  C CG2 . VAL A 1 67 ? 0.232   -0.304  12.683  1.00 13.88  ? 288 VAL A CG2 1 
ATOM   519  N N   . ARG A 1 68 ? 0.378   3.749   14.960  1.00 11.94  ? 289 ARG A N   1 
ATOM   520  C CA  . ARG A 1 68 ? 0.054   5.090   15.329  1.00 11.52  ? 289 ARG A CA  1 
ATOM   521  C C   . ARG A 1 68 ? 0.341   6.008   14.147  1.00 12.28  ? 289 ARG A C   1 
ATOM   522  O O   . ARG A 1 68 ? 1.389   5.925   13.504  1.00 13.55  ? 289 ARG A O   1 
ATOM   523  C CB  . ARG A 1 68 ? 0.833   5.490   16.546  1.00 13.99  ? 289 ARG A CB  1 
ATOM   524  C CG  . ARG A 1 68 ? 0.378   6.763   17.163  1.00 15.97  ? 289 ARG A CG  1 
ATOM   525  C CD  . ARG A 1 68 ? 0.723   6.911   18.640  1.00 17.47  ? 289 ARG A CD  1 
ATOM   526  N NE  . ARG A 1 68 ? 2.173   6.967   18.896  1.00 16.64  ? 289 ARG A NE  1 
ATOM   527  C CZ  . ARG A 1 68 ? 2.716   7.219   20.114  1.00 21.02  ? 289 ARG A CZ  1 
ATOM   528  N NH1 . ARG A 1 68 ? 1.937   7.538   21.173  1.00 22.66  ? 289 ARG A NH1 1 
ATOM   529  N NH2 . ARG A 1 68 ? 4.020   7.291   20.268  1.00 22.98  ? 289 ARG A NH2 1 
ATOM   530  N N   . LEU A 1 69 ? -0.698  6.810   13.791  1.00 11.53  ? 290 LEU A N   1 
ATOM   531  C CA  . LEU A 1 69 ? -0.604  7.912   12.765  1.00 11.90  ? 290 LEU A CA  1 
ATOM   532  C C   . LEU A 1 69 ? -0.024  9.158   13.416  1.00 10.73  ? 290 LEU A C   1 
ATOM   533  O O   . LEU A 1 69 ? -0.459  9.607   14.518  1.00 12.04  ? 290 LEU A O   1 
ATOM   534  C CB  . LEU A 1 69 ? -1.987  8.161   12.187  1.00 12.45  ? 290 LEU A CB  1 
ATOM   535  C CG  . LEU A 1 69 ? -2.100  9.311   11.209  1.00 14.29  ? 290 LEU A CG  1 
ATOM   536  C CD1 . LEU A 1 69 ? -1.404  8.881   9.929   1.00 15.18  ? 290 LEU A CD1 1 
ATOM   537  C CD2 . LEU A 1 69 ? -3.570  9.597   10.959  1.00 15.05  ? 290 LEU A CD2 1 
ATOM   538  N N   . LEU A 1 70 ? 0.922   9.809   12.718  1.00 12.00  ? 291 LEU A N   1 
ATOM   539  C CA  . LEU A 1 70 ? 1.557   11.019  13.232  1.00 12.70  ? 291 LEU A CA  1 
ATOM   540  C C   . LEU A 1 70 ? 1.334   12.165  12.208  1.00 13.99  ? 291 LEU A C   1 
ATOM   541  O O   . LEU A 1 70 ? 1.454   11.926  11.005  1.00 15.05  ? 291 LEU A O   1 
ATOM   542  C CB  . LEU A 1 70 ? 3.054   10.819  13.387  1.00 16.55  ? 291 LEU A CB  1 
ATOM   543  C CG  . LEU A 1 70 ? 3.501   9.473   14.018  1.00 16.96  ? 291 LEU A CG  1 
ATOM   544  C CD1 . LEU A 1 70 ? 5.010   9.290   13.941  1.00 19.33  ? 291 LEU A CD1 1 
ATOM   545  C CD2 . LEU A 1 70 ? 2.993   9.458   15.436  1.00 16.51  ? 291 LEU A CD2 1 
ATOM   546  N N   . GLY A 1 71 ? 1.126   13.393  12.729  1.00 14.90  ? 292 GLY A N   1 
ATOM   547  C CA  . GLY A 1 71 ? 1.234   14.612  11.927  1.00 15.38  ? 292 GLY A CA  1 
ATOM   548  C C   . GLY A 1 71 ? 2.447   15.384  12.427  1.00 15.30  ? 292 GLY A C   1 
ATOM   549  O O   . GLY A 1 71 ? 2.598   15.628  13.630  1.00 16.69  ? 292 GLY A O   1 
ATOM   550  N N   . ILE A 1 72 ? 3.317   15.810  11.497  1.00 17.89  ? 293 ILE A N   1 
ATOM   551  C CA  . ILE A 1 72 ? 4.626   16.377  11.788  1.00 20.46  ? 293 ILE A CA  1 
ATOM   552  C C   . ILE A 1 72 ? 4.737   17.759  11.139  1.00 20.25  ? 293 ILE A C   1 
ATOM   553  O O   . ILE A 1 72 ? 4.344   17.873  9.968   1.00 21.20  ? 293 ILE A O   1 
ATOM   554  C CB  . ILE A 1 72 ? 5.710   15.480  11.139  1.00 24.60  ? 293 ILE A CB  1 
ATOM   555  C CG1 . ILE A 1 72 ? 5.648   14.042  11.707  1.00 26.90  ? 293 ILE A CG1 1 
ATOM   556  C CG2 . ILE A 1 72 ? 7.079   16.095  11.366  1.00 25.51  ? 293 ILE A CG2 1 
ATOM   557  C CD1 . ILE A 1 72 ? 5.924   13.952  13.178  1.00 30.31  ? 293 ILE A CD1 1 
ATOM   558  N N   . ASP A 1 73 ? 5.102   18.780  11.923  1.00 23.33  ? 294 ASP A N   1 
ATOM   559  C CA  . ASP A 1 73 ? 5.388   20.126  11.383  1.00 26.17  ? 294 ASP A CA  1 
ATOM   560  C C   . ASP A 1 73 ? 6.731   19.981  10.694  1.00 29.33  ? 294 ASP A C   1 
ATOM   561  O O   . ASP A 1 73 ? 7.702   19.661  11.361  1.00 32.20  ? 294 ASP A O   1 
ATOM   562  C CB  . ASP A 1 73 ? 5.474   21.109  12.530  1.00 31.20  ? 294 ASP A CB  1 
ATOM   563  C CG  . ASP A 1 73 ? 5.849   22.517  12.069  1.00 40.52  ? 294 ASP A CG  1 
ATOM   564  O OD1 . ASP A 1 73 ? 4.918   23.334  11.916  1.00 46.14  ? 294 ASP A OD1 1 
ATOM   565  O OD2 . ASP A 1 73 ? 7.050   22.763  11.824  1.00 43.14  ? 294 ASP A OD2 1 
ATOM   566  N N   . THR A 1 74 ? 6.808   20.105  9.372   1.00 35.39  ? 295 THR A N   1 
ATOM   567  C CA  . THR A 1 74 ? 8.078   19.763  8.686   1.00 41.69  ? 295 THR A CA  1 
ATOM   568  C C   . THR A 1 74 ? 9.198   20.716  9.070   1.00 45.38  ? 295 THR A C   1 
ATOM   569  O O   . THR A 1 74 ? 10.351  20.268  9.245   1.00 53.87  ? 295 THR A O   1 
ATOM   570  C CB  . THR A 1 74 ? 7.979   19.741  7.172   1.00 42.29  ? 295 THR A CB  1 
ATOM   571  O OG1 . THR A 1 74 ? 7.551   21.028  6.723   1.00 42.31  ? 295 THR A OG1 1 
ATOM   572  C CG2 . THR A 1 74 ? 6.997   18.648  6.738   1.00 43.68  ? 295 THR A CG2 1 
ATOM   573  N N   . ASN A 1 75 ? 8.855   21.990  9.274   1.00 44.09  ? 296 ASN A N   1 
ATOM   574  C CA  . ASN A 1 75 ? 9.880   22.984  9.631   1.00 48.71  ? 296 ASN A CA  1 
ATOM   575  C C   . ASN A 1 75 ? 10.499  22.738  10.990  1.00 47.72  ? 296 ASN A C   1 
ATOM   576  O O   . ASN A 1 75 ? 11.697  22.909  11.150  1.00 48.13  ? 296 ASN A O   1 
ATOM   577  C CB  . ASN A 1 75 ? 9.333   24.414  9.550   1.00 52.56  ? 296 ASN A CB  1 
ATOM   578  C CG  . ASN A 1 75 ? 9.003   24.802  8.129   1.00 59.24  ? 296 ASN A CG  1 
ATOM   579  O OD1 . ASN A 1 75 ? 9.905   25.061  7.323   1.00 62.10  ? 296 ASN A OD1 1 
ATOM   580  N ND2 . ASN A 1 75 ? 7.706   24.818  7.797   1.00 57.90  ? 296 ASN A ND2 1 
ATOM   581  N N   . THR A 1 76 ? 9.681   22.369  11.972  1.00 46.37  ? 297 THR A N   1 
ATOM   582  C CA  . THR A 1 76 ? 10.150  22.057  13.339  1.00 43.02  ? 297 THR A CA  1 
ATOM   583  C C   . THR A 1 76 ? 10.579  20.578  13.543  1.00 43.03  ? 297 THR A C   1 
ATOM   584  O O   . THR A 1 76 ? 11.335  20.254  14.459  1.00 40.36  ? 297 THR A O   1 
ATOM   585  C CB  . THR A 1 76 ? 9.039   22.397  14.357  1.00 47.39  ? 297 THR A CB  1 
ATOM   586  O OG1 . THR A 1 76 ? 8.474   23.677  14.035  1.00 54.28  ? 297 THR A OG1 1 
ATOM   587  C CG2 . THR A 1 76 ? 9.605   22.460  15.752  1.00 49.70  ? 297 THR A CG2 1 
ATOM   588  N N   . ARG A 1 77 ? 10.066  19.694  12.695  1.00 41.79  ? 298 ARG A N   1 
ATOM   589  C CA  . ARG A 1 77 ? 10.089  18.220  12.908  1.00 44.14  ? 298 ARG A CA  1 
ATOM   590  C C   . ARG A 1 77 ? 9.358   17.814  14.222  1.00 39.05  ? 298 ARG A C   1 
ATOM   591  O O   . ARG A 1 77 ? 9.416   16.639  14.622  1.00 37.05  ? 298 ARG A O   1 
ATOM   592  C CB  . ARG A 1 77 ? 11.520  17.617  12.849  1.00 51.61  ? 298 ARG A CB  1 
ATOM   593  C CG  . ARG A 1 77 ? 12.079  17.361  11.437  1.00 59.02  ? 298 ARG A CG  1 
ATOM   594  C CD  . ARG A 1 77 ? 12.896  16.079  11.352  1.00 64.57  ? 298 ARG A CD  1 
ATOM   595  N NE  . ARG A 1 77 ? 13.954  16.115  10.334  1.00 76.18  ? 298 ARG A NE  1 
ATOM   596  C CZ  . ARG A 1 77 ? 15.245  16.380  10.563  1.00 81.59  ? 298 ARG A CZ  1 
ATOM   597  N NH1 . ARG A 1 77 ? 16.105  16.371  9.549   1.00 88.81  ? 298 ARG A NH1 1 
ATOM   598  N NH2 . ARG A 1 77 ? 15.691  16.661  11.780  1.00 82.30  ? 298 ARG A NH2 1 
ATOM   599  N N   . SER A 1 78 ? 8.624   18.752  14.828  1.00 32.78  ? 299 SER A N   1 
ATOM   600  C CA  . SER A 1 78 ? 7.834   18.489  16.023  1.00 31.93  ? 299 SER A CA  1 
ATOM   601  C C   . SER A 1 78 ? 6.561   17.740  15.677  1.00 31.56  ? 299 SER A C   1 
ATOM   602  O O   . SER A 1 78 ? 5.995   17.951  14.622  1.00 25.07  ? 299 SER A O   1 
ATOM   603  C CB  . SER A 1 78 ? 7.419   19.787  16.724  1.00 39.67  ? 299 SER A CB  1 
ATOM   604  O OG  . SER A 1 78 ? 8.521   20.332  17.438  1.00 48.40  ? 299 SER A OG  1 
ATOM   605  N N   . ARG A 1 79 ? 6.129   16.868  16.587  1.00 25.50  ? 300 ARG A N   1 
ATOM   606  C CA  . ARG A 1 79 ? 4.869   16.169  16.404  1.00 24.85  ? 300 ARG A CA  1 
ATOM   607  C C   . ARG A 1 79 ? 3.656   17.027  16.795  1.00 24.58  ? 300 ARG A C   1 
ATOM   608  O O   . ARG A 1 79 ? 3.567   17.473  17.926  1.00 27.55  ? 300 ARG A O   1 
ATOM   609  C CB  . ARG A 1 79 ? 4.965   14.939  17.285  1.00 27.75  ? 300 ARG A CB  1 
ATOM   610  C CG  . ARG A 1 79 ? 4.320   13.677  16.840  1.00 33.45  ? 300 ARG A CG  1 
ATOM   611  C CD  . ARG A 1 79 ? 4.850   12.520  17.686  1.00 29.83  ? 300 ARG A CD  1 
ATOM   612  N NE  . ARG A 1 79 ? 5.971   11.707  17.125  1.00 30.20  ? 300 ARG A NE  1 
ATOM   613  C CZ  . ARG A 1 79 ? 6.057   10.370  17.299  1.00 27.66  ? 300 ARG A CZ  1 
ATOM   614  N NH1 . ARG A 1 79 ? 5.100   9.757   17.961  1.00 26.18  ? 300 ARG A NH1 1 
ATOM   615  N NH2 . ARG A 1 79 ? 7.046   9.645   16.774  1.00 26.46  ? 300 ARG A NH2 1 
ATOM   616  N N   . VAL A 1 80 ? 2.702   17.203  15.888  1.00 21.25  ? 301 VAL A N   1 
ATOM   617  C CA  . VAL A 1 80 ? 1.492   18.014  16.149  1.00 21.75  ? 301 VAL A CA  1 
ATOM   618  C C   . VAL A 1 80 ? 0.228   17.191  16.365  1.00 21.86  ? 301 VAL A C   1 
ATOM   619  O O   . VAL A 1 80 ? -0.842  17.748  16.697  1.00 23.67  ? 301 VAL A O   1 
ATOM   620  C CB  . VAL A 1 80 ? 1.192   19.029  15.042  1.00 22.59  ? 301 VAL A CB  1 
ATOM   621  C CG1 . VAL A 1 80 ? 2.379   19.971  14.886  1.00 25.64  ? 301 VAL A CG1 1 
ATOM   622  C CG2 . VAL A 1 80 ? 0.790   18.436  13.676  1.00 24.87  ? 301 VAL A CG2 1 
ATOM   623  N N   . PHE A 1 81 ? 0.326   15.915  16.059  1.00 16.75  ? 302 PHE A N   1 
ATOM   624  C CA  . PHE A 1 81 ? -0.807  14.999  16.109  1.00 16.03  ? 302 PHE A CA  1 
ATOM   625  C C   . PHE A 1 81 ? -0.374  13.586  16.265  1.00 13.93  ? 302 PHE A C   1 
ATOM   626  O O   . PHE A 1 81 ? 0.615   13.125  15.638  1.00 14.71  ? 302 PHE A O   1 
ATOM   627  C CB  . PHE A 1 81 ? -1.644  15.129  14.820  1.00 14.81  ? 302 PHE A CB  1 
ATOM   628  C CG  . PHE A 1 81 ? -2.798  14.186  14.748  1.00 14.51  ? 302 PHE A CG  1 
ATOM   629  C CD1 . PHE A 1 81 ? -4.073  14.570  15.209  1.00 15.06  ? 302 PHE A CD1 1 
ATOM   630  C CD2 . PHE A 1 81 ? -2.665  12.897  14.201  1.00 15.45  ? 302 PHE A CD2 1 
ATOM   631  C CE1 . PHE A 1 81 ? -5.181  13.654  15.161  1.00 15.55  ? 302 PHE A CE1 1 
ATOM   632  C CE2 . PHE A 1 81 ? -3.748  12.024  14.187  1.00 15.28  ? 302 PHE A CE2 1 
ATOM   633  C CZ  . PHE A 1 81 ? -4.982  12.391  14.623  1.00 17.27  ? 302 PHE A CZ  1 
ATOM   634  N N   . GLU A 1 82 ? -1.120  12.792  17.080  1.00 15.04  ? 303 GLU A N   1 
ATOM   635  C CA  . GLU A 1 82 ? -0.896  11.362  17.147  1.00 14.55  ? 303 GLU A CA  1 
ATOM   636  C C   . GLU A 1 82 ? -2.191  10.648  17.455  1.00 13.68  ? 303 GLU A C   1 
ATOM   637  O O   . GLU A 1 82 ? -2.939  11.098  18.290  1.00 15.46  ? 303 GLU A O   1 
ATOM   638  C CB  . GLU A 1 82 ? 0.004   10.870  18.262  1.00 18.78  ? 303 GLU A CB  1 
ATOM   639  C CG  . GLU A 1 82 ? 1.255   11.594  18.484  1.00 26.95  ? 303 GLU A CG  1 
ATOM   640  C CD  . GLU A 1 82 ? 1.963   11.053  19.760  1.00 26.02  ? 303 GLU A CD  1 
ATOM   641  O OE1 . GLU A 1 82 ? 1.500   10.992  20.940  1.00 27.87  ? 303 GLU A OE1 1 
ATOM   642  O OE2 . GLU A 1 82 ? 3.079   10.735  19.513  1.00 28.24  ? 303 GLU A OE2 1 
ATOM   643  N N   . ALA A 1 83 ? -2.412  9.539   16.788  1.00 12.19  ? 304 ALA A N   1 
ATOM   644  C CA  . ALA A 1 83 ? -3.568  8.687   17.082  1.00 11.44  ? 304 ALA A CA  1 
ATOM   645  C C   . ALA A 1 83 ? -3.354  7.297   16.721  1.00 11.32  ? 304 ALA A C   1 
ATOM   646  O O   . ALA A 1 83 ? -2.790  6.968   15.690  1.00 10.74  ? 304 ALA A O   1 
ATOM   647  C CB  . ALA A 1 83 ? -4.798  9.263   16.304  1.00 11.38  ? 304 ALA A CB  1 
ATOM   648  N N   . LEU A 1 84 ? -3.867  6.352   17.555  1.00 13.78  ? 305 LEU A N   1 
ATOM   649  C CA  . LEU A 1 84 ? -3.845  5.006   17.155  1.00 14.85  ? 305 LEU A CA  1 
ATOM   650  C C   . LEU A 1 84 ? -4.815  4.762   16.015  1.00 15.82  ? 305 LEU A C   1 
ATOM   651  O O   . LEU A 1 84 ? -6.014  5.176   16.056  1.00 19.60  ? 305 LEU A O   1 
ATOM   652  C CB  . LEU A 1 84 ? -4.259  4.127   18.307  1.00 20.51  ? 305 LEU A CB  1 
ATOM   653  C CG  . LEU A 1 84 ? -3.335  3.530   19.275  1.00 23.95  ? 305 LEU A CG  1 
ATOM   654  C CD1 . LEU A 1 84 ? -4.201  2.578   20.138  1.00 25.74  ? 305 LEU A CD1 1 
ATOM   655  C CD2 . LEU A 1 84 ? -2.225  2.778   18.532  1.00 22.21  ? 305 LEU A CD2 1 
ATOM   656  N N   . ILE A 1 85 ? -4.355  4.152   14.980  1.00 12.95  ? 306 ILE A N   1 
ATOM   657  C CA  . ILE A 1 85 ? -5.185  3.732   13.875  1.00 14.74  ? 306 ILE A CA  1 
ATOM   658  C C   . ILE A 1 85 ? -5.354  2.218   13.644  1.00 17.17  ? 306 ILE A C   1 
ATOM   659  O O   . ILE A 1 85 ? -6.103  1.764   12.712  1.00 19.62  ? 306 ILE A O   1 
ATOM   660  C CB  . ILE A 1 85 ? -4.816  4.474   12.591  1.00 16.77  ? 306 ILE A CB  1 
ATOM   661  C CG1 . ILE A 1 85 ? -3.458  4.111   12.130  1.00 18.66  ? 306 ILE A CG1 1 
ATOM   662  C CG2 . ILE A 1 85 ? -5.010  5.960   12.804  1.00 19.35  ? 306 ILE A CG2 1 
ATOM   663  C CD1 . ILE A 1 85 ? -3.148  4.675   10.736  1.00 19.02  ? 306 ILE A CD1 1 
ATOM   664  N N   . GLN A 1 86 ? -4.584  1.422   14.372  1.00 14.46  ? 307 GLN A N   1 
ATOM   665  C CA  . GLN A 1 86 ? -4.735  -0.011  14.309  1.00 16.26  ? 307 GLN A CA  1 
ATOM   666  C C   . GLN A 1 86 ? -4.325  -0.601  15.631  1.00 19.73  ? 307 GLN A C   1 
ATOM   667  O O   . GLN A 1 86 ? -3.393  -0.148  16.266  1.00 16.13  ? 307 GLN A O   1 
ATOM   668  C CB  . GLN A 1 86 ? -3.885  -0.621  13.220  1.00 17.67  ? 307 GLN A CB  1 
ATOM   669  C CG  . GLN A 1 86 ? -3.978  -2.173  13.079  1.00 18.27  ? 307 GLN A CG  1 
ATOM   670  C CD  . GLN A 1 86 ? -3.273  -2.653  11.846  1.00 19.89  ? 307 GLN A CD  1 
ATOM   671  O OE1 . GLN A 1 86 ? -3.782  -2.494  10.738  1.00 23.33  ? 307 GLN A OE1 1 
ATOM   672  N NE2 . GLN A 1 86 ? -2.041  -3.120  11.996  1.00 22.50  ? 307 GLN A NE2 1 
ATOM   673  N N   . ARG A 1 87 ? -5.154  -1.562  16.063  1.00 21.31  ? 308 ARG A N   1 
ATOM   674  C CA  . ARG A 1 87 ? -4.826  -2.361  17.238  1.00 28.59  ? 308 ARG A CA  1 
ATOM   675  C C   . ARG A 1 87 ? -4.767  -3.832  16.895  1.00 31.34  ? 308 ARG A C   1 
ATOM   676  O O   . ARG A 1 87 ? -5.111  -4.268  15.749  1.00 30.62  ? 308 ARG A O   1 
ATOM   677  C CB  . ARG A 1 87 ? -5.874  -2.206  18.343  1.00 36.58  ? 308 ARG A CB  1 
ATOM   678  C CG  . ARG A 1 87 ? -6.277  -0.812  18.678  1.00 38.47  ? 308 ARG A CG  1 
ATOM   679  C CD  . ARG A 1 87 ? -7.583  -0.796  19.470  1.00 46.44  ? 308 ARG A CD  1 
ATOM   680  N NE  . ARG A 1 87 ? -7.437  -1.330  20.818  1.00 52.37  ? 308 ARG A NE  1 
ATOM   681  C CZ  . ARG A 1 87 ? -6.809  -0.707  21.812  1.00 56.89  ? 308 ARG A CZ  1 
ATOM   682  N NH1 . ARG A 1 87 ? -6.242  0.477   21.622  1.00 63.10  ? 308 ARG A NH1 1 
ATOM   683  N NH2 . ARG A 1 87 ? -6.726  -1.278  23.001  1.00 59.10  ? 308 ARG A NH2 1 
ATOM   684  N N   . PRO A 1 88 ? -4.241  -4.597  17.843  1.00 28.37  ? 309 PRO A N   1 
ATOM   685  C CA  . PRO A 1 88 ? -4.502  -6.037  17.856  1.00 35.84  ? 309 PRO A CA  1 
ATOM   686  C C   . PRO A 1 88 ? -5.960  -6.175  18.340  1.00 39.34  ? 309 PRO A C   1 
ATOM   687  O O   . PRO A 1 88 ? -6.288  -5.649  19.405  1.00 39.99  ? 309 PRO A O   1 
ATOM   688  C CB  . PRO A 1 88 ? -3.517  -6.566  18.916  1.00 30.89  ? 309 PRO A CB  1 
ATOM   689  C CG  . PRO A 1 88 ? -2.483  -5.482  19.061  1.00 27.83  ? 309 PRO A CG  1 
ATOM   690  C CD  . PRO A 1 88 ? -3.210  -4.192  18.805  1.00 24.42  ? 309 PRO A CD  1 
ATOM   691  N N   . ASP A 1 89 ? -6.843  -6.806  17.591  1.00 50.44  ? 310 ASP A N   1 
ATOM   692  C CA  . ASP A 1 89 ? -8.234  -6.835  18.078  1.00 63.38  ? 310 ASP A CA  1 
ATOM   693  C C   . ASP A 1 89 ? -8.514  -8.076  18.925  1.00 62.21  ? 310 ASP A C   1 
ATOM   694  O O   . ASP A 1 89 ? -9.399  -8.893  18.645  1.00 62.83  ? 310 ASP A O   1 
ATOM   695  C CB  . ASP A 1 89 ? -9.279  -6.526  16.985  1.00 68.91  ? 310 ASP A CB  1 
ATOM   696  C CG  . ASP A 1 89 ? -9.679  -5.022  16.958  1.00 79.52  ? 310 ASP A CG  1 
ATOM   697  O OD1 . ASP A 1 89 ? -9.249  -4.257  17.861  1.00 76.48  ? 310 ASP A OD1 1 
ATOM   698  O OD2 . ASP A 1 89 ? -10.429 -4.599  16.040  1.00 81.67  ? 310 ASP A OD2 1 
ATOM   699  N N   . GLY A 1 90 ? -7.699  -8.176  19.975  1.00 65.11  ? 311 GLY A N   1 
ATOM   700  C CA  . GLY A 1 90 ? -8.059  -8.882  21.184  1.00 74.01  ? 311 GLY A CA  1 
ATOM   701  C C   . GLY A 1 90 ? -7.637  -8.087  22.405  1.00 74.03  ? 311 GLY A C   1 
ATOM   702  O O   . GLY A 1 90 ? -6.710  -7.280  22.337  1.00 84.40  ? 311 GLY A O   1 
ATOM   703  N N   . SER A 1 91 ? -8.327  -8.309  23.518  1.00 79.04  ? 312 SER A N   1 
ATOM   704  C CA  . SER A 1 91 ? -7.868  -7.837  24.838  1.00 87.85  ? 312 SER A CA  1 
ATOM   705  C C   . SER A 1 91 ? -8.416  -8.699  25.997  1.00 78.94  ? 312 SER A C   1 
ATOM   706  O O   . SER A 1 91 ? -7.661  -9.357  26.726  1.00 64.96  ? 312 SER A O   1 
ATOM   707  C CB  . SER A 1 91 ? -8.240  -6.364  25.047  1.00 94.92  ? 312 SER A CB  1 
ATOM   708  O OG  . SER A 1 91 ? -7.537  -5.527  24.139  1.00 103.47 ? 312 SER A OG  1 
ATOM   709  N N   . PHE B 1 3  ? 8.314   -5.818  1.553   1.00 47.21  ? 224 PHE B N   1 
ATOM   710  C CA  . PHE B 1 3  ? 7.255   -6.889  1.481   1.00 45.74  ? 224 PHE B CA  1 
ATOM   711  C C   . PHE B 1 3  ? 7.275   -7.599  0.145   1.00 40.10  ? 224 PHE B C   1 
ATOM   712  O O   . PHE B 1 3  ? 7.222   -8.821  0.098   1.00 35.87  ? 224 PHE B O   1 
ATOM   713  C CB  . PHE B 1 3  ? 5.852   -6.293  1.666   1.00 48.84  ? 224 PHE B CB  1 
ATOM   714  C CG  . PHE B 1 3  ? 4.732   -7.218  1.248   1.00 46.69  ? 224 PHE B CG  1 
ATOM   715  C CD1 . PHE B 1 3  ? 4.366   -8.282  2.039   1.00 45.68  ? 224 PHE B CD1 1 
ATOM   716  C CD2 . PHE B 1 3  ? 4.049   -7.016  0.053   1.00 55.67  ? 224 PHE B CD2 1 
ATOM   717  C CE1 . PHE B 1 3  ? 3.338   -9.123  1.668   1.00 52.18  ? 224 PHE B CE1 1 
ATOM   718  C CE2 . PHE B 1 3  ? 3.019   -7.860  -0.333  1.00 54.22  ? 224 PHE B CE2 1 
ATOM   719  C CZ  . PHE B 1 3  ? 2.664   -8.918  0.478   1.00 54.52  ? 224 PHE B CZ  1 
ATOM   720  N N   . LEU B 1 4  ? 7.256   -6.806  -0.921  1.00 33.19  ? 225 LEU B N   1 
ATOM   721  C CA  . LEU B 1 4  ? 7.304   -7.306  -2.273  1.00 27.92  ? 225 LEU B CA  1 
ATOM   722  C C   . LEU B 1 4  ? 8.668   -7.957  -2.538  1.00 26.83  ? 225 LEU B C   1 
ATOM   723  O O   . LEU B 1 4  ? 9.709   -7.482  -2.043  1.00 25.54  ? 225 LEU B O   1 
ATOM   724  C CB  . LEU B 1 4  ? 7.172   -6.171  -3.282  1.00 27.95  ? 225 LEU B CB  1 
ATOM   725  C CG  . LEU B 1 4  ? 5.833   -5.438  -3.366  1.00 27.16  ? 225 LEU B CG  1 
ATOM   726  C CD1 . LEU B 1 4  ? 5.960   -4.323  -4.366  1.00 27.64  ? 225 LEU B CD1 1 
ATOM   727  C CD2 . LEU B 1 4  ? 4.756   -6.384  -3.813  1.00 27.12  ? 225 LEU B CD2 1 
ATOM   728  N N   . SER B 1 5  ? 8.637   -9.022  -3.320  1.00 26.42  ? 226 SER B N   1 
ATOM   729  C CA  . SER B 1 5  ? 9.819   -9.779  -3.615  1.00 25.46  ? 226 SER B CA  1 
ATOM   730  C C   . SER B 1 5  ? 10.681  -9.048  -4.633  1.00 23.59  ? 226 SER B C   1 
ATOM   731  O O   . SER B 1 5  ? 10.229  -8.247  -5.461  1.00 21.35  ? 226 SER B O   1 
ATOM   732  C CB  . SER B 1 5  ? 9.414   -11.182 -4.121  1.00 30.39  ? 226 SER B CB  1 
ATOM   733  O OG  . SER B 1 5  ? 8.944   -11.057 -5.469  1.00 28.80  ? 226 SER B OG  1 
ATOM   734  N N   . SER B 1 6  ? 11.970  -9.303  -4.577  1.00 22.17  ? 227 SER B N   1 
ATOM   735  C CA  . SER B 1 6  ? 12.849  -8.795  -5.583  1.00 21.87  ? 227 SER B CA  1 
ATOM   736  C C   . SER B 1 6  ? 12.422  -9.140  -7.005  1.00 20.68  ? 227 SER B C   1 
ATOM   737  O O   . SER B 1 6  ? 12.564  -8.362  -7.877  1.00 22.18  ? 227 SER B O   1 
ATOM   738  C CB  . SER B 1 6  ? 14.277  -9.352  -5.358  1.00 25.37  ? 227 SER B CB  1 
ATOM   739  O OG  . SER B 1 6  ? 14.639  -9.054  -4.034  1.00 25.20  ? 227 SER B OG  1 
ATOM   740  N N   . GLU B 1 7  ? 11.946  -10.356 -7.193  1.00 23.84  ? 228 GLU B N   1 
ATOM   741  C CA  . GLU B 1 7  ? 11.491  -10.849 -8.484  1.00 24.80  ? 228 GLU B CA  1 
ATOM   742  C C   . GLU B 1 7  ? 10.309  -10.020 -9.024  1.00 22.63  ? 228 GLU B C   1 
ATOM   743  O O   . GLU B 1 7  ? 10.275  -9.695  -10.207 1.00 23.90  ? 228 GLU B O   1 
ATOM   744  C CB  . GLU B 1 7  ? 11.060  -12.323 -8.290  1.00 25.84  ? 228 GLU B CB  1 
ATOM   745  C CG  . GLU B 1 7  ? 12.192  -13.296 -7.911  1.00 31.71  ? 228 GLU B CG  1 
ATOM   746  C CD  . GLU B 1 7  ? 12.722  -13.204 -6.452  1.00 31.47  ? 228 GLU B CD  1 
ATOM   747  O OE1 . GLU B 1 7  ? 11.972  -13.012 -5.435  1.00 30.96  ? 228 GLU B OE1 1 
ATOM   748  O OE2 . GLU B 1 7  ? 13.952  -13.455 -6.329  1.00 37.83  ? 228 GLU B OE2 1 
ATOM   749  N N   . VAL B 1 8  ? 9.369   -9.687  -8.145  1.00 25.01  ? 229 VAL B N   1 
ATOM   750  C CA  . VAL B 1 8  ? 8.216   -8.857  -8.600  1.00 22.02  ? 229 VAL B CA  1 
ATOM   751  C C   . VAL B 1 8  ? 8.727   -7.466  -8.879  1.00 20.78  ? 229 VAL B C   1 
ATOM   752  O O   . VAL B 1 8  ? 8.372   -6.854  -9.892  1.00 22.96  ? 229 VAL B O   1 
ATOM   753  C CB  . VAL B 1 8  ? 7.091   -8.831  -7.556  1.00 23.03  ? 229 VAL B CB  1 
ATOM   754  C CG1 . VAL B 1 8  ? 6.062   -7.748  -7.888  1.00 27.53  ? 229 VAL B CG1 1 
ATOM   755  C CG2 . VAL B 1 8  ? 6.464   -10.192 -7.423  1.00 26.63  ? 229 VAL B CG2 1 
ATOM   756  N N   . ILE B 1 9  ? 9.557   -6.893  -7.966  1.00 18.64  ? 230 ILE B N   1 
ATOM   757  C CA  . ILE B 1 9  ? 10.079  -5.541  -8.235  1.00 18.24  ? 230 ILE B CA  1 
ATOM   758  C C   . ILE B 1 9  ? 10.845  -5.465  -9.564  1.00 17.83  ? 230 ILE B C   1 
ATOM   759  O O   . ILE B 1 9  ? 10.700  -4.536  -10.336 1.00 21.72  ? 230 ILE B O   1 
ATOM   760  C CB  . ILE B 1 9  ? 11.000  -5.114  -7.044  1.00 19.40  ? 230 ILE B CB  1 
ATOM   761  C CG1 . ILE B 1 9  ? 10.139  -4.886  -5.811  1.00 19.32  ? 230 ILE B CG1 1 
ATOM   762  C CG2 . ILE B 1 9  ? 11.819  -3.910  -7.380  1.00 21.65  ? 230 ILE B CG2 1 
ATOM   763  C CD1 . ILE B 1 9  ? 10.855  -4.952  -4.470  1.00 16.31  ? 230 ILE B CD1 1 
ATOM   764  N N   . THR B 1 10 ? 11.702  -6.452  -9.833  1.00 22.98  ? 231 THR B N   1 
ATOM   765  C CA  . THR B 1 10 ? 12.454  -6.568  -11.069 1.00 27.51  ? 231 THR B CA  1 
ATOM   766  C C   . THR B 1 10 ? 11.567  -6.613  -12.303 1.00 25.02  ? 231 THR B C   1 
ATOM   767  O O   . THR B 1 10 ? 11.734  -5.853  -13.270 1.00 25.53  ? 231 THR B O   1 
ATOM   768  C CB  . THR B 1 10 ? 13.336  -7.838  -11.013 1.00 28.56  ? 231 THR B CB  1 
ATOM   769  O OG1 . THR B 1 10 ? 14.300  -7.707  -9.957  1.00 28.62  ? 231 THR B OG1 1 
ATOM   770  C CG2 . THR B 1 10 ? 14.085  -7.997  -12.327 1.00 31.80  ? 231 THR B CG2 1 
ATOM   771  N N   . GLN B 1 11 ? 10.530  -7.432  -12.229 1.00 27.03  ? 232 GLN B N   1 
ATOM   772  C CA  . GLN B 1 11 ? 9.525   -7.473  -13.328 1.00 26.55  ? 232 GLN B CA  1 
ATOM   773  C C   . GLN B 1 11 ? 8.816   -6.129  -13.553 1.00 24.01  ? 232 GLN B C   1 
ATOM   774  O O   . GLN B 1 11 ? 8.629   -5.693  -14.652 1.00 22.88  ? 232 GLN B O   1 
ATOM   775  C CB  . GLN B 1 11 ? 8.537   -8.619  -13.110 1.00 28.60  ? 232 GLN B CB  1 
ATOM   776  C CG  . GLN B 1 11 ? 7.636   -8.891  -14.334 1.00 34.72  ? 232 GLN B CG  1 
ATOM   777  C CD  . GLN B 1 11 ? 8.384   -9.350  -15.614 1.00 36.93  ? 232 GLN B CD  1 
ATOM   778  O OE1 . GLN B 1 11 ? 8.614   -8.571  -16.581 1.00 36.34  ? 232 GLN B OE1 1 
ATOM   779  N NE2 . GLN B 1 11 ? 8.727   -10.621 -15.636 1.00 38.58  ? 232 GLN B NE2 1 
ATOM   780  N N   . VAL B 1 12 ? 8.432   -5.454  -12.481 1.00 21.72  ? 233 VAL B N   1 
ATOM   781  C CA  . VAL B 1 12 ? 7.764   -4.181  -12.615 1.00 19.72  ? 233 VAL B CA  1 
ATOM   782  C C   . VAL B 1 12 ? 8.723   -3.160  -13.244 1.00 19.24  ? 233 VAL B C   1 
ATOM   783  O O   . VAL B 1 12 ? 8.346   -2.407  -14.171 1.00 21.53  ? 233 VAL B O   1 
ATOM   784  C CB  . VAL B 1 12 ? 7.231   -3.701  -11.218 1.00 19.01  ? 233 VAL B CB  1 
ATOM   785  C CG1 . VAL B 1 12 ? 6.851   -2.234  -11.194 1.00 19.66  ? 233 VAL B CG1 1 
ATOM   786  C CG2 . VAL B 1 12 ? 6.036   -4.528  -10.782 1.00 16.86  ? 233 VAL B CG2 1 
ATOM   787  N N   . ARG B 1 13 ? 9.933   -3.104  -12.720 1.00 23.61  ? 234 ARG B N   1 
ATOM   788  C CA  . ARG B 1 13 ? 10.962  -2.185  -13.284 1.00 27.49  ? 234 ARG B CA  1 
ATOM   789  C C   . ARG B 1 13 ? 11.178  -2.406  -14.770 1.00 27.90  ? 234 ARG B C   1 
ATOM   790  O O   . ARG B 1 13 ? 11.198  -1.473  -15.568 1.00 30.00  ? 234 ARG B O   1 
ATOM   791  C CB  . ARG B 1 13 ? 12.284  -2.395  -12.589 1.00 31.31  ? 234 ARG B CB  1 
ATOM   792  C CG  . ARG B 1 13 ? 12.335  -1.768  -11.237 1.00 36.80  ? 234 ARG B CG  1 
ATOM   793  C CD  . ARG B 1 13 ? 13.783  -1.557  -10.813 1.00 42.96  ? 234 ARG B CD  1 
ATOM   794  N NE  . ARG B 1 13 ? 13.748  -1.036  -9.463  1.00 42.24  ? 234 ARG B NE  1 
ATOM   795  C CZ  . ARG B 1 13 ? 14.281  -1.605  -8.393  1.00 47.09  ? 234 ARG B CZ  1 
ATOM   796  N NH1 . ARG B 1 13 ? 15.001  -2.722  -8.478  1.00 54.60  ? 234 ARG B NH1 1 
ATOM   797  N NH2 . ARG B 1 13 ? 14.117  -1.009  -7.222  1.00 48.88  ? 234 ARG B NH2 1 
ATOM   798  N N   . SER B 1 14 ? 11.286  -3.669  -15.137 1.00 29.91  ? 235 SER B N   1 
ATOM   799  C CA  . SER B 1 14 ? 11.398  -4.003  -16.553 1.00 31.37  ? 235 SER B CA  1 
ATOM   800  C C   . SER B 1 14 ? 10.260  -3.465  -17.428 1.00 27.70  ? 235 SER B C   1 
ATOM   801  O O   . SER B 1 14 ? 10.489  -2.843  -18.471 1.00 28.40  ? 235 SER B O   1 
ATOM   802  C CB  . SER B 1 14 ? 11.559  -5.510  -16.735 1.00 33.70  ? 235 SER B CB  1 
ATOM   803  O OG  . SER B 1 14 ? 11.492  -5.818  -18.120 1.00 37.89  ? 235 SER B OG  1 
ATOM   804  N N   . LEU B 1 15 ? 9.019   -3.699  -17.018 1.00 24.90  ? 236 LEU B N   1 
ATOM   805  C CA  . LEU B 1 15 ? 7.862   -3.207  -17.731 1.00 21.36  ? 236 LEU B CA  1 
ATOM   806  C C   . LEU B 1 15 ? 7.842   -1.664  -17.800 1.00 28.25  ? 236 LEU B C   1 
ATOM   807  O O   . LEU B 1 15 ? 7.503   -1.042  -18.850 1.00 25.78  ? 236 LEU B O   1 
ATOM   808  C CB  . LEU B 1 15 ? 6.566   -3.742  -17.058 1.00 23.99  ? 236 LEU B CB  1 
ATOM   809  C CG  . LEU B 1 15 ? 6.364   -5.262  -17.174 1.00 22.17  ? 236 LEU B CG  1 
ATOM   810  C CD1 . LEU B 1 15 ? 5.166   -5.629  -16.353 1.00 22.76  ? 236 LEU B CD1 1 
ATOM   811  C CD2 . LEU B 1 15 ? 6.082   -5.677  -18.652 1.00 24.80  ? 236 LEU B CD2 1 
ATOM   812  N N   . LEU B 1 16 ? 8.120   -1.034  -16.666 1.00 27.35  ? 237 LEU B N   1 
ATOM   813  C CA  . LEU B 1 16 ? 8.139   0.432   -16.630 1.00 29.24  ? 237 LEU B CA  1 
ATOM   814  C C   . LEU B 1 16 ? 9.245   0.972   -17.547 1.00 30.41  ? 237 LEU B C   1 
ATOM   815  O O   . LEU B 1 16 ? 9.025   1.931   -18.241 1.00 31.24  ? 237 LEU B O   1 
ATOM   816  C CB  . LEU B 1 16 ? 8.325   0.972   -15.194 1.00 29.44  ? 237 LEU B CB  1 
ATOM   817  C CG  . LEU B 1 16 ? 7.129   0.766   -14.239 1.00 29.43  ? 237 LEU B CG  1 
ATOM   818  C CD1 . LEU B 1 16 ? 7.541   1.167   -12.804 1.00 27.88  ? 237 LEU B CD1 1 
ATOM   819  C CD2 . LEU B 1 16 ? 5.893   1.501   -14.736 1.00 27.85  ? 237 LEU B CD2 1 
ATOM   820  N N   . ASN B 1 17 ? 10.408  0.352   -17.489 1.00 34.33  ? 238 ASN B N   1 
ATOM   821  C CA  . ASN B 1 17 ? 11.587  0.791   -18.283 1.00 40.35  ? 238 ASN B CA  1 
ATOM   822  C C   . ASN B 1 17 ? 11.383  0.612   -19.777 1.00 38.74  ? 238 ASN B C   1 
ATOM   823  O O   . ASN B 1 17 ? 12.040  1.283   -20.574 1.00 43.27  ? 238 ASN B O   1 
ATOM   824  C CB  . ASN B 1 17 ? 12.841  0.051   -17.846 1.00 41.79  ? 238 ASN B CB  1 
ATOM   825  C CG  . ASN B 1 17 ? 13.284  0.456   -16.465 1.00 49.00  ? 238 ASN B CG  1 
ATOM   826  O OD1 . ASN B 1 17 ? 12.676  1.337   -15.824 1.00 60.17  ? 238 ASN B OD1 1 
ATOM   827  N ND2 . ASN B 1 17 ? 14.332  -0.187  -15.981 1.00 53.34  ? 238 ASN B ND2 1 
ATOM   828  N N   . GLN B 1 18 ? 10.452  -0.273  -20.142 1.00 38.05  ? 239 GLN B N   1 
ATOM   829  C CA  . GLN B 1 18 ? 10.018  -0.432  -21.520 1.00 34.88  ? 239 GLN B CA  1 
ATOM   830  C C   . GLN B 1 18 ? 8.838   0.421   -21.853 1.00 33.86  ? 239 GLN B C   1 
ATOM   831  O O   . GLN B 1 18 ? 8.253   0.292   -22.916 1.00 33.02  ? 239 GLN B O   1 
ATOM   832  C CB  . GLN B 1 18 ? 9.652   -1.890  -21.790 1.00 37.72  ? 239 GLN B CB  1 
ATOM   833  C CG  . GLN B 1 18 ? 10.799  -2.857  -21.639 1.00 39.02  ? 239 GLN B CG  1 
ATOM   834  C CD  . GLN B 1 18 ? 10.322  -4.271  -21.857 1.00 47.50  ? 239 GLN B CD  1 
ATOM   835  O OE1 . GLN B 1 18 ? 10.307  -5.089  -20.927 1.00 50.90  ? 239 GLN B OE1 1 
ATOM   836  N NE2 . GLN B 1 18 ? 9.864   -4.557  -23.083 1.00 53.17  ? 239 GLN B NE2 1 
ATOM   837  N N   . GLY B 1 19 ? 8.456   1.310   -20.946 1.00 27.48  ? 240 GLY B N   1 
ATOM   838  C CA  . GLY B 1 19 ? 7.367   2.241   -21.256 1.00 27.40  ? 240 GLY B CA  1 
ATOM   839  C C   . GLY B 1 19 ? 5.963   1.755   -21.139 1.00 27.73  ? 240 GLY B C   1 
ATOM   840  O O   . GLY B 1 19 ? 5.043   2.420   -21.615 1.00 28.61  ? 240 GLY B O   1 
ATOM   841  N N   . TYR B 1 20 ? 5.738   0.608   -20.469 1.00 30.09  ? 241 TYR B N   1 
ATOM   842  C CA  . TYR B 1 20 ? 4.373   0.111   -20.261 1.00 28.02  ? 241 TYR B CA  1 
ATOM   843  C C   . TYR B 1 20 ? 3.721   0.645   -18.957 1.00 26.75  ? 241 TYR B C   1 
ATOM   844  O O   . TYR B 1 20 ? 4.429   1.056   -18.071 1.00 29.49  ? 241 TYR B O   1 
ATOM   845  C CB  . TYR B 1 20 ? 4.370   -1.440  -20.193 1.00 31.55  ? 241 TYR B CB  1 
ATOM   846  C CG  . TYR B 1 20 ? 4.931   -2.051  -21.474 1.00 33.69  ? 241 TYR B CG  1 
ATOM   847  C CD1 . TYR B 1 20 ? 4.396   -1.670  -22.707 1.00 41.10  ? 241 TYR B CD1 1 
ATOM   848  C CD2 . TYR B 1 20 ? 6.020   -2.921  -21.463 1.00 38.36  ? 241 TYR B CD2 1 
ATOM   849  C CE1 . TYR B 1 20 ? 4.907   -2.162  -23.904 1.00 41.69  ? 241 TYR B CE1 1 
ATOM   850  C CE2 . TYR B 1 20 ? 6.556   -3.432  -22.651 1.00 41.42  ? 241 TYR B CE2 1 
ATOM   851  C CZ  . TYR B 1 20 ? 5.978   -3.036  -23.869 1.00 42.24  ? 241 TYR B CZ  1 
ATOM   852  O OH  . TYR B 1 20 ? 6.461   -3.497  -25.070 1.00 43.82  ? 241 TYR B OH  1 
ATOM   853  N N   . ARG B 1 21 ? 2.393   0.620   -18.908 1.00 25.32  ? 242 ARG B N   1 
ATOM   854  C CA  . ARG B 1 21 ? 1.631   0.855   -17.703 1.00 24.70  ? 242 ARG B CA  1 
ATOM   855  C C   . ARG B 1 21 ? 1.443   -0.458  -16.947 1.00 24.82  ? 242 ARG B C   1 
ATOM   856  O O   . ARG B 1 21 ? 1.559   -1.529  -17.558 1.00 22.32  ? 242 ARG B O   1 
ATOM   857  C CB  . ARG B 1 21 ? 0.309   1.475   -18.037 1.00 30.07  ? 242 ARG B CB  1 
ATOM   858  C CG  . ARG B 1 21 ? 0.499   2.822   -18.705 1.00 39.30  ? 242 ARG B CG  1 
ATOM   859  C CD  . ARG B 1 21 ? -0.847  3.482   -19.014 1.00 46.24  ? 242 ARG B CD  1 
ATOM   860  N NE  . ARG B 1 21 ? -1.529  3.866   -17.790 1.00 50.51  ? 242 ARG B NE  1 
ATOM   861  C CZ  . ARG B 1 21 ? -1.194  4.917   -17.046 1.00 51.81  ? 242 ARG B CZ  1 
ATOM   862  N NH1 . ARG B 1 21 ? -0.199  5.728   -17.417 1.00 52.21  ? 242 ARG B NH1 1 
ATOM   863  N NH2 . ARG B 1 21 ? -1.860  5.154   -15.929 1.00 51.73  ? 242 ARG B NH2 1 
ATOM   864  N N   . ILE B 1 22 ? 1.213   -0.365  -15.640 1.00 21.25  ? 243 ILE B N   1 
ATOM   865  C CA  . ILE B 1 22 ? 1.121   -1.579  -14.790 1.00 21.95  ? 243 ILE B CA  1 
ATOM   866  C C   . ILE B 1 22 ? -0.317  -1.706  -14.361 1.00 20.33  ? 243 ILE B C   1 
ATOM   867  O O   . ILE B 1 22 ? -1.016  -0.716  -14.004 1.00 18.76  ? 243 ILE B O   1 
ATOM   868  C CB  . ILE B 1 22 ? 2.033   -1.430  -13.571 1.00 22.34  ? 243 ILE B CB  1 
ATOM   869  C CG1 . ILE B 1 22 ? 3.501   -1.223  -13.954 1.00 24.67  ? 243 ILE B CG1 1 
ATOM   870  C CG2 . ILE B 1 22 ? 1.899   -2.599  -12.566 1.00 20.60  ? 243 ILE B CG2 1 
ATOM   871  C CD1 . ILE B 1 22 ? 4.155   -2.329  -14.723 1.00 24.47  ? 243 ILE B CD1 1 
ATOM   872  N N   . GLY B 1 23 ? -0.838  -2.934  -14.338 1.00 17.91  ? 244 GLY B N   1 
ATOM   873  C CA  . GLY B 1 23 ? -2.111  -3.226  -13.688 1.00 16.94  ? 244 GLY B CA  1 
ATOM   874  C C   . GLY B 1 23 ? -2.121  -4.533  -12.885 1.00 17.03  ? 244 GLY B C   1 
ATOM   875  O O   . GLY B 1 23 ? -1.104  -5.243  -12.880 1.00 15.06  ? 244 GLY B O   1 
ATOM   876  N N   . THR B 1 24 ? -3.258  -4.870  -12.290 1.00 18.96  ? 245 THR B N   1 
ATOM   877  C CA  . THR B 1 24 ? -3.359  -6.120  -11.534 1.00 19.48  ? 245 THR B CA  1 
ATOM   878  C C   . THR B 1 24 ? -4.743  -6.635  -11.558 1.00 19.20  ? 245 THR B C   1 
ATOM   879  O O   . THR B 1 24 ? -5.695  -5.849  -11.678 1.00 20.11  ? 245 THR B O   1 
ATOM   880  C CB  . THR B 1 24 ? -2.942  -5.905  -10.054 1.00 27.98  ? 245 THR B CB  1 
ATOM   881  O OG1 . THR B 1 24 ? -3.457  -4.642  -9.606  1.00 33.10  ? 245 THR B OG1 1 
ATOM   882  C CG2 . THR B 1 24 ? -1.468  -5.936  -9.893  1.00 28.40  ? 245 THR B CG2 1 
ATOM   883  N N   . GLU B 1 25 ? -4.913  -7.919  -11.323 1.00 16.01  ? 246 GLU B N   1 
ATOM   884  C CA  . GLU B 1 25 ? -6.250  -8.445  -11.152 1.00 16.05  ? 246 GLU B CA  1 
ATOM   885  C C   . GLU B 1 25 ? -6.121  -9.672  -10.283 1.00 17.14  ? 246 GLU B C   1 
ATOM   886  O O   . GLU B 1 25 ? -5.035  -10.232 -10.101 1.00 15.83  ? 246 GLU B O   1 
ATOM   887  C CB  . GLU B 1 25 ? -6.851  -8.841  -12.524 1.00 16.35  ? 246 GLU B CB  1 
ATOM   888  C CG  . GLU B 1 25 ? -6.042  -9.842  -13.319 1.00 16.87  ? 246 GLU B CG  1 
ATOM   889  C CD  . GLU B 1 25 ? -6.506  -10.171 -14.755 1.00 19.80  ? 246 GLU B CD  1 
ATOM   890  O OE1 . GLU B 1 25 ? -7.462  -9.596  -15.267 1.00 22.08  ? 246 GLU B OE1 1 
ATOM   891  O OE2 . GLU B 1 25 ? -5.843  -10.954 -15.397 1.00 21.71  ? 246 GLU B OE2 1 
ATOM   892  N N   . HIS B 1 26 ? -7.247  -10.067 -9.730  1.00 16.06  ? 247 HIS B N   1 
ATOM   893  C CA  . HIS B 1 26 ? -7.274  -11.086 -8.720  1.00 18.10  ? 247 HIS B CA  1 
ATOM   894  C C   . HIS B 1 26 ? -8.439  -12.041 -8.899  1.00 18.44  ? 247 HIS B C   1 
ATOM   895  O O   . HIS B 1 26 ? -9.458  -11.686 -9.530  1.00 18.27  ? 247 HIS B O   1 
ATOM   896  C CB  . HIS B 1 26 ? -7.375  -10.440 -7.345  1.00 19.46  ? 247 HIS B CB  1 
ATOM   897  C CG  . HIS B 1 26 ? -8.640  -9.638  -7.115  1.00 19.57  ? 247 HIS B CG  1 
ATOM   898  N ND1 . HIS B 1 26 ? -9.744  -10.185 -6.499  1.00 22.92  ? 247 HIS B ND1 1 
ATOM   899  C CD2 . HIS B 1 26 ? -8.974  -8.350  -7.412  1.00 22.04  ? 247 HIS B CD2 1 
ATOM   900  C CE1 . HIS B 1 26 ? -10.705 -9.275  -6.418  1.00 21.81  ? 247 HIS B CE1 1 
ATOM   901  N NE2 . HIS B 1 26 ? -10.281 -8.156  -6.996  1.00 21.15  ? 247 HIS B NE2 1 
ATOM   902  N N   . ALA B 1 27 ? -8.263  -13.218 -8.345  1.00 21.94  ? 248 ALA B N   1 
ATOM   903  C CA  . ALA B 1 27 ? -9.349  -14.231 -8.372  1.00 23.51  ? 248 ALA B CA  1 
ATOM   904  C C   . ALA B 1 27 ? -9.204  -15.189 -7.217  1.00 28.94  ? 248 ALA B C   1 
ATOM   905  O O   . ALA B 1 27 ? -8.127  -15.728 -7.000  1.00 24.55  ? 248 ALA B O   1 
ATOM   906  C CB  . ALA B 1 27 ? -9.282  -14.989 -9.690  1.00 23.10  ? 248 ALA B CB  1 
ATOM   907  N N   . ASP B 1 28 ? -10.295 -15.429 -6.493  1.00 36.32  ? 249 ASP B N   1 
ATOM   908  C CA  . ASP B 1 28 ? -10.315 -16.535 -5.514  1.00 38.57  ? 249 ASP B CA  1 
ATOM   909  C C   . ASP B 1 28 ? -10.287 -17.871 -6.226  1.00 40.09  ? 249 ASP B C   1 
ATOM   910  O O   . ASP B 1 28 ? -10.275 -17.926 -7.452  1.00 39.63  ? 249 ASP B O   1 
ATOM   911  C CB  . ASP B 1 28 ? -11.525 -16.424 -4.565  1.00 40.84  ? 249 ASP B CB  1 
ATOM   912  C CG  . ASP B 1 28 ? -12.870 -16.669 -5.244  1.00 41.59  ? 249 ASP B CG  1 
ATOM   913  O OD1 . ASP B 1 28 ? -12.945 -17.197 -6.363  1.00 49.24  ? 249 ASP B OD1 1 
ATOM   914  O OD2 . ASP B 1 28 ? -13.877 -16.304 -4.610  1.00 49.56  ? 249 ASP B OD2 1 
ATOM   915  N N   . LYS B 1 29 ? -10.220 -18.970 -5.473  1.00 42.20  ? 250 LYS B N   1 
ATOM   916  C CA  . LYS B 1 29 ? -10.061 -20.294 -6.097  1.00 45.82  ? 250 LYS B CA  1 
ATOM   917  C C   . LYS B 1 29 ? -11.183 -20.658 -7.094  1.00 44.53  ? 250 LYS B C   1 
ATOM   918  O O   . LYS B 1 29 ? -10.915 -21.256 -8.134  1.00 49.07  ? 250 LYS B O   1 
ATOM   919  C CB  . LYS B 1 29 ? -9.896  -21.386 -5.022  1.00 48.89  ? 250 LYS B CB  1 
ATOM   920  N N   . ARG B 1 30 ? -12.418 -20.275 -6.783  1.00 50.23  ? 251 ARG B N   1 
ATOM   921  C CA  . ARG B 1 30 ? -13.572 -20.511 -7.665  1.00 56.45  ? 251 ARG B CA  1 
ATOM   922  C C   . ARG B 1 30 ? -13.432 -19.788 -8.998  1.00 54.65  ? 251 ARG B C   1 
ATOM   923  O O   . ARG B 1 30 ? -13.523 -20.391 -10.077 1.00 57.70  ? 251 ARG B O   1 
ATOM   924  C CB  . ARG B 1 30 ? -14.855 -20.039 -6.972  1.00 60.30  ? 251 ARG B CB  1 
ATOM   925  N N   . ARG B 1 31 ? -13.173 -18.493 -8.912  1.00 51.24  ? 252 ARG B N   1 
ATOM   926  C CA  . ARG B 1 31 ? -13.100 -17.686 -10.115 1.00 47.35  ? 252 ARG B CA  1 
ATOM   927  C C   . ARG B 1 31 ? -11.879 -18.033 -10.958 1.00 43.11  ? 252 ARG B C   1 
ATOM   928  O O   . ARG B 1 31 ? -11.895 -17.904 -12.185 1.00 48.25  ? 252 ARG B O   1 
ATOM   929  C CB  . ARG B 1 31 ? -13.163 -16.199 -9.761  1.00 48.42  ? 252 ARG B CB  1 
ATOM   930  C CG  . ARG B 1 31 ? -14.549 -15.833 -9.228  1.00 56.16  ? 252 ARG B CG  1 
ATOM   931  C CD  . ARG B 1 31 ? -14.756 -14.375 -8.880  1.00 56.89  ? 252 ARG B CD  1 
ATOM   932  N NE  . ARG B 1 31 ? -14.928 -13.484 -10.042 1.00 62.16  ? 252 ARG B NE  1 
ATOM   933  C CZ  . ARG B 1 31 ? -15.957 -12.646 -10.257 1.00 60.34  ? 252 ARG B CZ  1 
ATOM   934  N NH1 . ARG B 1 31 ? -16.968 -12.528 -9.397  1.00 60.17  ? 252 ARG B NH1 1 
ATOM   935  N NH2 . ARG B 1 31 ? -15.967 -11.888 -11.348 1.00 54.85  ? 252 ARG B NH2 1 
ATOM   936  N N   . PHE B 1 32 ? -10.796 -18.443 -10.308 1.00 43.13  ? 253 PHE B N   1 
ATOM   937  C CA  . PHE B 1 32 ? -9.605  -18.858 -11.040 1.00 44.88  ? 253 PHE B CA  1 
ATOM   938  C C   . PHE B 1 32 ? -9.908  -19.965 -12.054 1.00 49.60  ? 253 PHE B C   1 
ATOM   939  O O   . PHE B 1 32 ? -9.439  -19.927 -13.194 1.00 52.38  ? 253 PHE B O   1 
ATOM   940  C CB  . PHE B 1 32 ? -8.487  -19.285 -10.076 1.00 44.47  ? 253 PHE B CB  1 
ATOM   941  C CG  . PHE B 1 32 ? -7.230  -19.726 -10.772 1.00 50.43  ? 253 PHE B CG  1 
ATOM   942  C CD1 . PHE B 1 32 ? -6.333  -18.780 -11.291 1.00 44.91  ? 253 PHE B CD1 1 
ATOM   943  C CD2 . PHE B 1 32 ? -6.944  -21.087 -10.946 1.00 51.44  ? 253 PHE B CD2 1 
ATOM   944  C CE1 . PHE B 1 32 ? -5.185  -19.174 -11.956 1.00 48.84  ? 253 PHE B CE1 1 
ATOM   945  C CE2 . PHE B 1 32 ? -5.782  -21.482 -11.606 1.00 49.79  ? 253 PHE B CE2 1 
ATOM   946  C CZ  . PHE B 1 32 ? -4.898  -20.532 -12.106 1.00 53.19  ? 253 PHE B CZ  1 
ATOM   947  N N   . ARG B 1 33 ? -10.750 -20.904 -11.644 1.00 63.41  ? 254 ARG B N   1 
ATOM   948  C CA  . ARG B 1 33 ? -11.194 -21.992 -12.521 1.00 66.55  ? 254 ARG B CA  1 
ATOM   949  C C   . ARG B 1 33 ? -11.743 -21.584 -13.881 1.00 64.23  ? 254 ARG B C   1 
ATOM   950  O O   . ARG B 1 33 ? -11.479 -22.238 -14.895 1.00 64.25  ? 254 ARG B O   1 
ATOM   951  C CB  . ARG B 1 33 ? -12.282 -22.761 -11.813 1.00 73.18  ? 254 ARG B CB  1 
ATOM   952  C CG  . ARG B 1 33 ? -11.726 -23.521 -10.619 1.00 81.11  ? 254 ARG B CG  1 
ATOM   953  C CD  . ARG B 1 33 ? -12.297 -24.924 -10.606 1.00 89.25  ? 254 ARG B CD  1 
ATOM   954  N NE  . ARG B 1 33 ? -12.384 -25.466 -11.977 1.00 90.19  ? 254 ARG B NE  1 
ATOM   955  C CZ  . ARG B 1 33 ? -11.348 -25.814 -12.746 1.00 82.77  ? 254 ARG B CZ  1 
ATOM   956  N NH1 . ARG B 1 33 ? -10.092 -25.693 -12.315 1.00 83.96  ? 254 ARG B NH1 1 
ATOM   957  N NH2 . ARG B 1 33 ? -11.575 -26.294 -13.963 1.00 79.31  ? 254 ARG B NH2 1 
ATOM   958  N N   . THR B 1 34 ? -12.538 -20.528 -13.891 1.00 56.46  ? 255 THR B N   1 
ATOM   959  C CA  . THR B 1 34 ? -13.244 -20.139 -15.089 1.00 53.38  ? 255 THR B CA  1 
ATOM   960  C C   . THR B 1 34 ? -12.590 -18.917 -15.703 1.00 51.05  ? 255 THR B C   1 
ATOM   961  O O   . THR B 1 34 ? -13.203 -18.204 -16.502 1.00 56.25  ? 255 THR B O   1 
ATOM   962  C CB  . THR B 1 34 ? -14.700 -19.865 -14.739 1.00 56.16  ? 255 THR B CB  1 
ATOM   963  O OG1 . THR B 1 34 ? -14.755 -19.006 -13.604 1.00 47.70  ? 255 THR B OG1 1 
ATOM   964  C CG2 . THR B 1 34 ? -15.393 -21.186 -14.402 1.00 57.06  ? 255 THR B CG2 1 
ATOM   965  N N   . SER B 1 35 ? -11.345 -18.672 -15.310 1.00 47.53  ? 256 SER B N   1 
ATOM   966  C CA  . SER B 1 35 ? -10.646 -17.479 -15.741 1.00 47.44  ? 256 SER B CA  1 
ATOM   967  C C   . SER B 1 35 ? -11.535 -16.264 -15.648 1.00 42.67  ? 256 SER B C   1 
ATOM   968  O O   . SER B 1 35 ? -11.671 -15.531 -16.619 1.00 44.56  ? 256 SER B O   1 
ATOM   969  C CB  . SER B 1 35 ? -10.163 -17.641 -17.174 1.00 54.06  ? 256 SER B CB  1 
ATOM   970  O OG  . SER B 1 35 ? -9.275  -18.725 -17.227 1.00 65.93  ? 256 SER B OG  1 
ATOM   971  N N   . SER B 1 36 ? -12.137 -16.071 -14.480 1.00 37.27  ? 257 SER B N   1 
ATOM   972  C CA  . SER B 1 36 ? -13.008 -14.944 -14.220 1.00 33.90  ? 257 SER B CA  1 
ATOM   973  C C   . SER B 1 36 ? -12.305 -13.998 -13.239 1.00 31.06  ? 257 SER B C   1 
ATOM   974  O O   . SER B 1 36 ? -12.549 -13.988 -12.054 1.00 35.99  ? 257 SER B O   1 
ATOM   975  C CB  . SER B 1 36 ? -14.344 -15.436 -13.676 1.00 34.89  ? 257 SER B CB  1 
ATOM   976  O OG  . SER B 1 36 ? -15.323 -14.438 -13.798 1.00 44.61  ? 257 SER B OG  1 
ATOM   977  N N   . TRP B 1 37 ? -11.385 -13.216 -13.765 1.00 25.72  ? 258 TRP B N   1 
ATOM   978  C CA  . TRP B 1 37 ? -10.551 -12.327 -12.913 1.00 24.55  ? 258 TRP B CA  1 
ATOM   979  C C   . TRP B 1 37 ? -11.307 -11.024 -12.666 1.00 26.23  ? 258 TRP B C   1 
ATOM   980  O O   . TRP B 1 37 ? -12.158 -10.664 -13.464 1.00 28.43  ? 258 TRP B O   1 
ATOM   981  C CB  . TRP B 1 37 ? -9.256  -12.065 -13.681 1.00 22.70  ? 258 TRP B CB  1 
ATOM   982  C CG  . TRP B 1 37 ? -8.420  -13.250 -13.858 1.00 21.76  ? 258 TRP B CG  1 
ATOM   983  C CD1 . TRP B 1 37 ? -8.464  -14.164 -14.915 1.00 25.00  ? 258 TRP B CD1 1 
ATOM   984  C CD2 . TRP B 1 37 ? -7.367  -13.689 -12.998 1.00 21.08  ? 258 TRP B CD2 1 
ATOM   985  N NE1 . TRP B 1 37 ? -7.526  -15.139 -14.716 1.00 26.16  ? 258 TRP B NE1 1 
ATOM   986  C CE2 . TRP B 1 37 ? -6.823  -14.871 -13.569 1.00 24.03  ? 258 TRP B CE2 1 
ATOM   987  C CE3 . TRP B 1 37 ? -6.830  -13.179 -11.801 1.00 21.13  ? 258 TRP B CE3 1 
ATOM   988  C CZ2 . TRP B 1 37 ? -5.777  -15.598 -12.958 1.00 22.15  ? 258 TRP B CZ2 1 
ATOM   989  C CZ3 . TRP B 1 37 ? -5.772  -13.842 -11.200 1.00 20.87  ? 258 TRP B CZ3 1 
ATOM   990  C CH2 . TRP B 1 37 ? -5.270  -15.100 -11.771 1.00 19.71  ? 258 TRP B CH2 1 
ATOM   991  N N   . GLN B 1 38 ? -10.952 -10.293 -11.588 1.00 23.57  ? 259 GLN B N   1 
ATOM   992  C CA  . GLN B 1 38 ? -11.474 -8.965  -11.361 1.00 22.86  ? 259 GLN B CA  1 
ATOM   993  C C   . GLN B 1 38 ? -10.294 -7.988  -11.188 1.00 20.82  ? 259 GLN B C   1 
ATOM   994  O O   . GLN B 1 38 ? -9.335  -8.318  -10.510 1.00 17.91  ? 259 GLN B O   1 
ATOM   995  C CB  . GLN B 1 38 ? -12.306 -8.930  -10.096 1.00 24.41  ? 259 GLN B CB  1 
ATOM   996  C CG  . GLN B 1 38 ? -13.642 -9.642  -10.137 1.00 28.10  ? 259 GLN B CG  1 
ATOM   997  C CD  . GLN B 1 38 ? -14.214 -9.847  -8.718  1.00 35.17  ? 259 GLN B CD  1 
ATOM   998  O OE1 . GLN B 1 38 ? -13.615 -10.518 -7.879  1.00 41.01  ? 259 GLN B OE1 1 
ATOM   999  N NE2 . GLN B 1 38 ? -15.371 -9.300  -8.466  1.00 35.86  ? 259 GLN B NE2 1 
ATOM   1000 N N   . PRO B 1 39 ? -10.431 -6.772  -11.731 1.00 22.08  ? 260 PRO B N   1 
ATOM   1001 C CA  . PRO B 1 39 ? -9.310  -5.849  -11.573 1.00 22.62  ? 260 PRO B CA  1 
ATOM   1002 C C   . PRO B 1 39 ? -9.146  -5.271  -10.170 1.00 24.19  ? 260 PRO B C   1 
ATOM   1003 O O   . PRO B 1 39 ? -10.106 -5.053  -9.440  1.00 22.32  ? 260 PRO B O   1 
ATOM   1004 C CB  . PRO B 1 39 ? -9.604  -4.734  -12.580 1.00 24.65  ? 260 PRO B CB  1 
ATOM   1005 C CG  . PRO B 1 39 ? -11.129 -4.732  -12.694 1.00 25.90  ? 260 PRO B CG  1 
ATOM   1006 C CD  . PRO B 1 39 ? -11.540 -6.180  -12.534 1.00 22.78  ? 260 PRO B CD  1 
ATOM   1007 N N   . CYS B 1 40 ? -7.915  -5.010  -9.788  1.00 22.93  ? 261 CYS B N   1 
ATOM   1008 C CA  . CYS B 1 40 ? -7.695  -4.073  -8.656  1.00 21.75  ? 261 CYS B CA  1 
ATOM   1009 C C   . CYS B 1 40 ? -7.898  -2.676  -9.254  1.00 21.60  ? 261 CYS B C   1 
ATOM   1010 O O   . CYS B 1 40 ? -7.884  -2.468  -10.479 1.00 20.04  ? 261 CYS B O   1 
ATOM   1011 C CB  . CYS B 1 40 ? -6.316  -4.246  -8.050  1.00 24.76  ? 261 CYS B CB  1 
ATOM   1012 S SG  . CYS B 1 40 ? -6.293  -5.563  -6.819  1.00 26.52  ? 261 CYS B SG  1 
ATOM   1013 N N   . ALA B 1 41 ? -7.995  -1.665  -8.381  1.00 24.82  ? 262 ALA B N   1 
ATOM   1014 C CA  . ALA B 1 41 ? -8.100  -0.305  -8.877  1.00 23.30  ? 262 ALA B CA  1 
ATOM   1015 C C   . ALA B 1 41 ? -6.937  0.052   -9.829  1.00 24.22  ? 262 ALA B C   1 
ATOM   1016 O O   . ALA B 1 41 ? -5.785  -0.333  -9.583  1.00 23.10  ? 262 ALA B O   1 
ATOM   1017 C CB  . ALA B 1 41 ? -8.203  0.722   -7.747  1.00 25.48  ? 262 ALA B CB  1 
ATOM   1018 N N   . PRO B 1 42 ? -7.243  0.769   -10.928 1.00 27.06  ? 263 PRO B N   1 
ATOM   1019 C CA  . PRO B 1 42 ? -6.249  1.161   -11.898 1.00 28.13  ? 263 PRO B CA  1 
ATOM   1020 C C   . PRO B 1 42 ? -5.146  1.987   -11.243 1.00 26.87  ? 263 PRO B C   1 
ATOM   1021 O O   . PRO B 1 42 ? -5.401  2.766   -10.310 1.00 27.18  ? 263 PRO B O   1 
ATOM   1022 C CB  . PRO B 1 42 ? -7.033  2.021   -12.916 1.00 31.71  ? 263 PRO B CB  1 
ATOM   1023 C CG  . PRO B 1 42 ? -8.454  1.613   -12.743 1.00 31.14  ? 263 PRO B CG  1 
ATOM   1024 C CD  . PRO B 1 42 ? -8.595  1.281   -11.299 1.00 29.62  ? 263 PRO B CD  1 
ATOM   1025 N N   . ILE B 1 43 ? -3.927  1.746   -11.675 1.00 26.03  ? 264 ILE B N   1 
ATOM   1026 C CA  . ILE B 1 43 ? -2.772  2.464   -11.173 1.00 24.17  ? 264 ILE B CA  1 
ATOM   1027 C C   . ILE B 1 43 ? -2.489  3.553   -12.192 1.00 30.19  ? 264 ILE B C   1 
ATOM   1028 O O   . ILE B 1 43 ? -2.136  3.230   -13.322 1.00 26.62  ? 264 ILE B O   1 
ATOM   1029 C CB  . ILE B 1 43 ? -1.548  1.541   -10.996 1.00 25.16  ? 264 ILE B CB  1 
ATOM   1030 C CG1 . ILE B 1 43 ? -1.878  0.421   -9.987  1.00 24.44  ? 264 ILE B CG1 1 
ATOM   1031 C CG2 . ILE B 1 43 ? -0.321  2.307   -10.550 1.00 26.35  ? 264 ILE B CG2 1 
ATOM   1032 C CD1 . ILE B 1 43 ? -0.906  -0.743  -10.003 1.00 24.13  ? 264 ILE B CD1 1 
ATOM   1033 N N   . GLN B 1 44 ? -2.641  4.819   -11.794 1.00 28.77  ? 265 GLN B N   1 
ATOM   1034 C CA  . GLN B 1 44 ? -2.449  5.944   -12.722 1.00 33.79  ? 265 GLN B CA  1 
ATOM   1035 C C   . GLN B 1 44 ? -0.982  6.327   -12.931 1.00 36.58  ? 265 GLN B C   1 
ATOM   1036 O O   . GLN B 1 44 ? -0.520  6.686   -14.044 1.00 36.80  ? 265 GLN B O   1 
ATOM   1037 C CB  . GLN B 1 44 ? -3.230  7.162   -12.197 1.00 40.58  ? 265 GLN B CB  1 
ATOM   1038 C CG  . GLN B 1 44 ? -4.728  6.908   -12.066 1.00 42.53  ? 265 GLN B CG  1 
ATOM   1039 C CD  . GLN B 1 44 ? -5.377  6.587   -13.413 1.00 52.27  ? 265 GLN B CD  1 
ATOM   1040 O OE1 . GLN B 1 44 ? -5.815  5.446   -13.667 1.00 51.73  ? 265 GLN B OE1 1 
ATOM   1041 N NE2 . GLN B 1 44 ? -5.412  7.589   -14.298 1.00 51.21  ? 265 GLN B NE2 1 
ATOM   1042 N N   . SER B 1 45 ? -0.229  6.258   -11.854 1.00 33.74  ? 266 SER B N   1 
ATOM   1043 C CA  . SER B 1 45 ? 1.180   6.560   -11.920 1.00 30.50  ? 266 SER B CA  1 
ATOM   1044 C C   . SER B 1 45 ? 1.952   5.564   -12.751 1.00 27.41  ? 266 SER B C   1 
ATOM   1045 O O   . SER B 1 45 ? 1.568   4.364   -12.888 1.00 27.51  ? 266 SER B O   1 
ATOM   1046 C CB  . SER B 1 45 ? 1.766   6.565   -10.508 1.00 28.22  ? 266 SER B CB  1 
ATOM   1047 O OG  . SER B 1 45 ? 3.068   7.161   -10.495 1.00 27.78  ? 266 SER B OG  1 
ATOM   1048 N N   . THR B 1 46 ? 3.049   6.058   -13.322 1.00 28.18  ? 267 THR B N   1 
ATOM   1049 C CA  . THR B 1 46 ? 4.086   5.246   -13.928 1.00 28.04  ? 267 THR B CA  1 
ATOM   1050 C C   . THR B 1 46 ? 5.411   5.466   -13.296 1.00 24.56  ? 267 THR B C   1 
ATOM   1051 O O   . THR B 1 46 ? 6.452   4.986   -13.779 1.00 30.29  ? 267 THR B O   1 
ATOM   1052 C CB  . THR B 1 46 ? 4.134   5.499   -15.452 1.00 34.26  ? 267 THR B CB  1 
ATOM   1053 O OG1 . THR B 1 46 ? 4.206   6.913   -15.670 1.00 33.91  ? 267 THR B OG1 1 
ATOM   1054 C CG2 . THR B 1 46 ? 2.852   4.956   -16.110 1.00 32.18  ? 267 THR B CG2 1 
ATOM   1055 N N   . ASN B 1 47 ? 5.379   6.099   -12.117 1.00 25.69  ? 268 ASN B N   1 
ATOM   1056 C CA  . ASN B 1 47 ? 6.518   6.208   -11.279 1.00 26.18  ? 268 ASN B CA  1 
ATOM   1057 C C   . ASN B 1 47 ? 6.693   5.074   -10.285 1.00 23.65  ? 268 ASN B C   1 
ATOM   1058 O O   . ASN B 1 47 ? 5.733   4.637   -9.671  1.00 22.07  ? 268 ASN B O   1 
ATOM   1059 C CB  . ASN B 1 47 ? 6.507   7.590   -10.644 1.00 32.92  ? 268 ASN B CB  1 
ATOM   1060 C CG  . ASN B 1 47 ? 7.041   8.651   -11.613 1.00 40.49  ? 268 ASN B CG  1 
ATOM   1061 O OD1 . ASN B 1 47 ? 8.233   8.619   -11.968 1.00 49.80  ? 268 ASN B OD1 1 
ATOM   1062 N ND2 . ASN B 1 47 ? 6.168   9.556   -12.090 1.00 41.61  ? 268 ASN B ND2 1 
ATOM   1063 N N   . GLU B 1 48 ? 7.917   4.584   -10.209 1.00 21.51  ? 269 GLU B N   1 
ATOM   1064 C CA  . GLU B 1 48 ? 8.156   3.321   -9.588  1.00 21.23  ? 269 GLU B CA  1 
ATOM   1065 C C   . GLU B 1 48 ? 7.644   3.181   -8.127  1.00 22.57  ? 269 GLU B C   1 
ATOM   1066 O O   . GLU B 1 48 ? 6.982   2.184   -7.765  1.00 18.60  ? 269 GLU B O   1 
ATOM   1067 C CB  . GLU B 1 48 ? 9.620   3.021   -9.649  1.00 25.64  ? 269 GLU B CB  1 
ATOM   1068 C CG  . GLU B 1 48 ? 9.919   1.646   -9.090  1.00 29.00  ? 269 GLU B CG  1 
ATOM   1069 C CD  . GLU B 1 48 ? 11.395  1.337   -9.111  1.00 38.64  ? 269 GLU B CD  1 
ATOM   1070 O OE1 . GLU B 1 48 ? 11.969  1.361   -10.200 1.00 44.37  ? 269 GLU B OE1 1 
ATOM   1071 O OE2 . GLU B 1 48 ? 11.958  1.024   -8.056  1.00 44.94  ? 269 GLU B OE2 1 
ATOM   1072 N N   . ARG B 1 49 ? 7.994   4.135   -7.277  1.00 21.24  ? 270 ARG B N   1 
ATOM   1073 C CA  . ARG B 1 49 ? 7.542   4.100   -5.884  1.00 21.56  ? 270 ARG B CA  1 
ATOM   1074 C C   . ARG B 1 49 ? 6.013   3.988   -5.753  1.00 18.30  ? 270 ARG B C   1 
ATOM   1075 O O   . ARG B 1 49 ? 5.532   3.153   -4.949  1.00 18.74  ? 270 ARG B O   1 
ATOM   1076 C CB  . ARG B 1 49 ? 8.044   5.318   -5.123  1.00 24.06  ? 270 ARG B CB  1 
ATOM   1077 C CG  . ARG B 1 49 ? 7.807   5.225   -3.619  1.00 28.18  ? 270 ARG B CG  1 
ATOM   1078 C CD  . ARG B 1 49 ? 8.202   6.553   -2.948  1.00 32.01  ? 270 ARG B CD  1 
ATOM   1079 N NE  . ARG B 1 49 ? 7.853   6.584   -1.516  1.00 34.81  ? 270 ARG B NE  1 
ATOM   1080 C CZ  . ARG B 1 49 ? 8.730   6.619   -0.503  1.00 38.64  ? 270 ARG B CZ  1 
ATOM   1081 N NH1 . ARG B 1 49 ? 10.050  6.655   -0.735  1.00 41.70  ? 270 ARG B NH1 1 
ATOM   1082 N NH2 . ARG B 1 49 ? 8.279   6.648   0.766   1.00 35.23  ? 270 ARG B NH2 1 
ATOM   1083 N N   . GLN B 1 50 ? 5.258   4.835   -6.457  1.00 18.41  ? 271 GLN B N   1 
ATOM   1084 C CA  . GLN B 1 50 ? 3.776   4.823   -6.384  1.00 20.33  ? 271 GLN B CA  1 
ATOM   1085 C C   . GLN B 1 50 ? 3.219   3.505   -6.917  1.00 17.02  ? 271 GLN B C   1 
ATOM   1086 O O   . GLN B 1 50 ? 2.351   2.893   -6.261  1.00 17.09  ? 271 GLN B O   1 
ATOM   1087 C CB  . GLN B 1 50 ? 3.154   6.045   -7.118  1.00 23.90  ? 271 GLN B CB  1 
ATOM   1088 C CG  . GLN B 1 50 ? 1.595   6.065   -7.260  1.00 32.20  ? 271 GLN B CG  1 
ATOM   1089 C CD  . GLN B 1 50 ? 0.705   6.938   -6.317  1.00 37.52  ? 271 GLN B CD  1 
ATOM   1090 O OE1 . GLN B 1 50 ? 0.599   8.158   -6.511  1.00 52.83  ? 271 GLN B OE1 1 
ATOM   1091 N NE2 . GLN B 1 50 ? -0.066  6.296   -5.413  1.00 31.00  ? 271 GLN B NE2 1 
ATOM   1092 N N   . VAL B 1 51 ? 3.768   3.029   -8.049  1.00 18.06  ? 272 VAL B N   1 
ATOM   1093 C CA  . VAL B 1 51 ? 3.314   1.750   -8.647  1.00 16.20  ? 272 VAL B CA  1 
ATOM   1094 C C   . VAL B 1 51 ? 3.496   0.603   -7.656  1.00 14.34  ? 272 VAL B C   1 
ATOM   1095 O O   . VAL B 1 51 ? 2.601   -0.213  -7.421  1.00 13.67  ? 272 VAL B O   1 
ATOM   1096 C CB  . VAL B 1 51 ? 4.071   1.449   -9.963  1.00 18.79  ? 272 VAL B CB  1 
ATOM   1097 C CG1 . VAL B 1 51 ? 3.800   0.048   -10.426 1.00 18.91  ? 272 VAL B CG1 1 
ATOM   1098 C CG2 . VAL B 1 51 ? 3.691   2.481   -11.019 1.00 17.25  ? 272 VAL B CG2 1 
ATOM   1099 N N   . LEU B 1 52 ? 4.709   0.497   -7.110  1.00 14.21  ? 273 LEU B N   1 
ATOM   1100 C CA  . LEU B 1 52 ? 4.987   -0.586  -6.185  1.00 14.40  ? 273 LEU B CA  1 
ATOM   1101 C C   . LEU B 1 52 ? 4.127   -0.502  -4.948  1.00 13.69  ? 273 LEU B C   1 
ATOM   1102 O O   . LEU B 1 52 ? 3.717   -1.551  -4.383  1.00 14.84  ? 273 LEU B O   1 
ATOM   1103 C CB  . LEU B 1 52 ? 6.463   -0.613  -5.774  1.00 16.72  ? 273 LEU B CB  1 
ATOM   1104 C CG  . LEU B 1 52 ? 7.465   -1.004  -6.906  1.00 16.80  ? 273 LEU B CG  1 
ATOM   1105 C CD1 . LEU B 1 52 ? 8.898   -0.779  -6.411  1.00 19.23  ? 273 LEU B CD1 1 
ATOM   1106 C CD2 . LEU B 1 52 ? 7.295   -2.378  -7.497  1.00 19.41  ? 273 LEU B CD2 1 
ATOM   1107 N N   . SER B 1 53 ? 3.893   0.684   -4.459  1.00 13.06  ? 274 SER B N   1 
ATOM   1108 C CA  . SER B 1 53 ? 3.023   0.879   -3.268  1.00 13.36  ? 274 SER B CA  1 
ATOM   1109 C C   . SER B 1 53 ? 1.604   0.417   -3.516  1.00 12.63  ? 274 SER B C   1 
ATOM   1110 O O   . SER B 1 53 ? 1.015   -0.368  -2.703  1.00 14.23  ? 274 SER B O   1 
ATOM   1111 C CB  . SER B 1 53 ? 3.114   2.341   -2.810  1.00 14.36  ? 274 SER B CB  1 
ATOM   1112 O OG  . SER B 1 53 ? 2.263   2.476   -1.656  1.00 17.40  ? 274 SER B OG  1 
ATOM   1113 N N   . GLU B 1 54 ? 1.078   0.751   -4.679  1.00 14.75  ? 275 GLU B N   1 
ATOM   1114 C CA  . GLU B 1 54 ? -0.273  0.360   -5.054  1.00 14.11  ? 275 GLU B CA  1 
ATOM   1115 C C   . GLU B 1 54 ? -0.389  -1.126  -5.374  1.00 15.59  ? 275 GLU B C   1 
ATOM   1116 O O   . GLU B 1 54 ? -1.405  -1.792  -5.049  1.00 14.97  ? 275 GLU B O   1 
ATOM   1117 C CB  . GLU B 1 54 ? -0.792  1.271   -6.205  1.00 15.55  ? 275 GLU B CB  1 
ATOM   1118 C CG  . GLU B 1 54 ? -0.983  2.703   -5.756  1.00 17.60  ? 275 GLU B CG  1 
ATOM   1119 C CD  . GLU B 1 54 ? -1.734  3.542   -6.782  1.00 20.90  ? 275 GLU B CD  1 
ATOM   1120 O OE1 . GLU B 1 54 ? -2.574  2.975   -7.546  1.00 20.58  ? 275 GLU B OE1 1 
ATOM   1121 O OE2 . GLU B 1 54 ? -1.482  4.759   -6.802  1.00 21.91  ? 275 GLU B OE2 1 
ATOM   1122 N N   . LEU B 1 55 ? 0.670   -1.684  -5.983  1.00 14.18  ? 276 LEU B N   1 
ATOM   1123 C CA  . LEU B 1 55 ? 0.716   -3.098  -6.162  1.00 14.61  ? 276 LEU B CA  1 
ATOM   1124 C C   . LEU B 1 55 ? 0.653   -3.859  -4.833  1.00 14.30  ? 276 LEU B C   1 
ATOM   1125 O O   . LEU B 1 55 ? -0.045  -4.865  -4.693  1.00 15.29  ? 276 LEU B O   1 
ATOM   1126 C CB  . LEU B 1 55 ? 1.964   -3.418  -6.989  1.00 18.07  ? 276 LEU B CB  1 
ATOM   1127 C CG  . LEU B 1 55 ? 2.289   -4.856  -7.262  1.00 19.03  ? 276 LEU B CG  1 
ATOM   1128 C CD1 . LEU B 1 55 ? 1.088   -5.481  -7.931  1.00 22.21  ? 276 LEU B CD1 1 
ATOM   1129 C CD2 . LEU B 1 55 ? 3.526   -4.972  -8.211  1.00 20.58  ? 276 LEU B CD2 1 
ATOM   1130 N N   . GLU B 1 56 ? 1.392   -3.386  -3.837  1.00 13.79  ? 277 GLU B N   1 
ATOM   1131 C CA  . GLU B 1 56 ? 1.379   -4.079  -2.560  1.00 15.59  ? 277 GLU B CA  1 
ATOM   1132 C C   . GLU B 1 56 ? -0.021  -4.019  -1.903  1.00 14.07  ? 277 GLU B C   1 
ATOM   1133 O O   . GLU B 1 56 ? -0.445  -4.998  -1.270  1.00 16.59  ? 277 GLU B O   1 
ATOM   1134 C CB  . GLU B 1 56 ? 2.430   -3.505  -1.654  1.00 15.28  ? 277 GLU B CB  1 
ATOM   1135 C CG  . GLU B 1 56 ? 2.430   -4.120  -0.254  1.00 16.17  ? 277 GLU B CG  1 
ATOM   1136 C CD  . GLU B 1 56 ? 3.552   -3.628  0.673   1.00 18.16  ? 277 GLU B CD  1 
ATOM   1137 O OE1 . GLU B 1 56 ? 4.324   -2.715  0.294   1.00 17.98  ? 277 GLU B OE1 1 
ATOM   1138 O OE2 . GLU B 1 56 ? 3.495   -4.128  1.860   1.00 19.84  ? 277 GLU B OE2 1 
ATOM   1139 N N   . ASN B 1 57 ? -0.675  -2.888  -2.031  1.00 15.26  ? 278 ASN B N   1 
ATOM   1140 C CA  . ASN B 1 57 ? -2.057  -2.774  -1.519  1.00 16.92  ? 278 ASN B CA  1 
ATOM   1141 C C   . ASN B 1 57 ? -2.969  -3.829  -2.186  1.00 16.51  ? 278 ASN B C   1 
ATOM   1142 O O   . ASN B 1 57 ? -3.774  -4.522  -1.507  1.00 15.27  ? 278 ASN B O   1 
ATOM   1143 C CB  . ASN B 1 57 ? -2.562  -1.374  -1.656  1.00 17.81  ? 278 ASN B CB  1 
ATOM   1144 C CG  . ASN B 1 57 ? -1.766  -0.363  -0.778  1.00 20.59  ? 278 ASN B CG  1 
ATOM   1145 O OD1 . ASN B 1 57 ? -1.261  -0.681  0.293   1.00 25.94  ? 278 ASN B OD1 1 
ATOM   1146 N ND2 . ASN B 1 57 ? -1.660  0.776   -1.260  1.00 26.14  ? 278 ASN B ND2 1 
ATOM   1147 N N   . CYS B 1 58 ? -2.824  -3.992  -3.521  1.00 14.85  ? 279 CYS B N   1 
ATOM   1148 C CA  . CYS B 1 58 ? -3.640  -4.985  -4.229  1.00 16.11  ? 279 CYS B CA  1 
ATOM   1149 C C   . CYS B 1 58 ? -3.398  -6.360  -3.664  1.00 15.57  ? 279 CYS B C   1 
ATOM   1150 O O   . CYS B 1 58 ? -4.337  -7.115  -3.306  1.00 16.77  ? 279 CYS B O   1 
ATOM   1151 C CB  . CYS B 1 58 ? -3.403  -4.958  -5.718  1.00 18.15  ? 279 CYS B CB  1 
ATOM   1152 S SG  . CYS B 1 58 ? -4.337  -6.248  -6.662  1.00 23.21  ? 279 CYS B SG  1 
ATOM   1153 N N   . LEU B 1 59 ? -2.148  -6.717  -3.508  1.00 16.44  ? 280 LEU B N   1 
ATOM   1154 C CA  . LEU B 1 59 ? -1.770  -8.035  -2.993  1.00 16.22  ? 280 LEU B CA  1 
ATOM   1155 C C   . LEU B 1 59 ? -2.244  -8.276  -1.590  1.00 19.08  ? 280 LEU B C   1 
ATOM   1156 O O   . LEU B 1 59 ? -2.810  -9.354  -1.302  1.00 18.36  ? 280 LEU B O   1 
ATOM   1157 C CB  . LEU B 1 59 ? -0.235  -8.219  -3.049  1.00 19.00  ? 280 LEU B CB  1 
ATOM   1158 C CG  . LEU B 1 59 ? 0.333   -8.252  -4.470  1.00 17.55  ? 280 LEU B CG  1 
ATOM   1159 C CD1 . LEU B 1 59 ? 1.876   -8.048  -4.405  1.00 19.91  ? 280 LEU B CD1 1 
ATOM   1160 C CD2 . LEU B 1 59 ? 0.093   -9.557  -5.104  1.00 18.68  ? 280 LEU B CD2 1 
ATOM   1161 N N   . SER B 1 60 ? -2.030  -7.306  -0.714  1.00 17.47  ? 281 SER B N   1 
ATOM   1162 C CA  . SER B 1 60 ? -2.432  -7.463  0.703   1.00 18.93  ? 281 SER B CA  1 
ATOM   1163 C C   . SER B 1 60 ? -3.944  -7.485  0.900   1.00 21.02  ? 281 SER B C   1 
ATOM   1164 O O   . SER B 1 60 ? -4.443  -8.245  1.761   1.00 21.11  ? 281 SER B O   1 
ATOM   1165 C CB  . SER B 1 60 ? -1.807  -6.383  1.577   1.00 21.28  ? 281 SER B CB  1 
ATOM   1166 O OG  . SER B 1 60 ? -2.337  -5.096  1.358   1.00 24.30  ? 281 SER B OG  1 
ATOM   1167 N N   . GLU B 1 61 ? -4.666  -6.717  0.105   1.00 21.35  ? 282 GLU B N   1 
ATOM   1168 C CA  . GLU B 1 61 ? -6.147  -6.737  0.124   1.00 21.37  ? 282 GLU B CA  1 
ATOM   1169 C C   . GLU B 1 61 ? -6.764  -8.074  -0.361  1.00 24.35  ? 282 GLU B C   1 
ATOM   1170 O O   . GLU B 1 61 ? -7.962  -8.351  -0.120  1.00 24.32  ? 282 GLU B O   1 
ATOM   1171 C CB  . GLU B 1 61 ? -6.706  -5.570  -0.680  1.00 21.62  ? 282 GLU B CB  1 
ATOM   1172 C CG  . GLU B 1 61 ? -6.431  -4.180  -0.103  1.00 18.50  ? 282 GLU B CG  1 
ATOM   1173 C CD  . GLU B 1 61 ? -6.450  -3.090  -1.164  1.00 24.92  ? 282 GLU B CD  1 
ATOM   1174 O OE1 . GLU B 1 61 ? -6.767  -3.413  -2.340  1.00 28.63  ? 282 GLU B OE1 1 
ATOM   1175 O OE2 . GLU B 1 61 ? -6.115  -1.912  -0.907  1.00 21.86  ? 282 GLU B OE2 1 
ATOM   1176 N N   . HIS B 1 62 ? -5.975  -8.886  -1.073  1.00 22.54  ? 283 HIS B N   1 
ATOM   1177 C CA  . HIS B 1 62 ? -6.420  -10.147 -1.668  1.00 22.42  ? 283 HIS B CA  1 
ATOM   1178 C C   . HIS B 1 62 ? -5.520  -11.316 -1.251  1.00 22.98  ? 283 HIS B C   1 
ATOM   1179 O O   . HIS B 1 62 ? -5.247  -12.264 -2.005  1.00 22.37  ? 283 HIS B O   1 
ATOM   1180 C CB  . HIS B 1 62 ? -6.528  -9.961  -3.200  1.00 22.65  ? 283 HIS B CB  1 
ATOM   1181 C CG  . HIS B 1 62 ? -7.460  -8.868  -3.557  1.00 22.05  ? 283 HIS B CG  1 
ATOM   1182 N ND1 . HIS B 1 62 ? -8.828  -8.997  -3.463  1.00 25.19  ? 283 HIS B ND1 1 
ATOM   1183 C CD2 . HIS B 1 62 ? -7.233  -7.587  -3.933  1.00 22.82  ? 283 HIS B CD2 1 
ATOM   1184 C CE1 . HIS B 1 62 ? -9.404  -7.845  -3.771  1.00 21.71  ? 283 HIS B CE1 1 
ATOM   1185 N NE2 . HIS B 1 62 ? -8.469  -6.984  -4.075  1.00 25.28  ? 283 HIS B NE2 1 
ATOM   1186 N N   . GLU B 1 63 ? -5.071  -11.267 -0.008  1.00 28.22  ? 284 GLU B N   1 
ATOM   1187 C CA  . GLU B 1 63 ? -4.321  -12.373 0.540   1.00 32.37  ? 284 GLU B CA  1 
ATOM   1188 C C   . GLU B 1 63 ? -5.160  -13.638 0.405   1.00 32.72  ? 284 GLU B C   1 
ATOM   1189 O O   . GLU B 1 63 ? -6.392  -13.614 0.488   1.00 35.92  ? 284 GLU B O   1 
ATOM   1190 C CB  . GLU B 1 63 ? -3.899  -12.114 2.013   1.00 42.90  ? 284 GLU B CB  1 
ATOM   1191 C CG  . GLU B 1 63 ? -2.406  -11.875 2.238   1.00 50.65  ? 284 GLU B CG  1 
ATOM   1192 C CD  . GLU B 1 63 ? -2.065  -11.718 3.719   1.00 61.36  ? 284 GLU B CD  1 
ATOM   1193 O OE1 . GLU B 1 63 ? -0.933  -11.289 4.031   1.00 68.60  ? 284 GLU B OE1 1 
ATOM   1194 O OE2 . GLU B 1 63 ? -2.930  -12.018 4.573   1.00 64.04  ? 284 GLU B OE2 1 
ATOM   1195 N N   . GLY B 1 64 ? -4.494  -14.744 0.132   1.00 35.55  ? 285 GLY B N   1 
ATOM   1196 C CA  . GLY B 1 64 ? -5.211  -15.986 -0.127  1.00 37.73  ? 285 GLY B CA  1 
ATOM   1197 C C   . GLY B 1 64 ? -5.974  -16.076 -1.433  1.00 40.51  ? 285 GLY B C   1 
ATOM   1198 O O   . GLY B 1 64 ? -6.732  -17.037 -1.614  1.00 41.02  ? 285 GLY B O   1 
ATOM   1199 N N   . GLU B 1 65 ? -5.809  -15.080 -2.339  1.00 31.15  ? 286 GLU B N   1 
ATOM   1200 C CA  . GLU B 1 65 ? -6.263  -15.205 -3.709  1.00 28.03  ? 286 GLU B CA  1 
ATOM   1201 C C   . GLU B 1 65 ? -5.079  -15.234 -4.658  1.00 25.54  ? 286 GLU B C   1 
ATOM   1202 O O   . GLU B 1 65 ? -3.951  -14.835 -4.309  1.00 24.41  ? 286 GLU B O   1 
ATOM   1203 C CB  . GLU B 1 65 ? -7.141  -14.028 -4.108  1.00 31.01  ? 286 GLU B CB  1 
ATOM   1204 C CG  . GLU B 1 65 ? -8.347  -13.789 -3.248  1.00 33.07  ? 286 GLU B CG  1 
ATOM   1205 C CD  . GLU B 1 65 ? -9.345  -12.806 -3.855  1.00 33.76  ? 286 GLU B CD  1 
ATOM   1206 O OE1 . GLU B 1 65 ? -9.230  -12.429 -5.047  1.00 34.62  ? 286 GLU B OE1 1 
ATOM   1207 O OE2 . GLU B 1 65 ? -10.298 -12.435 -3.123  1.00 38.09  ? 286 GLU B OE2 1 
ATOM   1208 N N   . TYR B 1 66 ? -5.352  -15.672 -5.875  1.00 24.01  ? 287 TYR B N   1 
ATOM   1209 C CA  . TYR B 1 66 ? -4.458  -15.540 -6.996  1.00 22.49  ? 287 TYR B CA  1 
ATOM   1210 C C   . TYR B 1 66 ? -4.440  -14.031 -7.419  1.00 16.83  ? 287 TYR B C   1 
ATOM   1211 O O   . TYR B 1 66 ? -5.475  -13.348 -7.431  1.00 18.06  ? 287 TYR B O   1 
ATOM   1212 C CB  . TYR B 1 66 ? -4.967  -16.317 -8.173  1.00 25.54  ? 287 TYR B CB  1 
ATOM   1213 C CG  . TYR B 1 66 ? -4.955  -17.829 -8.002  1.00 31.74  ? 287 TYR B CG  1 
ATOM   1214 C CD1 . TYR B 1 66 ? -3.845  -18.571 -8.382  1.00 36.09  ? 287 TYR B CD1 1 
ATOM   1215 C CD2 . TYR B 1 66 ? -6.061  -18.500 -7.476  1.00 40.32  ? 287 TYR B CD2 1 
ATOM   1216 C CE1 . TYR B 1 66 ? -3.827  -19.960 -8.239  1.00 44.88  ? 287 TYR B CE1 1 
ATOM   1217 C CE2 . TYR B 1 66 ? -6.065  -19.888 -7.332  1.00 44.81  ? 287 TYR B CE2 1 
ATOM   1218 C CZ  . TYR B 1 66 ? -4.958  -20.613 -7.723  1.00 48.18  ? 287 TYR B CZ  1 
ATOM   1219 O OH  . TYR B 1 66 ? -4.987  -21.979 -7.569  1.00 58.56  ? 287 TYR B OH  1 
ATOM   1220 N N   . VAL B 1 67 ? -3.246  -13.501 -7.675  1.00 16.75  ? 288 VAL B N   1 
ATOM   1221 C CA  . VAL B 1 67 ? -3.122  -12.128 -8.198  1.00 16.27  ? 288 VAL B CA  1 
ATOM   1222 C C   . VAL B 1 67 ? -2.211  -12.199 -9.390  1.00 13.85  ? 288 VAL B C   1 
ATOM   1223 O O   . VAL B 1 67 ? -1.108  -12.840 -9.329  1.00 14.63  ? 288 VAL B O   1 
ATOM   1224 C CB  . VAL B 1 67 ? -2.587  -11.108 -7.161  1.00 15.59  ? 288 VAL B CB  1 
ATOM   1225 C CG1 . VAL B 1 67 ? -2.408  -9.697  -7.791  1.00 15.89  ? 288 VAL B CG1 1 
ATOM   1226 C CG2 . VAL B 1 67 ? -3.462  -11.071 -5.960  1.00 16.53  ? 288 VAL B CG2 1 
ATOM   1227 N N   . ARG B 1 68 ? -2.596  -11.560 -10.493 1.00 14.76  ? 289 ARG B N   1 
ATOM   1228 C CA  . ARG B 1 68 ? -1.828  -11.524 -11.693 1.00 15.60  ? 289 ARG B CA  1 
ATOM   1229 C C   . ARG B 1 68 ? -1.344  -10.089 -11.967 1.00 16.32  ? 289 ARG B C   1 
ATOM   1230 O O   . ARG B 1 68 ? -2.090  -9.143  -11.787 1.00 17.83  ? 289 ARG B O   1 
ATOM   1231 C CB  . ARG B 1 68 ? -2.675  -12.073 -12.860 1.00 19.49  ? 289 ARG B CB  1 
ATOM   1232 C CG  . ARG B 1 68 ? -1.969  -12.345 -14.121 1.00 25.33  ? 289 ARG B CG  1 
ATOM   1233 C CD  . ARG B 1 68 ? -2.639  -13.471 -14.938 1.00 27.08  ? 289 ARG B CD  1 
ATOM   1234 N NE  . ARG B 1 68 ? -3.950  -13.143 -15.436 1.00 28.84  ? 289 ARG B NE  1 
ATOM   1235 C CZ  . ARG B 1 68 ? -4.627  -13.875 -16.349 1.00 29.85  ? 289 ARG B CZ  1 
ATOM   1236 N NH1 . ARG B 1 68 ? -4.143  -15.019 -16.822 1.00 32.95  ? 289 ARG B NH1 1 
ATOM   1237 N NH2 . ARG B 1 68 ? -5.776  -13.442 -16.813 1.00 26.49  ? 289 ARG B NH2 1 
ATOM   1238 N N   . LEU B 1 69 ? -0.051  -9.940  -12.246 1.00 13.23  ? 290 LEU B N   1 
ATOM   1239 C CA  . LEU B 1 69 ? 0.563   -8.642  -12.698 1.00 13.21  ? 290 LEU B CA  1 
ATOM   1240 C C   . LEU B 1 69 ? 0.409   -8.457  -14.205 1.00 12.86  ? 290 LEU B C   1 
ATOM   1241 O O   . LEU B 1 69 ? 0.605   -9.406  -14.996 1.00 14.71  ? 290 LEU B O   1 
ATOM   1242 C CB  . LEU B 1 69 ? 2.076   -8.672  -12.381 1.00 13.39  ? 290 LEU B CB  1 
ATOM   1243 C CG  . LEU B 1 69 ? 2.912   -7.502  -12.822 1.00 12.36  ? 290 LEU B CG  1 
ATOM   1244 C CD1 . LEU B 1 69 ? 2.495   -6.280  -12.029 1.00 12.84  ? 290 LEU B CD1 1 
ATOM   1245 C CD2 . LEU B 1 69 ? 4.395   -7.848  -12.606 1.00 13.48  ? 290 LEU B CD2 1 
ATOM   1246 N N   . LEU B 1 70 ? 0.002   -7.230  -14.617 1.00 14.02  ? 291 LEU B N   1 
ATOM   1247 C CA  . LEU B 1 70 ? -0.320  -6.914  -15.993 1.00 13.52  ? 291 LEU B CA  1 
ATOM   1248 C C   . LEU B 1 70 ? 0.609   -5.842  -16.486 1.00 15.92  ? 291 LEU B C   1 
ATOM   1249 O O   . LEU B 1 70 ? 0.881   -4.872  -15.723 1.00 16.20  ? 291 LEU B O   1 
ATOM   1250 C CB  . LEU B 1 70 ? -1.782  -6.497  -16.137 1.00 14.01  ? 291 LEU B CB  1 
ATOM   1251 C CG  . LEU B 1 70 ? -2.889  -7.330  -15.472 1.00 16.62  ? 291 LEU B CG  1 
ATOM   1252 C CD1 . LEU B 1 70 ? -4.281  -6.716  -15.680 1.00 19.86  ? 291 LEU B CD1 1 
ATOM   1253 C CD2 . LEU B 1 70 ? -2.812  -8.773  -16.038 1.00 15.47  ? 291 LEU B CD2 1 
ATOM   1254 N N   . GLY B 1 71 ? 1.021   -5.951  -17.755 1.00 15.81  ? 292 GLY B N   1 
ATOM   1255 C CA  . GLY B 1 71 ? 1.734   -4.870  -18.471 1.00 17.33  ? 292 GLY B CA  1 
ATOM   1256 C C   . GLY B 1 71 ? 0.849   -4.456  -19.623 1.00 19.80  ? 292 GLY B C   1 
ATOM   1257 O O   . GLY B 1 71 ? 0.438   -5.266  -20.474 1.00 18.87  ? 292 GLY B O   1 
ATOM   1258 N N   . ILE B 1 72 ? 0.590   -3.158  -19.722 1.00 20.56  ? 293 ILE B N   1 
ATOM   1259 C CA  . ILE B 1 72 ? -0.421  -2.642  -20.584 1.00 23.33  ? 293 ILE B CA  1 
ATOM   1260 C C   . ILE B 1 72 ? 0.264   -1.647  -21.518 1.00 27.73  ? 293 ILE B C   1 
ATOM   1261 O O   . ILE B 1 72 ? 1.026   -0.807  -21.068 1.00 24.41  ? 293 ILE B O   1 
ATOM   1262 C CB  . ILE B 1 72 ? -1.466  -1.897  -19.778 1.00 26.86  ? 293 ILE B CB  1 
ATOM   1263 C CG1 . ILE B 1 72 ? -2.180  -2.856  -18.793 1.00 28.62  ? 293 ILE B CG1 1 
ATOM   1264 C CG2 . ILE B 1 72 ? -2.483  -1.234  -20.701 1.00 27.64  ? 293 ILE B CG2 1 
ATOM   1265 C CD1 . ILE B 1 72 ? -2.921  -3.980  -19.449 1.00 30.94  ? 293 ILE B CD1 1 
ATOM   1266 N N   . ASP B 1 73 ? 0.067   -1.798  -22.818 1.00 32.22  ? 294 ASP B N   1 
ATOM   1267 C CA  . ASP B 1 73 ? 0.671   -0.868  -23.777 1.00 32.81  ? 294 ASP B CA  1 
ATOM   1268 C C   . ASP B 1 73 ? -0.112  0.405   -23.667 1.00 32.37  ? 294 ASP B C   1 
ATOM   1269 O O   . ASP B 1 73 ? -1.338  0.361   -23.727 1.00 35.37  ? 294 ASP B O   1 
ATOM   1270 C CB  . ASP B 1 73 ? 0.563   -1.425  -25.197 1.00 35.08  ? 294 ASP B CB  1 
ATOM   1271 C CG  . ASP B 1 73 ? 1.033   -0.416  -26.255 1.00 38.67  ? 294 ASP B CG  1 
ATOM   1272 O OD1 . ASP B 1 73 ? 2.212   -0.473  -26.631 1.00 39.66  ? 294 ASP B OD1 1 
ATOM   1273 O OD2 . ASP B 1 73 ? 0.219   0.468   -26.631 1.00 44.82  ? 294 ASP B OD2 1 
ATOM   1274 N N   . THR B 1 74 ? 0.571   1.554   -23.554 1.00 33.68  ? 295 THR B N   1 
ATOM   1275 C CA  . THR B 1 74 ? -0.131  2.779   -23.211 1.00 41.52  ? 295 THR B CA  1 
ATOM   1276 C C   . THR B 1 74 ? -1.066  3.290   -24.312 1.00 47.16  ? 295 THR B C   1 
ATOM   1277 O O   . THR B 1 74 ? -2.239  3.640   -24.040 1.00 52.01  ? 295 THR B O   1 
ATOM   1278 C CB  . THR B 1 74 ? 0.849   3.906   -22.877 1.00 45.46  ? 295 THR B CB  1 
ATOM   1279 O OG1 . THR B 1 74 ? 1.714   3.500   -21.802 1.00 45.90  ? 295 THR B OG1 1 
ATOM   1280 C CG2 . THR B 1 74 ? 0.083   5.166   -22.491 1.00 45.43  ? 295 THR B CG2 1 
ATOM   1281 N N   . ASN B 1 75 ? -0.539  3.366   -25.538 1.00 49.16  ? 296 ASN B N   1 
ATOM   1282 C CA  . ASN B 1 75 ? -1.326  3.865   -26.682 1.00 52.93  ? 296 ASN B CA  1 
ATOM   1283 C C   . ASN B 1 75 ? -2.436  2.917   -27.058 1.00 53.26  ? 296 ASN B C   1 
ATOM   1284 O O   . ASN B 1 75 ? -3.551  3.366   -27.350 1.00 57.06  ? 296 ASN B O   1 
ATOM   1285 C CB  . ASN B 1 75 ? -0.459  4.133   -27.914 1.00 54.32  ? 296 ASN B CB  1 
ATOM   1286 C CG  . ASN B 1 75 ? 0.446   5.369   -27.766 1.00 54.94  ? 296 ASN B CG  1 
ATOM   1287 O OD1 . ASN B 1 75 ? 1.082   5.757   -28.733 1.00 61.12  ? 296 ASN B OD1 1 
ATOM   1288 N ND2 . ASN B 1 75 ? 0.499   5.989   -26.579 1.00 52.80  ? 296 ASN B ND2 1 
ATOM   1289 N N   . THR B 1 76 ? -2.162  1.613   -27.010 1.00 52.17  ? 297 THR B N   1 
ATOM   1290 C CA  . THR B 1 76 ? -3.184  0.634   -27.364 1.00 57.17  ? 297 THR B CA  1 
ATOM   1291 C C   . THR B 1 76 ? -4.185  0.378   -26.218 1.00 54.88  ? 297 THR B C   1 
ATOM   1292 O O   . THR B 1 76 ? -5.324  -0.012  -26.481 1.00 55.03  ? 297 THR B O   1 
ATOM   1293 C CB  . THR B 1 76 ? -2.538  -0.686  -27.801 1.00 62.86  ? 297 THR B CB  1 
ATOM   1294 O OG1 . THR B 1 76 ? -1.463  -0.405  -28.715 1.00 69.66  ? 297 THR B OG1 1 
ATOM   1295 C CG2 . THR B 1 76 ? -3.551  -1.568  -28.488 1.00 66.51  ? 297 THR B CG2 1 
ATOM   1296 N N   . ARG B 1 77 ? -3.765  0.626   -24.966 1.00 60.61  ? 298 ARG B N   1 
ATOM   1297 C CA  . ARG B 1 77 ? -4.543  0.263   -23.753 1.00 58.42  ? 298 ARG B CA  1 
ATOM   1298 C C   . ARG B 1 77 ? -4.810  -1.242  -23.681 1.00 52.09  ? 298 ARG B C   1 
ATOM   1299 O O   . ARG B 1 77 ? -5.576  -1.725  -22.823 1.00 53.36  ? 298 ARG B O   1 
ATOM   1300 C CB  . ARG B 1 77 ? -5.855  1.070   -23.677 1.00 62.48  ? 298 ARG B CB  1 
ATOM   1301 C CG  . ARG B 1 77 ? -5.634  2.547   -23.368 1.00 68.67  ? 298 ARG B CG  1 
ATOM   1302 C CD  . ARG B 1 77 ? -6.945  3.354   -23.421 1.00 74.32  ? 298 ARG B CD  1 
ATOM   1303 N NE  . ARG B 1 77 ? -7.775  3.248   -22.199 1.00 77.02  ? 298 ARG B NE  1 
ATOM   1304 C CZ  . ARG B 1 77 ? -8.987  2.681   -22.102 1.00 74.04  ? 298 ARG B CZ  1 
ATOM   1305 N NH1 . ARG B 1 77 ? -9.608  2.678   -20.927 1.00 74.10  ? 298 ARG B NH1 1 
ATOM   1306 N NH2 . ARG B 1 77 ? -9.594  2.117   -23.150 1.00 71.09  ? 298 ARG B NH2 1 
ATOM   1307 N N   . SER B 1 78 ? -4.141  -1.986  -24.557 1.00 42.11  ? 299 SER B N   1 
ATOM   1308 C CA  . SER B 1 78 ? -4.356  -3.420  -24.634 1.00 43.27  ? 299 SER B CA  1 
ATOM   1309 C C   . SER B 1 78 ? -3.435  -4.047  -23.660 1.00 36.41  ? 299 SER B C   1 
ATOM   1310 O O   . SER B 1 78 ? -2.313  -3.554  -23.437 1.00 32.77  ? 299 SER B O   1 
ATOM   1311 C CB  . SER B 1 78 ? -4.021  -3.996  -26.017 1.00 46.70  ? 299 SER B CB  1 
ATOM   1312 O OG  . SER B 1 78 ? -2.638  -4.398  -26.123 1.00 54.86  ? 299 SER B OG  1 
ATOM   1313 N N   . ARG B 1 79 ? -3.847  -5.201  -23.175 1.00 33.71  ? 300 ARG B N   1 
ATOM   1314 C CA  . ARG B 1 79 ? -2.929  -5.991  -22.411 1.00 30.77  ? 300 ARG B CA  1 
ATOM   1315 C C   . ARG B 1 79 ? -1.844  -6.540  -23.284 1.00 28.89  ? 300 ARG B C   1 
ATOM   1316 O O   . ARG B 1 79 ? -2.118  -7.097  -24.338 1.00 27.34  ? 300 ARG B O   1 
ATOM   1317 C CB  . ARG B 1 79 ? -3.640  -7.172  -21.830 1.00 32.25  ? 300 ARG B CB  1 
ATOM   1318 C CG  . ARG B 1 79 ? -2.946  -7.767  -20.679 1.00 33.54  ? 300 ARG B CG  1 
ATOM   1319 C CD  . ARG B 1 79 ? -3.894  -8.793  -20.153 1.00 30.15  ? 300 ARG B CD  1 
ATOM   1320 N NE  . ARG B 1 79 ? -5.005  -8.209  -19.416 1.00 29.52  ? 300 ARG B NE  1 
ATOM   1321 C CZ  . ARG B 1 79 ? -5.662  -8.872  -18.470 1.00 27.17  ? 300 ARG B CZ  1 
ATOM   1322 N NH1 . ARG B 1 79 ? -5.294  -10.120 -18.167 1.00 25.26  ? 300 ARG B NH1 1 
ATOM   1323 N NH2 . ARG B 1 79 ? -6.629  -8.293  -17.821 1.00 25.71  ? 300 ARG B NH2 1 
ATOM   1324 N N   . VAL B 1 80 ? -0.624  -6.448  -22.795 1.00 24.99  ? 301 VAL B N   1 
ATOM   1325 C CA  . VAL B 1 80 ? 0.509   -7.015  -23.466 1.00 26.80  ? 301 VAL B CA  1 
ATOM   1326 C C   . VAL B 1 80 ? 1.084   -8.186  -22.652 1.00 29.36  ? 301 VAL B C   1 
ATOM   1327 O O   . VAL B 1 80 ? 1.238   -9.285  -23.226 1.00 26.87  ? 301 VAL B O   1 
ATOM   1328 C CB  . VAL B 1 80 ? 1.527   -5.901  -23.801 1.00 30.53  ? 301 VAL B CB  1 
ATOM   1329 C CG1 . VAL B 1 80 ? 2.770   -6.424  -24.480 1.00 35.13  ? 301 VAL B CG1 1 
ATOM   1330 C CG2 . VAL B 1 80 ? 0.858   -4.876  -24.707 1.00 31.80  ? 301 VAL B CG2 1 
ATOM   1331 N N   . PHE B 1 81 ? 1.280   -8.007  -21.328 1.00 22.19  ? 302 PHE B N   1 
ATOM   1332 C CA  . PHE B 1 81 ? 2.023   -8.900  -20.416 1.00 19.51  ? 302 PHE B CA  1 
ATOM   1333 C C   . PHE B 1 81 ? 1.099   -9.374  -19.287 1.00 18.64  ? 302 PHE B C   1 
ATOM   1334 O O   . PHE B 1 81 ? 0.322   -8.574  -18.791 1.00 16.93  ? 302 PHE B O   1 
ATOM   1335 C CB  . PHE B 1 81 ? 3.214   -8.224  -19.818 1.00 21.06  ? 302 PHE B CB  1 
ATOM   1336 C CG  . PHE B 1 81 ? 3.898   -8.998  -18.737 1.00 17.14  ? 302 PHE B CG  1 
ATOM   1337 C CD1 . PHE B 1 81 ? 4.936   -9.847  -19.013 1.00 19.04  ? 302 PHE B CD1 1 
ATOM   1338 C CD2 . PHE B 1 81 ? 3.483   -8.917  -17.375 1.00 19.46  ? 302 PHE B CD2 1 
ATOM   1339 C CE1 . PHE B 1 81 ? 5.586   -10.556 -18.004 1.00 19.28  ? 302 PHE B CE1 1 
ATOM   1340 C CE2 . PHE B 1 81 ? 4.118   -9.648  -16.391 1.00 17.63  ? 302 PHE B CE2 1 
ATOM   1341 C CZ  . PHE B 1 81 ? 5.166   -10.453 -16.665 1.00 20.67  ? 302 PHE B CZ  1 
ATOM   1342 N N   . GLU B 1 82 ? 1.162   -10.670 -18.901 1.00 18.50  ? 303 GLU B N   1 
ATOM   1343 C CA  . GLU B 1 82 ? 0.411   -11.160 -17.727 1.00 18.04  ? 303 GLU B CA  1 
ATOM   1344 C C   . GLU B 1 82 ? 1.119   -12.291 -17.068 1.00 15.70  ? 303 GLU B C   1 
ATOM   1345 O O   . GLU B 1 82 ? 1.556   -13.182 -17.775 1.00 14.54  ? 303 GLU B O   1 
ATOM   1346 C CB  . GLU B 1 82 ? -1.081  -11.541 -18.016 1.00 21.18  ? 303 GLU B CB  1 
ATOM   1347 C CG  . GLU B 1 82 ? -1.342  -12.787 -18.764 1.00 25.81  ? 303 GLU B CG  1 
ATOM   1348 C CD  . GLU B 1 82 ? -2.757  -12.863 -19.354 1.00 30.19  ? 303 GLU B CD  1 
ATOM   1349 O OE1 . GLU B 1 82 ? -3.630  -12.030 -19.047 1.00 30.04  ? 303 GLU B OE1 1 
ATOM   1350 O OE2 . GLU B 1 82 ? -2.981  -13.805 -20.119 1.00 31.17  ? 303 GLU B OE2 1 
ATOM   1351 N N   . ALA B 1 83 ? 1.299   -12.234 -15.748 1.00 13.84  ? 304 ALA B N   1 
ATOM   1352 C CA  . ALA B 1 83 ? 1.954   -13.301 -14.981 1.00 14.78  ? 304 ALA B CA  1 
ATOM   1353 C C   . ALA B 1 83 ? 1.424   -13.397 -13.591 1.00 13.21  ? 304 ALA B C   1 
ATOM   1354 O O   . ALA B 1 83 ? 1.160   -12.404 -12.912 1.00 13.96  ? 304 ALA B O   1 
ATOM   1355 C CB  . ALA B 1 83 ? 3.466   -13.089 -14.924 1.00 15.16  ? 304 ALA B CB  1 
ATOM   1356 N N   . LEU B 1 84 ? 1.250   -14.619 -13.093 1.00 14.15  ? 305 LEU B N   1 
ATOM   1357 C CA  . LEU B 1 84 ? 0.876   -14.822 -11.754 1.00 16.20  ? 305 LEU B CA  1 
ATOM   1358 C C   . LEU B 1 84 ? 2.023   -14.370 -10.777 1.00 19.01  ? 305 LEU B C   1 
ATOM   1359 O O   . LEU B 1 84 ? 3.256   -14.686 -11.024 1.00 18.74  ? 305 LEU B O   1 
ATOM   1360 C CB  . LEU B 1 84 ? 0.577   -16.321 -11.532 1.00 20.63  ? 305 LEU B CB  1 
ATOM   1361 C CG  . LEU B 1 84 ? -0.219  -16.641 -10.278 1.00 28.44  ? 305 LEU B CG  1 
ATOM   1362 C CD1 . LEU B 1 84 ? -1.604  -15.999 -10.459 1.00 29.73  ? 305 LEU B CD1 1 
ATOM   1363 C CD2 . LEU B 1 84 ? -0.260  -18.172 -10.206 1.00 30.85  ? 305 LEU B CD2 1 
ATOM   1364 N N   . ILE B 1 85 ? 1.677   -13.549 -9.795  1.00 15.71  ? 306 ILE B N   1 
ATOM   1365 C CA  . ILE B 1 85 ? 2.626   -13.075 -8.744  1.00 16.44  ? 306 ILE B CA  1 
ATOM   1366 C C   . ILE B 1 85 ? 2.226   -13.476 -7.309  1.00 19.02  ? 306 ILE B C   1 
ATOM   1367 O O   . ILE B 1 85 ? 3.018   -13.259 -6.374  1.00 21.64  ? 306 ILE B O   1 
ATOM   1368 C CB  . ILE B 1 85 ? 2.941   -11.573 -8.855  1.00 17.10  ? 306 ILE B CB  1 
ATOM   1369 C CG1 . ILE B 1 85 ? 1.737   -10.706 -8.596  1.00 16.73  ? 306 ILE B CG1 1 
ATOM   1370 C CG2 . ILE B 1 85 ? 3.642   -11.224 -10.159 1.00 16.39  ? 306 ILE B CG2 1 
ATOM   1371 C CD1 . ILE B 1 85 ? 2.031   -9.196  -8.473  1.00 18.93  ? 306 ILE B CD1 1 
ATOM   1372 N N   . GLN B 1 86 ? 1.015   -13.988 -7.091  1.00 17.15  ? 307 GLN B N   1 
ATOM   1373 C CA  . GLN B 1 86 ? 0.562   -14.475 -5.805  1.00 20.59  ? 307 GLN B CA  1 
ATOM   1374 C C   . GLN B 1 86 ? -0.406  -15.605 -5.994  1.00 25.53  ? 307 GLN B C   1 
ATOM   1375 O O   . GLN B 1 86 ? -1.213  -15.557 -6.892  1.00 22.56  ? 307 GLN B O   1 
ATOM   1376 C CB  . GLN B 1 86 ? -0.060  -13.350 -4.974  1.00 21.61  ? 307 GLN B CB  1 
ATOM   1377 C CG  . GLN B 1 86 ? -0.585  -13.751 -3.573  1.00 23.96  ? 307 GLN B CG  1 
ATOM   1378 C CD  . GLN B 1 86 ? -1.052  -12.520 -2.772  1.00 23.89  ? 307 GLN B CD  1 
ATOM   1379 O OE1 . GLN B 1 86 ? -0.241  -11.765 -2.263  1.00 24.15  ? 307 GLN B OE1 1 
ATOM   1380 N NE2 . GLN B 1 86 ? -2.328  -12.288 -2.735  1.00 22.82  ? 307 GLN B NE2 1 
ATOM   1381 N N   . ARG B 1 87 ? -0.283  -16.629 -5.148  1.00 30.50  ? 308 ARG B N   1 
ATOM   1382 C CA  . ARG B 1 87 ? -1.309  -17.662 -5.006  1.00 36.67  ? 308 ARG B CA  1 
ATOM   1383 C C   . ARG B 1 87 ? -1.816  -17.763 -3.564  1.00 40.48  ? 308 ARG B C   1 
ATOM   1384 O O   . ARG B 1 87 ? -1.281  -17.141 -2.645  1.00 34.80  ? 308 ARG B O   1 
ATOM   1385 C CB  . ARG B 1 87 ? -0.878  -19.054 -5.490  1.00 42.59  ? 308 ARG B CB  1 
ATOM   1386 C CG  . ARG B 1 87 ? 0.553   -19.251 -5.924  1.00 47.61  ? 308 ARG B CG  1 
ATOM   1387 C CD  . ARG B 1 87 ? 0.576   -20.236 -7.077  1.00 53.43  ? 308 ARG B CD  1 
ATOM   1388 N NE  . ARG B 1 87 ? 1.917   -20.604 -7.512  1.00 57.90  ? 308 ARG B NE  1 
ATOM   1389 C CZ  . ARG B 1 87 ? 2.794   -19.795 -8.117  1.00 63.74  ? 308 ARG B CZ  1 
ATOM   1390 N NH1 . ARG B 1 87 ? 2.523   -18.514 -8.359  1.00 66.90  ? 308 ARG B NH1 1 
ATOM   1391 N NH2 . ARG B 1 87 ? 3.979   -20.275 -8.479  1.00 66.70  ? 308 ARG B NH2 1 
ATOM   1392 N N   . PRO B 1 88 ? -2.900  -18.526 -3.378  1.00 47.38  ? 309 PRO B N   1 
ATOM   1393 C CA  . PRO B 1 88 ? -3.372  -18.779 -2.022  1.00 53.53  ? 309 PRO B CA  1 
ATOM   1394 C C   . PRO B 1 88 ? -2.295  -19.529 -1.238  1.00 59.52  ? 309 PRO B C   1 
ATOM   1395 O O   . PRO B 1 88 ? -1.948  -19.112 -0.126  1.00 57.47  ? 309 PRO B O   1 
ATOM   1396 C CB  . PRO B 1 88 ? -4.648  -19.611 -2.248  1.00 53.17  ? 309 PRO B CB  1 
ATOM   1397 C CG  . PRO B 1 88 ? -5.101  -19.249 -3.618  1.00 47.04  ? 309 PRO B CG  1 
ATOM   1398 C CD  . PRO B 1 88 ? -3.848  -18.990 -4.402  1.00 45.74  ? 309 PRO B CD  1 
ATOM   1399 N N   . ASP B 1 89 ? -1.736  -20.571 -1.869  1.00 59.28  ? 310 ASP B N   1 
ATOM   1400 C CA  . ASP B 1 89 ? -0.597  -21.344 -1.351  1.00 64.53  ? 310 ASP B CA  1 
ATOM   1401 C C   . ASP B 1 89 ? -0.209  -21.013 0.089   1.00 68.02  ? 310 ASP B C   1 
ATOM   1402 O O   . ASP B 1 89 ? -0.265  -21.878 0.964   1.00 72.02  ? 310 ASP B O   1 
ATOM   1403 C CB  . ASP B 1 89 ? 0.618   -21.155 -2.268  1.00 66.23  ? 310 ASP B CB  1 
HETATM 1404 O O   . HOH C 2 .  ? 7.027   -4.286  17.551  1.00 30.13  ? 401 HOH A O   1 
HETATM 1405 O O   . HOH C 2 .  ? 3.785   10.933  -4.551  1.00 36.90  ? 402 HOH A O   1 
HETATM 1406 O O   . HOH C 2 .  ? 8.469   -3.554  26.482  1.00 39.26  ? 403 HOH A O   1 
HETATM 1407 O O   . HOH C 2 .  ? -10.757 2.617   1.904   1.00 34.06  ? 404 HOH A O   1 
HETATM 1408 O O   . HOH C 2 .  ? -5.929  -1.233  9.953   1.00 40.27  ? 405 HOH A O   1 
HETATM 1409 O O   . HOH C 2 .  ? 6.707   9.999   7.380   1.00 24.56  ? 406 HOH A O   1 
HETATM 1410 O O   . HOH C 2 .  ? 3.511   10.581  22.590  1.00 34.21  ? 407 HOH A O   1 
HETATM 1411 O O   . HOH C 2 .  ? 4.326   1.310   0.567   1.00 29.31  ? 408 HOH A O   1 
HETATM 1412 O O   . HOH C 2 .  ? -4.904  3.055   0.809   1.00 30.51  ? 409 HOH A O   1 
HETATM 1413 O O   . HOH C 2 .  ? -4.573  -5.972  4.760   1.00 34.73  ? 410 HOH A O   1 
HETATM 1414 O O   . HOH C 2 .  ? 1.272   -7.533  18.599  1.00 27.32  ? 411 HOH A O   1 
HETATM 1415 O O   . HOH C 2 .  ? 0.342   -4.505  25.423  1.00 30.67  ? 412 HOH A O   1 
HETATM 1416 O O   . HOH C 2 .  ? 4.678   2.288   4.046   1.00 29.81  ? 413 HOH A O   1 
HETATM 1417 O O   . HOH C 2 .  ? 6.534   9.108   -0.293  1.00 28.94  ? 414 HOH A O   1 
HETATM 1418 O O   . HOH C 2 .  ? -11.506 11.261  11.413  1.00 38.74  ? 415 HOH A O   1 
HETATM 1419 O O   . HOH C 2 .  ? 9.447   -0.723  10.612  1.00 32.92  ? 416 HOH A O   1 
HETATM 1420 O O   . HOH C 2 .  ? 2.899   23.673  13.753  1.00 31.46  ? 417 HOH A O   1 
HETATM 1421 O O   . HOH C 2 .  ? -10.303 16.162  6.795   1.00 37.13  ? 418 HOH A O   1 
HETATM 1422 O O   . HOH C 2 .  ? 11.861  0.717   11.211  1.00 35.48  ? 419 HOH A O   1 
HETATM 1423 O O   . HOH C 2 .  ? 0.540   18.921  2.895   1.00 24.97  ? 420 HOH A O   1 
HETATM 1424 O O   . HOH C 2 .  ? 4.780   21.317  7.767   1.00 29.87  ? 421 HOH A O   1 
HETATM 1425 O O   . HOH C 2 .  ? 6.376   4.562   3.442   1.00 27.19  ? 422 HOH A O   1 
HETATM 1426 O O   . HOH C 2 .  ? 5.988   0.596   5.570   1.00 37.93  ? 423 HOH A O   1 
HETATM 1427 O O   . HOH C 2 .  ? -4.442  5.422   -2.175  1.00 23.47  ? 424 HOH A O   1 
HETATM 1428 O O   . HOH C 2 .  ? 8.092   0.447   6.490   1.00 31.43  ? 425 HOH A O   1 
HETATM 1429 O O   . HOH C 2 .  ? -8.375  1.974   8.511   1.00 25.70  ? 426 HOH A O   1 
HETATM 1430 O O   . HOH C 2 .  ? -1.049  -9.972  17.348  1.00 39.49  ? 427 HOH A O   1 
HETATM 1431 O O   . HOH C 2 .  ? -5.411  15.977  1.030   1.00 31.15  ? 428 HOH A O   1 
HETATM 1432 O O   . HOH C 2 .  ? 11.346  -1.141  19.647  1.00 31.73  ? 429 HOH A O   1 
HETATM 1433 O O   . HOH C 2 .  ? -4.450  -3.905  3.084   1.00 34.36  ? 430 HOH A O   1 
HETATM 1434 O O   . HOH C 2 .  ? 1.604   -8.226  9.120   1.00 41.65  ? 431 HOH A O   1 
HETATM 1435 O O   . HOH C 2 .  ? 3.503   12.895  4.316   1.00 26.76  ? 432 HOH A O   1 
HETATM 1436 O O   . HOH C 2 .  ? -10.381 -0.204  8.072   1.00 33.88  ? 433 HOH A O   1 
HETATM 1437 O O   . HOH C 2 .  ? 4.374   -8.780  15.494  1.00 36.07  ? 434 HOH A O   1 
HETATM 1438 O O   . HOH C 2 .  ? -4.293  12.426  -4.543  1.00 28.56  ? 435 HOH A O   1 
HETATM 1439 O O   . HOH C 2 .  ? 6.274   6.905   8.367   1.00 25.33  ? 436 HOH A O   1 
HETATM 1440 O O   . HOH C 2 .  ? -3.051  15.565  -2.836  1.00 30.67  ? 437 HOH A O   1 
HETATM 1441 O O   . HOH C 2 .  ? 7.277   7.812   19.396  1.00 25.68  ? 438 HOH A O   1 
HETATM 1442 O O   . HOH C 2 .  ? -7.531  -1.986  14.376  1.00 27.14  ? 439 HOH A O   1 
HETATM 1443 O O   . HOH C 2 .  ? 7.616   16.684  19.151  1.00 31.99  ? 440 HOH A O   1 
HETATM 1444 O O   . HOH C 2 .  ? 10.554  -1.936  12.357  1.00 37.45  ? 441 HOH A O   1 
HETATM 1445 O O   . HOH C 2 .  ? 11.610  3.225   22.778  1.00 32.08  ? 442 HOH A O   1 
HETATM 1446 O O   . HOH C 2 .  ? -3.345  21.047  13.984  1.00 36.92  ? 443 HOH A O   1 
HETATM 1447 O O   . HOH C 2 .  ? -7.547  -0.703  11.724  1.00 49.92  ? 444 HOH A O   1 
HETATM 1448 O O   . HOH C 2 .  ? -14.440 5.240   10.011  1.00 18.41  ? 445 HOH A O   1 
HETATM 1449 O O   . HOH C 2 .  ? -15.021 10.304  8.607   1.00 36.60  ? 446 HOH A O   1 
HETATM 1450 O O   . HOH C 2 .  ? -1.290  -12.578 20.774  1.00 27.73  ? 447 HOH A O   1 
HETATM 1451 O O   . HOH C 2 .  ? 4.257   -9.018  21.727  1.00 25.53  ? 448 HOH A O   1 
HETATM 1452 O O   . HOH C 2 .  ? -13.425 9.512   4.335   1.00 44.06  ? 449 HOH A O   1 
HETATM 1453 O O   . HOH C 2 .  ? 8.719   11.245  14.686  1.00 44.82  ? 450 HOH A O   1 
HETATM 1454 O O   . HOH C 2 .  ? 6.564   6.836   23.072  1.00 52.34  ? 451 HOH A O   1 
HETATM 1455 O O   . HOH C 2 .  ? 8.599   6.115   21.117  1.00 28.49  ? 452 HOH A O   1 
HETATM 1456 O O   . HOH C 2 .  ? -4.778  19.018  13.863  1.00 40.77  ? 453 HOH A O   1 
HETATM 1457 O O   . HOH C 2 .  ? -4.253  3.930   -4.453  1.00 34.65  ? 454 HOH A O   1 
HETATM 1458 O O   . HOH C 2 .  ? -14.134 10.938  10.846  1.00 37.07  ? 455 HOH A O   1 
HETATM 1459 O O   . HOH D 2 .  ? -1.172  -3.175  1.975   1.00 30.59  ? 401 HOH B O   1 
HETATM 1460 O O   . HOH D 2 .  ? 6.200   8.878   -14.486 1.00 50.31  ? 402 HOH B O   1 
HETATM 1461 O O   . HOH D 2 .  ? 3.488   -8.448  -22.452 1.00 34.33  ? 403 HOH B O   1 
HETATM 1462 O O   . HOH D 2 .  ? -6.246  -1.809  -4.241  1.00 37.43  ? 404 HOH B O   1 
HETATM 1463 O O   . HOH D 2 .  ? -1.505  -4.436  -28.421 1.00 44.90  ? 405 HOH B O   1 
HETATM 1464 O O   . HOH D 2 .  ? 16.262  -12.251 -6.502  1.00 26.39  ? 406 HOH B O   1 
HETATM 1465 O O   . HOH D 2 .  ? -3.909  -1.146  -5.406  1.00 34.95  ? 407 HOH B O   1 
HETATM 1466 O O   . HOH D 2 .  ? 6.981   2.160   -3.011  1.00 26.23  ? 408 HOH B O   1 
HETATM 1467 O O   . HOH D 2 .  ? -8.477  -2.058  -5.811  1.00 30.87  ? 409 HOH B O   1 
HETATM 1468 O O   . HOH D 2 .  ? 10.253  -5.589  -0.239  1.00 31.82  ? 410 HOH B O   1 
HETATM 1469 O O   . HOH D 2 .  ? -5.508  -13.813 -21.120 1.00 34.07  ? 411 HOH B O   1 
HETATM 1470 O O   . HOH D 2 .  ? 2.598   9.797   -10.983 1.00 31.10  ? 412 HOH B O   1 
HETATM 1471 O O   . HOH D 2 .  ? 1.032   2.148   -14.391 1.00 25.54  ? 413 HOH B O   1 
HETATM 1472 O O   . HOH D 2 .  ? -4.548  1.031   -7.416  1.00 23.92  ? 414 HOH B O   1 
HETATM 1473 O O   . HOH D 2 .  ? -3.806  -0.224  -13.629 1.00 23.14  ? 415 HOH B O   1 
HETATM 1474 O O   . HOH D 2 .  ? 11.796  -11.018 -12.173 1.00 29.36  ? 416 HOH B O   1 
HETATM 1475 O O   . HOH D 2 .  ? -4.093  -8.583  -25.730 1.00 40.58  ? 417 HOH B O   1 
HETATM 1476 O O   . HOH D 2 .  ? -4.570  -2.321  -11.214 1.00 34.80  ? 418 HOH B O   1 
HETATM 1477 O O   . HOH D 2 .  ? 6.142   -10.323 -3.759  1.00 27.76  ? 419 HOH B O   1 
HETATM 1478 O O   . HOH D 2 .  ? -1.580  6.067   -9.331  1.00 25.47  ? 420 HOH B O   1 
HETATM 1479 O O   . HOH D 2 .  ? -8.249  -11.529 1.065   1.00 42.29  ? 421 HOH B O   1 
HETATM 1480 O O   . HOH D 2 .  ? 5.616   -1.550  -1.982  1.00 27.20  ? 422 HOH B O   1 
HETATM 1481 O O   . HOH D 2 .  ? -7.586  -1.881  -13.299 1.00 33.38  ? 423 HOH B O   1 
HETATM 1482 O O   . HOH D 2 .  ? 11.347  3.904   -16.027 1.00 40.00  ? 424 HOH B O   1 
HETATM 1483 O O   . HOH D 2 .  ? 6.325   7.326   -7.563  1.00 41.56  ? 425 HOH B O   1 
HETATM 1484 O O   . HOH D 2 .  ? 2.079   -16.854 -14.816 1.00 22.58  ? 426 HOH B O   1 
HETATM 1485 O O   . HOH D 2 .  ? 2.067   -16.465 -3.350  1.00 27.36  ? 427 HOH B O   1 
HETATM 1486 O O   . HOH D 2 .  ? 10.055  6.197   -7.876  1.00 32.50  ? 428 HOH B O   1 
HETATM 1487 O O   . HOH D 2 .  ? 9.213   5.264   -14.886 1.00 41.14  ? 429 HOH B O   1 
HETATM 1488 O O   . HOH D 2 .  ? -10.582 -6.896  -0.397  1.00 38.61  ? 430 HOH B O   1 
HETATM 1489 O O   . HOH D 2 .  ? -12.261 -13.148 -6.748  1.00 40.02  ? 431 HOH B O   1 
HETATM 1490 O O   . HOH D 2 .  ? 15.140  -10.453 -8.989  1.00 30.13  ? 432 HOH B O   1 
HETATM 1491 O O   . HOH D 2 .  ? 14.901  -5.883  -7.600  1.00 35.98  ? 433 HOH B O   1 
HETATM 1492 O O   . HOH D 2 .  ? 10.087  4.133   1.113   1.00 44.20  ? 434 HOH B O   1 
HETATM 1493 O O   . HOH D 2 .  ? 2.076   2.968   -27.220 1.00 50.05  ? 435 HOH B O   1 
HETATM 1494 O O   . HOH D 2 .  ? -14.734 -25.156 -14.492 1.00 46.04  ? 436 HOH B O   1 
HETATM 1495 O O   . HOH D 2 .  ? 8.052   3.276   1.831   1.00 39.07  ? 437 HOH B O   1 
HETATM 1496 O O   . HOH D 2 .  ? 12.102  -9.601  -15.060 1.00 47.45  ? 438 HOH B O   1 
HETATM 1497 O O   . HOH D 2 .  ? 14.483  -2.488  -3.878  1.00 41.53  ? 439 HOH B O   1 
HETATM 1498 O O   . HOH D 2 .  ? 4.509   9.153   -7.725  1.00 36.07  ? 440 HOH B O   1 
HETATM 1499 O O   . HOH D 2 .  ? -7.241  -6.296  3.930   1.00 37.18  ? 441 HOH B O   1 
HETATM 1500 O O   . HOH D 2 .  ? 14.283  -12.067 -11.043 1.00 37.70  ? 442 HOH B O   1 
# 
